data_5J9Q
#
_entry.id   5J9Q
#
_cell.length_a   217.857
_cell.length_b   190.990
_cell.length_c   172.346
_cell.angle_alpha   90.00
_cell.angle_beta   113.56
_cell.angle_gamma   90.00
#
_symmetry.space_group_name_H-M   'C 1 2 1'
#
loop_
_entity.id
_entity.type
_entity.pdbx_description
1 polymer 'Histone acetyltransferase ESA1'
2 polymer 'Chromatin modification-related protein EAF6'
3 polymer 'Enhancer of polycomb-like protein 1'
4 polymer 'Chromatin modification-related protein YNG2'
5 polymer Htz1
#
loop_
_entity_poly.entity_id
_entity_poly.type
_entity_poly.pdbx_seq_one_letter_code
_entity_poly.pdbx_strand_id
1 'polypeptide(L)'
;HEDEIKKLRTSGSMTQNPHEVARVRNLNRIIMGKYEIEPWYFSPYPIELTDEDFIYIDDFTLQYFGSKKQYERYRKKCTL
RHPPGNEIYRDDYVSFFEIDGRKQRTWCRNLCLLSKLFLDH(ALY)TLYYDVDPFLFYCMTRRDELGHHLVGYFSKEKES
ADGYNVACILTLPQYQRMGYGKLLIEFSYELSKKENKVGSPQKPLSDLGLLSYRAYWSDTLITLLVEHQKEITIDEISSM
TSMTTTDILHTAKTLNILRYYKGQHIIFLNEDILDRYNRLKAKKRRTIDPNRLIWKPPVFTASQLRFAW
;
E,A,I
2 'polypeptide(L)'
;MTDELKSYEALKAELKKSLQDRREQEDTFDNLQQEIYDKETEYFSHNSNNNHSGHGGAHGSKSHYSGNIIKGFDTFSKSH
HSHADSAFNNNDRIFSLSSATYVKQQHGQSQND
;
F,B,J
3 'polypeptide(L)'
;SSNSRFRHRKISVKQHLKIYLPNDLKHLDKDELQQREVVEIETGVEKNEEKEVHLHRILQMGSGHTKHKDYIPTPDASMT
WNEYDKFYTGSFQETTSYIKFSATVEDCCGTNYNMDERDETFLNEQVNKGSSDILTEDEFEILCSSFEHAIHERQPFLSM
DPESILSFEELKPTLIKSDMADFNLRNQLNHEINSHKTHFITQFDPVSQMNTRPLIQLIEKFGSKIYDYWRERKIEVNGY
EIFPQLKFERPGEKEEIDPYVCFRRREVRHPRKTRRIDILNSQRLRALHQELKNAKDLALLVAKRENVSLNWINDELKIF
DQRVKIKNLKRSLNISGEDDDLINHKRKRPT
;
G,N,C
4 'polypeptide(L)'
;MDPSLVLEQTIQDVSNLPSEFRYLLEEIGSNDLKLIEEKKKYEQKESQIHKFIRQQGSIPKHPQEDGLDKEIKESLLKCQ
SLQREKCVLANTALFLIARHLNKLEKNIALLEEDGVLAPV
;
D,H,K
5 'polypeptide(L)' SGAKDSGSLR L,M,O
#
# COMPACT_ATOMS: atom_id res chain seq x y z
N SER A 13 5.40 -13.34 21.15
CA SER A 13 4.38 -12.95 22.12
C SER A 13 3.89 -11.54 21.86
N MET A 14 2.68 -11.22 22.35
CA MET A 14 2.10 -9.89 22.23
C MET A 14 2.46 -9.00 23.41
N THR A 15 3.60 -9.24 24.06
CA THR A 15 3.98 -8.56 25.30
C THR A 15 5.00 -7.47 24.96
N GLN A 16 4.52 -6.26 24.69
CA GLN A 16 5.39 -5.14 24.34
C GLN A 16 4.97 -3.90 25.10
N ASN A 17 5.95 -3.15 25.57
CA ASN A 17 5.70 -1.97 26.39
C ASN A 17 5.13 -0.83 25.56
N PRO A 18 3.92 -0.34 25.84
CA PRO A 18 3.38 0.78 25.06
C PRO A 18 4.02 2.11 25.42
N HIS A 19 4.68 2.20 26.58
CA HIS A 19 5.33 3.42 27.03
C HIS A 19 6.83 3.39 26.79
N GLU A 20 7.31 2.42 26.02
CA GLU A 20 8.73 2.31 25.70
C GLU A 20 9.13 3.40 24.72
N VAL A 21 10.20 4.12 25.05
CA VAL A 21 10.68 5.23 24.25
C VAL A 21 11.22 4.73 22.91
N ALA A 22 10.70 5.28 21.82
CA ALA A 22 11.11 4.92 20.46
C ALA A 22 11.97 6.05 19.89
N ARG A 23 13.28 5.85 19.93
CA ARG A 23 14.25 6.82 19.42
C ARG A 23 15.18 6.13 18.43
N VAL A 24 15.38 6.75 17.28
CA VAL A 24 16.21 6.17 16.22
C VAL A 24 17.68 6.34 16.60
N ARG A 25 18.37 5.24 16.85
CA ARG A 25 19.79 5.27 17.13
C ARG A 25 20.47 4.10 16.44
N ASN A 26 21.56 4.39 15.72
CA ASN A 26 22.35 3.34 15.10
C ASN A 26 23.19 2.63 16.16
N LEU A 27 23.60 1.41 15.85
CA LEU A 27 24.43 0.64 16.77
C LEU A 27 25.84 1.25 16.84
N ASN A 28 26.42 1.22 18.04
CA ASN A 28 27.77 1.76 18.22
C ASN A 28 28.80 0.95 17.44
N ARG A 29 28.90 -0.35 17.72
CA ARG A 29 29.87 -1.21 17.06
C ARG A 29 29.53 -2.68 17.28
N ILE A 30 29.48 -3.47 16.20
CA ILE A 30 29.10 -4.88 16.27
C ILE A 30 30.35 -5.76 16.17
N ILE A 31 30.25 -6.96 16.72
CA ILE A 31 31.33 -7.95 16.69
C ILE A 31 30.77 -9.24 16.12
N MET A 32 30.83 -9.38 14.79
CA MET A 32 30.33 -10.57 14.11
C MET A 32 31.44 -11.60 14.03
N GLY A 33 31.34 -12.66 14.83
CA GLY A 33 32.36 -13.69 14.79
C GLY A 33 33.70 -13.20 15.32
N LYS A 34 34.69 -13.11 14.46
CA LYS A 34 36.02 -12.66 14.86
C LYS A 34 36.30 -11.21 14.46
N TYR A 35 35.43 -10.58 13.71
CA TYR A 35 35.66 -9.24 13.18
C TYR A 35 34.79 -8.21 13.88
N GLU A 36 35.34 -7.01 14.03
CA GLU A 36 34.69 -5.87 14.66
C GLU A 36 34.29 -4.88 13.57
N ILE A 37 32.98 -4.73 13.35
CA ILE A 37 32.46 -3.93 12.26
C ILE A 37 31.72 -2.71 12.79
N GLU A 38 31.72 -1.64 12.00
CA GLU A 38 31.01 -0.42 12.34
C GLU A 38 29.83 -0.22 11.40
N PRO A 39 28.60 -0.21 11.91
CA PRO A 39 27.42 -0.04 11.06
C PRO A 39 27.33 1.34 10.44
N TRP A 40 26.84 1.38 9.19
CA TRP A 40 26.66 2.63 8.46
C TRP A 40 25.24 3.19 8.55
N TYR A 41 24.23 2.33 8.56
CA TYR A 41 22.84 2.78 8.55
C TYR A 41 22.05 2.16 9.70
N PHE A 42 20.85 2.67 9.92
CA PHE A 42 19.99 2.21 11.00
C PHE A 42 19.34 0.87 10.66
N SER A 43 19.30 -0.02 11.63
CA SER A 43 18.59 -1.29 11.49
C SER A 43 17.71 -1.50 12.72
N PRO A 44 16.44 -1.89 12.53
CA PRO A 44 15.52 -1.96 13.67
C PRO A 44 15.80 -3.07 14.66
N TYR A 45 17.01 -3.10 15.22
CA TYR A 45 17.31 -4.01 16.31
C TYR A 45 16.55 -3.58 17.56
N PRO A 46 16.45 -4.45 18.57
CA PRO A 46 15.75 -4.07 19.80
C PRO A 46 16.26 -2.74 20.36
N ILE A 47 15.32 -1.93 20.85
CA ILE A 47 15.65 -0.57 21.26
C ILE A 47 16.63 -0.60 22.42
N GLU A 48 16.62 -1.65 23.24
CA GLU A 48 17.54 -1.73 24.35
C GLU A 48 18.98 -1.91 23.89
N LEU A 49 19.17 -2.50 22.71
CA LEU A 49 20.52 -2.80 22.25
C LEU A 49 21.14 -1.63 21.52
N THR A 50 20.34 -0.67 21.09
CA THR A 50 20.87 0.47 20.36
C THR A 50 21.66 1.39 21.25
N ASP A 51 21.59 1.22 22.57
CA ASP A 51 22.36 2.04 23.49
C ASP A 51 23.33 1.19 24.28
N GLU A 52 24.09 0.35 23.57
CA GLU A 52 25.11 -0.51 24.17
C GLU A 52 26.44 -0.23 23.50
N ASP A 53 27.53 -0.51 24.22
CA ASP A 53 28.86 -0.29 23.67
C ASP A 53 29.16 -1.25 22.53
N PHE A 54 28.93 -2.55 22.75
CA PHE A 54 29.21 -3.60 21.79
C PHE A 54 28.02 -4.53 21.65
N ILE A 55 27.74 -4.96 20.42
CA ILE A 55 26.71 -5.95 20.12
C ILE A 55 27.39 -7.15 19.46
N TYR A 56 27.07 -8.35 19.93
CA TYR A 56 27.69 -9.58 19.45
C TYR A 56 26.76 -10.25 18.44
N ILE A 57 27.28 -10.51 17.23
CA ILE A 57 26.55 -11.20 16.18
C ILE A 57 27.19 -12.56 15.97
N ASP A 58 26.45 -13.62 16.27
CA ASP A 58 26.93 -14.96 15.97
C ASP A 58 27.08 -15.10 14.46
N ASP A 59 28.26 -15.51 14.00
CA ASP A 59 28.50 -15.57 12.56
C ASP A 59 28.00 -16.87 11.94
N PHE A 60 27.18 -17.62 12.66
CA PHE A 60 26.54 -18.83 12.15
C PHE A 60 25.03 -18.69 12.08
N THR A 61 24.40 -18.18 13.16
CA THR A 61 22.97 -18.00 13.21
C THR A 61 22.57 -16.54 13.07
N LEU A 62 23.54 -15.62 13.07
CA LEU A 62 23.32 -14.19 12.93
C LEU A 62 22.48 -13.62 14.07
N GLN A 63 22.45 -14.32 15.21
CA GLN A 63 21.70 -13.86 16.36
C GLN A 63 22.43 -12.71 17.05
N TYR A 64 21.67 -11.72 17.51
CA TYR A 64 22.18 -10.52 18.14
C TYR A 64 22.20 -10.65 19.66
N PHE A 65 23.20 -10.03 20.28
CA PHE A 65 23.36 -10.08 21.74
C PHE A 65 23.92 -8.76 22.26
N GLY A 66 23.39 -8.33 23.39
CA GLY A 66 23.88 -7.15 24.07
C GLY A 66 24.69 -7.51 25.30
N SER A 67 24.46 -8.72 25.82
CA SER A 67 25.17 -9.22 26.99
C SER A 67 26.22 -10.24 26.55
N LYS A 68 27.46 -10.02 26.99
CA LYS A 68 28.54 -10.93 26.63
C LYS A 68 28.33 -12.30 27.26
N LYS A 69 27.74 -12.34 28.46
CA LYS A 69 27.53 -13.62 29.13
C LYS A 69 26.51 -14.46 28.37
N GLN A 70 25.44 -13.82 27.88
CA GLN A 70 24.46 -14.53 27.07
C GLN A 70 25.09 -15.04 25.78
N TYR A 71 25.96 -14.23 25.18
CA TYR A 71 26.65 -14.67 23.97
C TYR A 71 27.56 -15.85 24.26
N GLU A 72 28.08 -15.94 25.48
CA GLU A 72 28.87 -17.10 25.88
C GLU A 72 27.99 -18.33 26.02
N ARG A 73 26.87 -18.21 26.75
CA ARG A 73 25.99 -19.35 26.94
C ARG A 73 25.39 -19.81 25.63
N TYR A 74 25.14 -18.88 24.71
CA TYR A 74 24.58 -19.22 23.42
C TYR A 74 25.60 -19.99 22.59
N ARG A 75 26.83 -19.49 22.55
CA ARG A 75 27.89 -20.11 21.77
C ARG A 75 28.20 -21.51 22.29
N LYS A 76 28.16 -21.71 23.61
CA LYS A 76 28.46 -23.01 24.17
C LYS A 76 27.38 -24.05 23.88
N LYS A 77 26.19 -23.62 23.45
CA LYS A 77 25.08 -24.53 23.20
C LYS A 77 24.67 -24.61 21.74
N CYS A 78 25.04 -23.62 20.92
CA CYS A 78 24.64 -23.61 19.52
C CYS A 78 25.41 -24.64 18.71
N THR A 79 24.69 -25.52 18.02
CA THR A 79 25.28 -26.58 17.24
C THR A 79 25.30 -26.29 15.75
N LEU A 80 24.70 -25.19 15.33
CA LEU A 80 24.67 -24.83 13.91
C LEU A 80 26.02 -24.25 13.50
N ARG A 81 26.55 -24.73 12.37
CA ARG A 81 27.84 -24.28 11.88
C ARG A 81 27.81 -23.91 10.40
N HIS A 82 26.62 -23.77 9.81
CA HIS A 82 26.50 -23.42 8.40
C HIS A 82 25.10 -22.91 8.14
N PRO A 83 24.91 -22.07 7.13
CA PRO A 83 23.57 -21.56 6.79
C PRO A 83 22.53 -22.66 6.65
N PRO A 84 21.41 -22.54 7.37
CA PRO A 84 20.39 -23.61 7.38
C PRO A 84 19.71 -23.81 6.05
N GLY A 85 20.34 -24.57 5.15
CA GLY A 85 19.75 -24.84 3.86
C GLY A 85 20.60 -25.83 3.10
N ASN A 86 20.20 -26.09 1.86
CA ASN A 86 20.93 -27.03 1.03
C ASN A 86 22.11 -26.35 0.35
N GLU A 87 23.24 -27.05 0.32
CA GLU A 87 24.43 -26.57 -0.36
C GLU A 87 24.29 -26.84 -1.85
N ILE A 88 24.16 -25.77 -2.65
CA ILE A 88 23.93 -25.91 -4.08
C ILE A 88 25.19 -25.68 -4.90
N TYR A 89 26.29 -25.26 -4.28
CA TYR A 89 27.54 -25.00 -4.98
C TYR A 89 28.69 -25.07 -4.00
N ARG A 90 29.78 -25.71 -4.40
CA ARG A 90 30.98 -25.78 -3.56
C ARG A 90 32.20 -26.08 -4.41
N ASP A 91 33.18 -25.19 -4.38
CA ASP A 91 34.50 -25.43 -4.95
C ASP A 91 35.53 -25.38 -3.82
N ASP A 92 36.81 -25.33 -4.20
CA ASP A 92 37.88 -25.26 -3.21
C ASP A 92 38.02 -23.88 -2.61
N TYR A 93 37.20 -22.91 -3.03
CA TYR A 93 37.27 -21.54 -2.54
C TYR A 93 36.07 -21.21 -1.66
N VAL A 94 34.87 -21.17 -2.22
CA VAL A 94 33.68 -20.79 -1.48
C VAL A 94 32.56 -21.79 -1.73
N SER A 95 31.49 -21.67 -0.93
CA SER A 95 30.29 -22.48 -1.06
C SER A 95 29.07 -21.56 -1.08
N PHE A 96 27.97 -22.07 -1.64
CA PHE A 96 26.72 -21.35 -1.74
C PHE A 96 25.59 -22.16 -1.12
N PHE A 97 24.79 -21.51 -0.27
CA PHE A 97 23.65 -22.11 0.39
C PHE A 97 22.36 -21.43 -0.06
N GLU A 98 21.38 -22.23 -0.44
CA GLU A 98 20.05 -21.75 -0.81
C GLU A 98 19.13 -21.86 0.40
N ILE A 99 18.60 -20.73 0.85
CA ILE A 99 17.76 -20.69 2.05
C ILE A 99 16.44 -20.02 1.71
N ASP A 100 15.34 -20.70 2.04
CA ASP A 100 14.01 -20.17 1.85
C ASP A 100 13.65 -19.25 3.03
N GLY A 101 13.08 -18.08 2.72
CA GLY A 101 12.70 -17.16 3.77
C GLY A 101 11.49 -17.62 4.55
N ARG A 102 10.63 -18.43 3.93
CA ARG A 102 9.45 -18.92 4.61
C ARG A 102 9.77 -20.11 5.50
N LYS A 103 10.81 -20.87 5.17
CA LYS A 103 11.22 -22.02 5.96
C LYS A 103 12.15 -21.64 7.11
N GLN A 104 13.09 -20.73 6.88
CA GLN A 104 14.05 -20.30 7.89
C GLN A 104 13.75 -18.86 8.27
N ARG A 105 12.57 -18.65 8.87
CA ARG A 105 12.14 -17.30 9.22
C ARG A 105 13.10 -16.66 10.22
N THR A 106 13.45 -17.37 11.28
CA THR A 106 14.34 -16.82 12.30
C THR A 106 15.68 -16.43 11.71
N TRP A 107 16.29 -17.32 10.93
CA TRP A 107 17.62 -17.06 10.38
C TRP A 107 17.58 -15.91 9.37
N CYS A 108 16.61 -15.93 8.46
CA CYS A 108 16.54 -14.91 7.43
C CYS A 108 16.25 -13.53 8.02
N ARG A 109 15.47 -13.46 9.10
CA ARG A 109 15.24 -12.18 9.74
C ARG A 109 16.53 -11.61 10.30
N ASN A 110 17.33 -12.44 10.96
CA ASN A 110 18.60 -12.01 11.51
C ASN A 110 19.56 -11.57 10.40
N LEU A 111 19.49 -12.21 9.23
CA LEU A 111 20.31 -11.78 8.10
C LEU A 111 19.87 -10.41 7.60
N CYS A 112 18.56 -10.15 7.57
CA CYS A 112 18.07 -8.87 7.08
C CYS A 112 18.35 -7.76 8.08
N LEU A 113 18.27 -8.06 9.38
CA LEU A 113 18.62 -7.08 10.39
C LEU A 113 20.09 -6.72 10.28
N LEU A 114 20.94 -7.73 10.05
CA LEU A 114 22.37 -7.48 9.85
C LEU A 114 22.61 -6.70 8.56
N SER A 115 21.93 -7.10 7.48
CA SER A 115 22.16 -6.47 6.18
C SER A 115 21.69 -5.02 6.17
N LYS A 116 20.64 -4.70 6.93
CA LYS A 116 20.13 -3.33 6.94
C LYS A 116 21.15 -2.36 7.51
N LEU A 117 22.05 -2.85 8.38
CA LEU A 117 23.09 -1.99 8.93
C LEU A 117 24.01 -1.41 7.87
N PHE A 118 24.10 -2.07 6.71
CA PHE A 118 25.02 -1.67 5.66
C PHE A 118 24.34 -1.41 4.33
N LEU A 119 23.02 -1.62 4.22
CA LEU A 119 22.26 -1.30 3.02
C LEU A 119 21.29 -0.16 3.30
N ASP A 120 21.41 0.92 2.54
CA ASP A 120 20.62 2.12 2.77
C ASP A 120 19.19 2.00 2.23
N HIS A 121 19.00 1.23 1.15
CA HIS A 121 17.70 1.17 0.51
C HIS A 121 16.96 -0.11 0.86
N THR A 123 14.73 -2.50 2.94
CA THR A 123 13.56 -2.22 3.77
C THR A 123 13.02 -3.49 4.41
N LEU A 124 12.56 -3.34 5.64
CA LEU A 124 12.04 -4.44 6.43
C LEU A 124 10.58 -4.23 6.79
N TYR A 125 9.81 -3.63 5.87
CA TYR A 125 8.39 -3.46 6.11
C TYR A 125 7.70 -4.82 6.19
N TYR A 126 7.92 -5.67 5.20
CA TYR A 126 7.32 -6.99 5.13
C TYR A 126 8.28 -8.06 5.65
N ASP A 127 7.76 -9.27 5.79
CA ASP A 127 8.53 -10.39 6.30
C ASP A 127 9.42 -10.95 5.20
N VAL A 128 10.23 -11.96 5.55
CA VAL A 128 11.21 -12.53 4.63
C VAL A 128 10.61 -13.68 3.84
N ASP A 129 9.31 -13.92 3.99
CA ASP A 129 8.68 -15.04 3.30
C ASP A 129 8.83 -15.02 1.79
N PRO A 130 8.59 -13.92 1.07
CA PRO A 130 8.62 -13.99 -0.39
C PRO A 130 10.01 -13.97 -1.00
N PHE A 131 11.07 -14.18 -0.23
CA PHE A 131 12.42 -14.05 -0.72
C PHE A 131 13.19 -15.37 -0.57
N LEU A 132 14.09 -15.59 -1.53
CA LEU A 132 15.06 -16.69 -1.49
C LEU A 132 16.45 -16.09 -1.26
N PHE A 133 17.15 -16.58 -0.24
CA PHE A 133 18.44 -16.04 0.16
C PHE A 133 19.55 -17.00 -0.23
N TYR A 134 20.41 -16.56 -1.15
CA TYR A 134 21.58 -17.32 -1.58
C TYR A 134 22.80 -16.75 -0.89
N CYS A 135 23.39 -17.53 0.00
CA CYS A 135 24.47 -17.07 0.87
C CYS A 135 25.79 -17.73 0.49
N MET A 136 26.81 -16.93 0.24
CA MET A 136 28.14 -17.41 -0.10
C MET A 136 28.98 -17.50 1.17
N THR A 137 29.61 -18.64 1.40
CA THR A 137 30.36 -18.88 2.62
C THR A 137 31.76 -19.38 2.30
N ARG A 138 32.63 -19.32 3.30
CA ARG A 138 33.98 -19.87 3.24
C ARG A 138 34.10 -20.97 4.29
N ARG A 139 34.36 -22.18 3.84
CA ARG A 139 34.49 -23.29 4.77
C ARG A 139 35.79 -23.18 5.55
N ASP A 140 35.73 -23.53 6.83
CA ASP A 140 36.88 -23.43 7.71
C ASP A 140 36.90 -24.66 8.61
N GLU A 141 37.89 -24.71 9.50
CA GLU A 141 37.93 -25.81 10.47
C GLU A 141 36.76 -25.71 11.44
N LEU A 142 36.25 -24.50 11.66
CA LEU A 142 35.09 -24.30 12.52
C LEU A 142 33.79 -24.57 11.77
N GLY A 143 33.75 -24.27 10.48
CA GLY A 143 32.57 -24.46 9.67
C GLY A 143 32.51 -23.44 8.57
N HIS A 144 31.31 -23.30 8.00
CA HIS A 144 31.07 -22.34 6.92
C HIS A 144 30.85 -20.94 7.49
N HIS A 145 31.64 -19.98 7.01
CA HIS A 145 31.56 -18.59 7.47
C HIS A 145 30.92 -17.74 6.38
N LEU A 146 29.76 -17.16 6.69
CA LEU A 146 29.07 -16.28 5.77
C LEU A 146 29.91 -15.05 5.46
N VAL A 147 30.14 -14.80 4.16
CA VAL A 147 30.90 -13.64 3.73
C VAL A 147 30.08 -12.68 2.88
N GLY A 148 28.99 -13.13 2.28
CA GLY A 148 28.17 -12.27 1.45
C GLY A 148 26.93 -13.02 0.98
N TYR A 149 25.96 -12.26 0.51
CA TYR A 149 24.70 -12.85 0.06
C TYR A 149 24.06 -11.96 -0.98
N PHE A 150 23.07 -12.52 -1.68
CA PHE A 150 22.18 -11.75 -2.54
C PHE A 150 20.79 -12.36 -2.50
N SER A 151 19.79 -11.53 -2.20
CA SER A 151 18.42 -12.00 -2.10
C SER A 151 17.76 -12.02 -3.46
N LYS A 152 16.74 -12.87 -3.61
CA LYS A 152 16.10 -13.10 -4.90
C LYS A 152 14.63 -13.39 -4.70
N GLU A 153 13.78 -12.68 -5.44
CA GLU A 153 12.35 -12.93 -5.37
C GLU A 153 12.04 -14.33 -5.88
N LYS A 154 11.08 -14.99 -5.22
CA LYS A 154 10.75 -16.37 -5.57
C LYS A 154 10.33 -16.50 -7.03
N GLU A 155 9.39 -15.65 -7.47
CA GLU A 155 8.92 -15.63 -8.87
C GLU A 155 8.80 -14.16 -9.29
N SER A 156 9.92 -13.56 -9.70
CA SER A 156 9.93 -12.17 -10.08
C SER A 156 9.31 -11.99 -11.46
N ALA A 157 8.20 -11.25 -11.54
CA ALA A 157 7.59 -10.94 -12.82
C ALA A 157 8.30 -9.80 -13.53
N ASP A 158 9.05 -8.99 -12.79
CA ASP A 158 9.79 -7.87 -13.34
C ASP A 158 11.15 -8.30 -13.88
N GLY A 159 11.50 -9.57 -13.78
CA GLY A 159 12.77 -10.06 -14.26
C GLY A 159 13.93 -9.69 -13.40
N TYR A 160 13.70 -9.45 -12.10
CA TYR A 160 14.76 -9.11 -11.17
C TYR A 160 15.38 -10.37 -10.61
N ASN A 161 16.61 -10.67 -11.05
CA ASN A 161 17.32 -11.85 -10.53
C ASN A 161 18.05 -11.56 -9.23
N VAL A 162 18.14 -10.29 -8.83
CA VAL A 162 18.78 -9.93 -7.56
C VAL A 162 17.95 -8.81 -6.93
N ALA A 163 17.48 -9.04 -5.70
CA ALA A 163 16.75 -8.00 -4.97
C ALA A 163 17.72 -7.09 -4.24
N CYS A 164 18.33 -7.59 -3.16
CA CYS A 164 19.39 -6.90 -2.44
C CYS A 164 20.64 -7.76 -2.44
N ILE A 165 21.80 -7.14 -2.66
CA ILE A 165 23.08 -7.83 -2.68
C ILE A 165 24.06 -7.12 -1.77
N LEU A 166 24.82 -7.89 -0.99
CA LEU A 166 25.73 -7.31 0.00
C LEU A 166 26.91 -8.24 0.25
N THR A 167 28.12 -7.67 0.28
CA THR A 167 29.32 -8.36 0.72
C THR A 167 29.76 -7.74 2.04
N LEU A 168 29.89 -8.57 3.07
CA LEU A 168 30.15 -8.09 4.43
C LEU A 168 31.41 -7.24 4.50
N PRO A 169 31.39 -6.15 5.28
CA PRO A 169 32.52 -5.20 5.29
C PRO A 169 33.86 -5.83 5.64
N GLN A 170 33.89 -6.86 6.47
CA GLN A 170 35.15 -7.46 6.84
C GLN A 170 35.70 -8.37 5.76
N TYR A 171 34.93 -8.61 4.69
CA TYR A 171 35.37 -9.41 3.56
C TYR A 171 35.33 -8.61 2.27
N GLN A 172 35.49 -7.30 2.37
CA GLN A 172 35.43 -6.43 1.21
C GLN A 172 36.76 -6.43 0.47
N ARG A 173 36.72 -6.03 -0.81
CA ARG A 173 37.91 -5.89 -1.64
C ARG A 173 38.69 -7.21 -1.72
N MET A 174 37.97 -8.31 -1.90
CA MET A 174 38.59 -9.62 -2.03
C MET A 174 38.01 -10.35 -3.23
N GLY A 175 37.19 -9.69 -4.04
CA GLY A 175 36.58 -10.28 -5.21
C GLY A 175 35.32 -11.04 -4.91
N TYR A 176 34.81 -10.95 -3.68
CA TYR A 176 33.58 -11.64 -3.33
C TYR A 176 32.37 -10.99 -3.98
N GLY A 177 32.40 -9.67 -4.15
CA GLY A 177 31.29 -8.99 -4.80
C GLY A 177 31.11 -9.42 -6.24
N LYS A 178 32.22 -9.75 -6.92
CA LYS A 178 32.13 -10.20 -8.30
C LYS A 178 31.64 -11.64 -8.39
N LEU A 179 31.84 -12.43 -7.34
CA LEU A 179 31.38 -13.80 -7.34
C LEU A 179 29.87 -13.87 -7.11
N LEU A 180 29.34 -13.01 -6.25
CA LEU A 180 27.90 -12.97 -6.02
C LEU A 180 27.16 -12.63 -7.31
N ILE A 181 27.64 -11.61 -8.02
CA ILE A 181 27.02 -11.22 -9.28
C ILE A 181 27.10 -12.36 -10.29
N GLU A 182 28.29 -12.96 -10.43
CA GLU A 182 28.48 -14.02 -11.40
C GLU A 182 27.64 -15.24 -11.08
N PHE A 183 27.50 -15.56 -9.79
CA PHE A 183 26.67 -16.68 -9.38
C PHE A 183 25.19 -16.35 -9.58
N SER A 184 24.83 -15.08 -9.43
CA SER A 184 23.43 -14.68 -9.61
C SER A 184 22.98 -14.91 -11.05
N TYR A 185 23.81 -14.52 -12.01
CA TYR A 185 23.47 -14.76 -13.41
C TYR A 185 23.55 -16.24 -13.76
N GLU A 186 24.40 -16.98 -13.05
CA GLU A 186 24.50 -18.41 -13.29
C GLU A 186 23.21 -19.12 -12.94
N LEU A 187 22.53 -18.66 -11.89
CA LEU A 187 21.23 -19.21 -11.54
C LEU A 187 20.21 -18.87 -12.61
N SER A 188 20.31 -17.66 -13.18
CA SER A 188 19.40 -17.25 -14.23
C SER A 188 19.64 -18.06 -15.50
N LYS A 189 20.90 -18.39 -15.78
CA LYS A 189 21.22 -19.22 -16.94
C LYS A 189 20.65 -20.61 -16.78
N LYS A 190 20.62 -21.13 -15.54
CA LYS A 190 20.05 -22.45 -15.28
C LYS A 190 18.53 -22.40 -15.36
N GLU A 191 17.93 -21.26 -15.01
CA GLU A 191 16.49 -21.08 -15.10
C GLU A 191 16.03 -20.77 -16.52
N ASN A 192 16.98 -20.57 -17.44
CA ASN A 192 16.69 -20.15 -18.82
C ASN A 192 15.89 -18.85 -18.84
N LYS A 193 16.29 -17.90 -18.00
CA LYS A 193 15.62 -16.60 -17.89
C LYS A 193 16.64 -15.48 -17.84
N VAL A 194 16.34 -14.36 -18.51
CA VAL A 194 17.18 -13.17 -18.45
C VAL A 194 16.88 -12.42 -17.16
N GLY A 195 17.86 -11.68 -16.66
CA GLY A 195 17.71 -11.03 -15.37
C GLY A 195 18.47 -9.73 -15.27
N SER A 196 18.06 -8.93 -14.29
CA SER A 196 18.69 -7.65 -13.99
C SER A 196 18.50 -7.35 -12.51
N PRO A 197 19.51 -6.79 -11.84
CA PRO A 197 19.36 -6.48 -10.40
C PRO A 197 18.27 -5.45 -10.18
N GLN A 198 17.70 -5.47 -8.98
CA GLN A 198 16.64 -4.52 -8.62
C GLN A 198 17.14 -3.09 -8.80
N LYS A 199 16.26 -2.21 -9.28
CA LYS A 199 16.69 -0.91 -9.82
C LYS A 199 17.51 0.00 -8.91
N PRO A 200 17.19 0.18 -7.55
CA PRO A 200 17.99 1.13 -6.75
C PRO A 200 19.30 0.60 -6.18
N LEU A 201 20.32 0.47 -7.03
CA LEU A 201 21.60 -0.03 -6.58
C LEU A 201 22.44 1.02 -5.86
N SER A 202 23.22 0.55 -4.90
CA SER A 202 24.13 1.39 -4.13
C SER A 202 25.35 1.74 -4.97
N ASP A 203 26.12 2.72 -4.47
CA ASP A 203 27.34 3.13 -5.17
C ASP A 203 28.31 1.97 -5.32
N LEU A 204 28.49 1.18 -4.25
CA LEU A 204 29.43 0.06 -4.31
C LEU A 204 28.94 -1.02 -5.25
N GLY A 205 27.63 -1.34 -5.21
CA GLY A 205 27.10 -2.39 -6.07
C GLY A 205 27.01 -1.97 -7.52
N LEU A 206 26.80 -0.68 -7.78
CA LEU A 206 26.71 -0.21 -9.15
C LEU A 206 28.03 -0.39 -9.87
N LEU A 207 29.14 -0.08 -9.19
CA LEU A 207 30.46 -0.24 -9.79
C LEU A 207 30.75 -1.71 -10.05
N SER A 208 30.44 -2.57 -9.08
CA SER A 208 30.71 -4.01 -9.24
C SER A 208 29.93 -4.59 -10.41
N TYR A 209 28.71 -4.09 -10.64
CA TYR A 209 27.90 -4.61 -11.74
C TYR A 209 28.39 -4.11 -13.09
N ARG A 210 28.84 -2.85 -13.14
CA ARG A 210 29.40 -2.34 -14.39
C ARG A 210 30.70 -3.06 -14.74
N ALA A 211 31.43 -3.53 -13.73
CA ALA A 211 32.65 -4.29 -13.98
C ALA A 211 32.31 -5.67 -14.55
N TYR A 212 31.31 -6.33 -13.97
CA TYR A 212 30.91 -7.65 -14.48
C TYR A 212 30.33 -7.54 -15.88
N TRP A 213 29.53 -6.50 -16.13
CA TRP A 213 28.91 -6.35 -17.45
C TRP A 213 29.95 -6.16 -18.54
N SER A 214 30.95 -5.31 -18.29
CA SER A 214 31.94 -5.02 -19.31
C SER A 214 32.90 -6.18 -19.53
N ASP A 215 33.30 -6.87 -18.45
CA ASP A 215 34.27 -7.94 -18.57
C ASP A 215 33.69 -9.15 -19.31
N THR A 216 32.49 -9.58 -18.93
CA THR A 216 31.90 -10.73 -19.59
C THR A 216 31.49 -10.41 -21.02
N LEU A 217 31.29 -9.14 -21.33
CA LEU A 217 30.92 -8.73 -22.69
C LEU A 217 32.11 -8.81 -23.62
N ILE A 218 33.24 -8.19 -23.25
CA ILE A 218 34.41 -8.19 -24.11
C ILE A 218 34.95 -9.60 -24.28
N THR A 219 34.84 -10.44 -23.25
CA THR A 219 35.30 -11.82 -23.38
C THR A 219 34.45 -12.59 -24.37
N LEU A 220 33.15 -12.29 -24.40
CA LEU A 220 32.24 -12.97 -25.31
C LEU A 220 32.43 -12.50 -26.75
N LEU A 221 32.52 -11.17 -26.94
CA LEU A 221 32.58 -10.61 -28.29
C LEU A 221 33.85 -11.04 -29.02
N VAL A 222 34.98 -11.10 -28.31
CA VAL A 222 36.23 -11.48 -28.94
C VAL A 222 36.20 -12.94 -29.38
N GLU A 223 35.79 -13.83 -28.49
CA GLU A 223 35.83 -15.26 -28.75
C GLU A 223 34.71 -15.74 -29.66
N HIS A 224 33.72 -14.89 -29.95
CA HIS A 224 32.57 -15.33 -30.74
C HIS A 224 32.91 -15.47 -32.21
N GLN A 225 33.75 -14.58 -32.74
CA GLN A 225 34.18 -14.63 -34.14
C GLN A 225 33.01 -14.44 -35.11
N LYS A 226 32.00 -15.31 -35.03
CA LYS A 226 30.85 -15.20 -35.90
C LYS A 226 30.04 -13.94 -35.59
N GLU A 227 29.22 -13.52 -36.57
CA GLU A 227 28.36 -12.36 -36.39
C GLU A 227 27.35 -12.62 -35.27
N ILE A 228 27.18 -11.62 -34.40
CA ILE A 228 26.35 -11.76 -33.21
C ILE A 228 25.14 -10.82 -33.31
N THR A 229 24.09 -11.15 -32.58
CA THR A 229 22.89 -10.35 -32.47
C THR A 229 22.64 -9.97 -31.02
N ILE A 230 22.00 -8.82 -30.82
CA ILE A 230 21.69 -8.36 -29.46
C ILE A 230 20.89 -9.41 -28.70
N ASP A 231 19.92 -10.02 -29.37
CA ASP A 231 19.09 -11.04 -28.72
C ASP A 231 19.90 -12.28 -28.37
N GLU A 232 20.94 -12.58 -29.15
CA GLU A 232 21.79 -13.74 -28.88
C GLU A 232 22.73 -13.49 -27.70
N ILE A 233 23.20 -12.25 -27.56
CA ILE A 233 24.02 -11.91 -26.39
C ILE A 233 23.21 -12.12 -25.12
N SER A 234 21.93 -11.72 -25.15
CA SER A 234 21.05 -11.89 -24.00
C SER A 234 20.81 -13.37 -23.71
N SER A 235 20.91 -14.22 -24.72
CA SER A 235 20.69 -15.65 -24.52
C SER A 235 21.88 -16.33 -23.87
N MET A 236 23.10 -15.88 -24.19
CA MET A 236 24.29 -16.53 -23.68
C MET A 236 24.68 -16.05 -22.28
N THR A 237 24.39 -14.79 -21.97
CA THR A 237 24.79 -14.19 -20.69
C THR A 237 23.62 -13.97 -19.75
N SER A 238 22.39 -14.21 -20.21
CA SER A 238 21.17 -13.98 -19.43
C SER A 238 21.03 -12.53 -18.98
N MET A 239 21.70 -11.61 -19.66
CA MET A 239 21.58 -10.18 -19.39
C MET A 239 20.43 -9.60 -20.19
N THR A 240 19.75 -8.62 -19.60
CA THR A 240 18.66 -7.96 -20.30
C THR A 240 19.21 -7.11 -21.44
N THR A 241 18.39 -6.93 -22.47
CA THR A 241 18.82 -6.13 -23.62
C THR A 241 19.14 -4.70 -23.22
N THR A 242 18.55 -4.21 -22.14
CA THR A 242 18.85 -2.85 -21.69
C THR A 242 20.25 -2.78 -21.10
N ASP A 243 20.61 -3.76 -20.26
CA ASP A 243 21.93 -3.78 -19.66
C ASP A 243 23.02 -4.02 -20.70
N ILE A 244 22.72 -4.75 -21.78
CA ILE A 244 23.71 -5.01 -22.80
C ILE A 244 24.03 -3.74 -23.58
N LEU A 245 23.00 -3.03 -24.00
CA LEU A 245 23.19 -1.81 -24.78
C LEU A 245 23.79 -0.69 -23.94
N HIS A 246 23.48 -0.69 -22.64
CA HIS A 246 24.07 0.30 -21.76
C HIS A 246 25.55 0.01 -21.53
N THR A 247 25.91 -1.27 -21.48
CA THR A 247 27.31 -1.64 -21.38
C THR A 247 28.03 -1.38 -22.70
N ALA A 248 27.32 -1.57 -23.82
CA ALA A 248 27.89 -1.28 -25.13
C ALA A 248 28.09 0.23 -25.33
N LYS A 249 27.35 1.05 -24.60
CA LYS A 249 27.53 2.49 -24.65
C LYS A 249 28.62 2.95 -23.69
N THR A 250 28.75 2.28 -22.54
CA THR A 250 29.83 2.60 -21.62
C THR A 250 31.17 2.37 -22.30
N LEU A 251 31.28 1.30 -23.06
CA LEU A 251 32.42 1.05 -23.91
C LEU A 251 32.15 1.68 -25.25
N ASN A 252 33.15 1.70 -26.13
CA ASN A 252 32.96 2.24 -27.47
C ASN A 252 32.75 1.12 -28.48
N ILE A 253 32.08 0.04 -28.04
CA ILE A 253 31.89 -1.14 -28.88
C ILE A 253 31.02 -0.83 -30.09
N LEU A 254 29.86 -0.21 -29.85
CA LEU A 254 28.85 0.00 -30.88
C LEU A 254 29.06 1.33 -31.59
N ARG A 255 29.40 1.26 -32.89
CA ARG A 255 29.60 2.44 -33.72
C ARG A 255 28.76 2.32 -34.99
N TYR A 256 28.26 3.46 -35.44
CA TYR A 256 27.47 3.58 -36.67
C TYR A 256 28.36 4.22 -37.74
N TYR A 257 29.02 3.39 -38.54
CA TYR A 257 29.98 3.87 -39.53
C TYR A 257 29.51 3.47 -40.93
N LYS A 258 29.33 4.46 -41.80
CA LYS A 258 28.95 4.27 -43.19
C LYS A 258 27.62 3.55 -43.31
N GLY A 259 26.59 4.14 -42.70
CA GLY A 259 25.22 3.70 -42.89
C GLY A 259 24.87 2.32 -42.37
N GLN A 260 25.60 1.83 -41.37
CA GLN A 260 25.27 0.52 -40.82
C GLN A 260 25.88 0.39 -39.42
N HIS A 261 25.23 -0.40 -38.58
CA HIS A 261 25.67 -0.66 -37.21
C HIS A 261 26.66 -1.82 -37.18
N ILE A 262 27.80 -1.61 -36.53
CA ILE A 262 28.84 -2.64 -36.38
C ILE A 262 29.41 -2.59 -34.96
N ILE A 263 30.13 -3.65 -34.60
CA ILE A 263 30.84 -3.76 -33.33
C ILE A 263 32.33 -3.52 -33.56
N PHE A 264 32.91 -2.60 -32.78
CA PHE A 264 34.32 -2.22 -32.90
C PHE A 264 35.07 -2.67 -31.64
N LEU A 265 35.94 -3.67 -31.78
CA LEU A 265 36.80 -4.14 -30.70
C LEU A 265 38.21 -3.61 -30.93
N ASN A 266 38.41 -2.33 -30.58
CA ASN A 266 39.70 -1.68 -30.79
C ASN A 266 40.76 -2.25 -29.84
N GLU A 267 41.99 -1.76 -30.00
CA GLU A 267 43.12 -2.34 -29.29
C GLU A 267 43.08 -2.00 -27.80
N ASP A 268 42.57 -0.80 -27.45
CA ASP A 268 42.45 -0.45 -26.04
C ASP A 268 41.51 -1.41 -25.32
N ILE A 269 40.49 -1.90 -26.01
CA ILE A 269 39.58 -2.89 -25.44
C ILE A 269 40.26 -4.24 -25.39
N LEU A 270 41.00 -4.59 -26.44
CA LEU A 270 41.70 -5.86 -26.50
C LEU A 270 42.83 -5.92 -25.48
N ASP A 271 43.32 -4.77 -25.02
CA ASP A 271 44.33 -4.74 -23.96
C ASP A 271 43.73 -5.19 -22.64
N ARG A 272 42.48 -4.78 -22.37
CA ARG A 272 41.81 -5.22 -21.15
C ARG A 272 41.44 -6.69 -21.25
N TYR A 273 41.19 -7.16 -22.48
CA TYR A 273 40.91 -8.58 -22.70
C TYR A 273 42.14 -9.42 -22.38
N ASN A 274 43.33 -8.98 -22.81
CA ASN A 274 44.55 -9.71 -22.55
C ASN A 274 44.88 -9.76 -21.06
N ARG A 275 44.64 -8.64 -20.37
CA ARG A 275 44.87 -8.61 -18.93
C ARG A 275 43.96 -9.59 -18.21
N LEU A 276 42.69 -9.66 -18.64
CA LEU A 276 41.73 -10.54 -18.00
C LEU A 276 42.11 -12.00 -18.17
N LYS A 277 42.65 -12.37 -19.34
CA LYS A 277 43.02 -13.75 -19.59
C LYS A 277 44.24 -14.18 -18.77
N ALA A 278 45.18 -13.27 -18.53
CA ALA A 278 46.34 -13.62 -17.72
C ALA A 278 46.06 -13.49 -16.23
N LYS A 279 45.07 -12.68 -15.86
CA LYS A 279 44.69 -12.50 -14.47
C LYS A 279 44.11 -13.80 -13.91
N LYS A 280 44.36 -14.03 -12.62
CA LYS A 280 43.90 -15.26 -11.97
C LYS A 280 42.80 -14.96 -10.96
N ARG A 281 41.76 -14.25 -11.38
CA ARG A 281 40.64 -13.97 -10.49
C ARG A 281 39.73 -15.19 -10.38
N ARG A 282 39.06 -15.29 -9.24
CA ARG A 282 38.18 -16.43 -8.98
C ARG A 282 36.93 -16.35 -9.85
N THR A 283 36.53 -17.48 -10.43
CA THR A 283 35.35 -17.56 -11.27
C THR A 283 34.45 -18.70 -10.77
N ILE A 284 33.18 -18.62 -11.16
CA ILE A 284 32.18 -19.62 -10.80
C ILE A 284 32.22 -20.77 -11.79
N ASP A 285 32.31 -22.01 -11.29
CA ASP A 285 32.39 -23.17 -12.16
C ASP A 285 31.00 -23.78 -12.32
N PRO A 286 30.37 -23.64 -13.49
CA PRO A 286 29.00 -24.15 -13.66
C PRO A 286 28.86 -25.64 -13.40
N ASN A 287 29.94 -26.42 -13.55
CA ASN A 287 29.86 -27.85 -13.36
C ASN A 287 29.70 -28.23 -11.90
N ARG A 288 30.01 -27.32 -10.98
CA ARG A 288 29.87 -27.56 -9.56
C ARG A 288 28.55 -27.02 -9.02
N LEU A 289 27.67 -26.54 -9.91
CA LEU A 289 26.35 -26.01 -9.53
C LEU A 289 25.32 -27.12 -9.67
N ILE A 290 25.10 -27.85 -8.59
CA ILE A 290 24.08 -28.90 -8.55
C ILE A 290 22.81 -28.25 -8.00
N TRP A 291 21.98 -27.71 -8.88
CA TRP A 291 20.81 -26.96 -8.42
C TRP A 291 19.75 -26.90 -9.51
N LYS A 292 18.53 -27.38 -9.19
CA LYS A 292 17.37 -27.24 -10.04
C LYS A 292 16.41 -26.19 -9.49
N PRO A 293 15.89 -25.32 -10.35
CA PRO A 293 15.02 -24.20 -9.90
C PRO A 293 13.86 -24.65 -9.04
N PRO A 294 13.66 -23.99 -7.91
CA PRO A 294 12.54 -24.34 -7.01
C PRO A 294 11.19 -24.15 -7.68
N VAL A 295 10.30 -25.12 -7.48
CA VAL A 295 8.94 -25.09 -8.03
C VAL A 295 7.95 -24.78 -6.91
N PHE A 296 7.28 -23.64 -7.02
CA PHE A 296 6.28 -23.19 -6.05
C PHE A 296 4.89 -23.31 -6.63
N THR A 297 3.93 -23.71 -5.80
CA THR A 297 2.54 -23.75 -6.23
C THR A 297 1.86 -22.42 -5.90
N ALA A 298 0.57 -22.33 -6.25
CA ALA A 298 -0.17 -21.11 -5.96
C ALA A 298 -0.34 -20.91 -4.46
N SER A 299 -0.43 -22.00 -3.71
CA SER A 299 -0.55 -21.90 -2.26
C SER A 299 0.77 -21.52 -1.62
N GLN A 300 1.87 -22.04 -2.17
CA GLN A 300 3.19 -21.77 -1.60
C GLN A 300 3.66 -20.34 -1.87
N LEU A 301 3.11 -19.68 -2.88
CA LEU A 301 3.46 -18.29 -3.18
C LEU A 301 2.60 -17.33 -2.39
N ARG A 302 2.44 -17.61 -1.09
CA ARG A 302 1.72 -16.73 -0.18
C ARG A 302 2.49 -16.70 1.14
N PHE A 303 2.13 -15.74 1.99
CA PHE A 303 2.71 -15.69 3.32
C PHE A 303 2.14 -16.83 4.17
N ALA A 304 3.00 -17.42 4.99
CA ALA A 304 2.61 -18.58 5.79
C ALA A 304 1.47 -18.25 6.72
N TRP A 305 0.58 -19.23 6.94
CA TRP A 305 -0.57 -19.05 7.80
C TRP A 305 -0.72 -20.24 8.76
N MET B 1 44.17 -64.42 50.12
CA MET B 1 44.36 -64.82 48.73
C MET B 1 43.11 -65.46 48.16
N THR B 2 42.13 -65.77 49.02
CA THR B 2 40.89 -66.33 48.54
C THR B 2 40.07 -65.31 47.77
N ASP B 3 40.31 -64.02 48.04
CA ASP B 3 39.61 -62.96 47.31
C ASP B 3 39.99 -62.97 45.84
N GLU B 4 41.24 -63.29 45.55
CA GLU B 4 41.69 -63.37 44.15
C GLU B 4 41.02 -64.52 43.42
N LEU B 5 40.67 -65.59 44.14
CA LEU B 5 39.98 -66.72 43.54
C LEU B 5 38.53 -66.38 43.26
N LYS B 6 37.89 -65.61 44.14
CA LYS B 6 36.50 -65.23 43.94
C LYS B 6 36.36 -64.28 42.75
N SER B 7 37.34 -63.40 42.56
CA SER B 7 37.32 -62.50 41.41
C SER B 7 37.43 -63.28 40.11
N TYR B 8 38.16 -64.40 40.13
CA TYR B 8 38.27 -65.24 38.94
C TYR B 8 36.94 -65.92 38.64
N GLU B 9 36.17 -66.24 39.69
CA GLU B 9 34.87 -66.88 39.48
C GLU B 9 33.83 -65.87 39.01
N ALA B 10 33.98 -64.59 39.38
CA ALA B 10 33.03 -63.58 38.95
C ALA B 10 33.24 -63.20 37.49
N LEU B 11 34.50 -63.06 37.05
CA LEU B 11 34.75 -62.71 35.66
C LEU B 11 34.35 -63.82 34.70
N LYS B 12 34.48 -65.08 35.10
CA LYS B 12 34.06 -66.17 34.23
C LYS B 12 32.56 -66.14 34.02
N ALA B 13 31.79 -65.93 35.09
CA ALA B 13 30.35 -65.86 34.96
C ALA B 13 29.93 -64.61 34.18
N GLU B 14 30.66 -63.51 34.35
CA GLU B 14 30.34 -62.29 33.62
C GLU B 14 30.68 -62.43 32.14
N LEU B 15 31.74 -63.16 31.81
CA LEU B 15 32.12 -63.30 30.40
C LEU B 15 31.17 -64.23 29.67
N LYS B 16 30.63 -65.23 30.37
CA LYS B 16 29.61 -66.08 29.78
C LYS B 16 28.34 -65.29 29.47
N LYS B 17 28.03 -64.31 30.32
CA LYS B 17 26.85 -63.47 30.10
C LYS B 17 27.12 -62.44 29.02
N SER B 18 28.36 -61.99 28.88
CA SER B 18 28.69 -61.04 27.82
C SER B 18 28.71 -61.73 26.45
N LEU B 19 29.16 -62.99 26.42
CA LEU B 19 29.16 -63.74 25.17
C LEU B 19 27.73 -64.02 24.72
N GLN B 20 26.81 -64.22 25.68
CA GLN B 20 25.43 -64.47 25.34
C GLN B 20 24.79 -63.23 24.74
N ASP B 21 25.08 -62.07 25.31
CA ASP B 21 24.56 -60.82 24.77
C ASP B 21 25.10 -60.56 23.37
N ARG B 22 26.37 -60.89 23.14
CA ARG B 22 26.95 -60.70 21.81
C ARG B 22 26.24 -61.55 20.77
N ARG B 23 25.85 -62.76 21.15
CA ARG B 23 25.15 -63.63 20.21
C ARG B 23 23.73 -63.14 19.96
N GLU B 24 23.05 -62.66 21.01
CA GLU B 24 21.70 -62.15 20.85
C GLU B 24 21.68 -60.89 20.00
N GLN B 25 22.63 -59.97 20.24
CA GLN B 25 22.69 -58.75 19.43
C GLN B 25 23.04 -59.09 17.99
N GLU B 26 23.94 -60.04 17.78
CA GLU B 26 24.29 -60.45 16.43
C GLU B 26 23.12 -61.18 15.77
N ASP B 27 22.28 -61.82 16.58
CA ASP B 27 21.16 -62.60 16.03
C ASP B 27 20.01 -61.69 15.65
N THR B 28 19.73 -60.66 16.47
CA THR B 28 18.68 -59.72 16.12
C THR B 28 19.11 -58.78 15.01
N PHE B 29 20.42 -58.61 14.82
CA PHE B 29 20.92 -57.78 13.73
C PHE B 29 20.53 -58.37 12.38
N ASP B 30 20.68 -59.69 12.22
CA ASP B 30 20.33 -60.32 10.96
C ASP B 30 18.82 -60.24 10.70
N ASN B 31 18.01 -60.29 11.76
CA ASN B 31 16.58 -60.12 11.58
C ASN B 31 16.24 -58.71 11.10
N LEU B 32 16.89 -57.70 11.66
CA LEU B 32 16.61 -56.33 11.27
C LEU B 32 17.06 -56.06 9.84
N GLN B 33 18.22 -56.61 9.46
CA GLN B 33 18.74 -56.41 8.11
C GLN B 33 17.78 -56.95 7.07
N GLN B 34 17.18 -58.12 7.33
CA GLN B 34 16.20 -58.67 6.42
C GLN B 34 14.88 -57.94 6.55
N GLU B 35 14.56 -57.47 7.75
CA GLU B 35 13.33 -56.72 7.97
C GLU B 35 13.32 -55.43 7.16
N ILE B 36 14.45 -54.73 7.13
CA ILE B 36 14.55 -53.50 6.34
C ILE B 36 14.30 -53.79 4.87
N TYR B 37 14.93 -54.85 4.35
CA TYR B 37 14.78 -55.19 2.94
C TYR B 37 13.34 -55.56 2.59
N ASP B 38 12.65 -56.25 3.49
CA ASP B 38 11.27 -56.64 3.23
C ASP B 38 10.33 -55.45 3.30
N LYS B 39 10.59 -54.51 4.21
CA LYS B 39 9.72 -53.35 4.35
C LYS B 39 9.89 -52.40 3.17
N GLU B 40 11.06 -52.41 2.54
CA GLU B 40 11.28 -51.60 1.34
C GLU B 40 10.43 -52.09 0.18
N THR B 41 10.26 -53.41 0.08
CA THR B 41 9.50 -53.99 -1.01
C THR B 41 8.00 -53.81 -0.80
N GLU B 42 7.55 -53.95 0.45
CA GLU B 42 6.13 -53.82 0.74
C GLU B 42 5.64 -52.39 0.51
N TYR B 43 6.45 -51.40 0.88
CA TYR B 43 6.04 -50.01 0.82
C TYR B 43 6.32 -49.35 -0.53
N PHE B 44 7.42 -49.72 -1.19
CA PHE B 44 7.86 -49.05 -2.41
C PHE B 44 7.76 -49.94 -3.65
N SER B 45 6.71 -50.76 -3.72
CA SER B 45 6.48 -51.69 -4.84
C SER B 45 5.26 -52.56 -4.58
N TYR B 65 -2.28 -40.92 -5.73
CA TYR B 65 -1.09 -40.41 -5.04
C TYR B 65 0.03 -41.44 -5.04
N SER B 66 1.27 -40.98 -5.25
CA SER B 66 2.44 -41.87 -5.29
C SER B 66 3.65 -41.09 -4.79
N GLY B 67 3.66 -40.75 -3.50
CA GLY B 67 4.74 -39.99 -2.89
C GLY B 67 5.52 -40.85 -1.90
N ASN B 68 6.84 -40.80 -2.00
CA ASN B 68 7.70 -41.58 -1.12
C ASN B 68 8.87 -40.74 -0.60
N ILE B 69 9.81 -41.40 0.07
CA ILE B 69 11.08 -40.79 0.40
C ILE B 69 12.04 -40.96 -0.76
N ILE B 70 11.73 -41.88 -1.68
CA ILE B 70 12.59 -42.16 -2.81
C ILE B 70 12.38 -41.12 -3.91
N LYS B 71 11.13 -40.78 -4.21
CA LYS B 71 10.85 -39.81 -5.25
C LYS B 71 10.54 -38.43 -4.69
N GLY B 72 9.68 -38.36 -3.70
CA GLY B 72 9.28 -37.09 -3.12
C GLY B 72 7.79 -37.13 -2.76
N PHE B 73 7.40 -36.24 -1.86
CA PHE B 73 6.04 -36.25 -1.36
C PHE B 73 5.13 -35.31 -2.16
N ASP B 74 5.70 -34.30 -2.82
CA ASP B 74 4.93 -33.33 -3.59
C ASP B 74 4.61 -33.90 -4.96
N THR B 75 3.47 -34.59 -5.05
CA THR B 75 3.01 -35.15 -6.32
C THR B 75 1.95 -34.29 -6.99
N PHE B 76 1.22 -33.49 -6.21
CA PHE B 76 0.12 -32.68 -6.73
C PHE B 76 0.65 -31.52 -7.56
N SER B 77 0.90 -31.77 -8.84
CA SER B 77 1.38 -30.74 -9.75
C SER B 77 0.27 -29.75 -10.08
N SER B 86 12.81 -44.28 -13.28
CA SER B 86 11.45 -43.93 -12.87
C SER B 86 10.81 -45.01 -12.01
N ALA B 87 11.34 -46.22 -12.11
CA ALA B 87 10.84 -47.36 -11.36
C ALA B 87 11.72 -47.61 -10.12
N PHE B 88 11.23 -48.49 -9.25
CA PHE B 88 11.92 -48.82 -8.00
C PHE B 88 12.95 -49.91 -8.23
N ASN B 89 14.14 -49.47 -8.68
CA ASN B 89 15.25 -50.39 -8.83
C ASN B 89 15.81 -50.79 -7.47
N ASN B 90 16.67 -51.81 -7.48
CA ASN B 90 17.36 -52.21 -6.26
C ASN B 90 18.43 -51.22 -5.88
N ASN B 91 18.73 -50.25 -6.74
CA ASN B 91 19.68 -49.19 -6.45
C ASN B 91 19.04 -48.09 -5.62
N ASP B 92 17.72 -48.14 -5.43
CA ASP B 92 16.97 -47.15 -4.67
C ASP B 92 16.70 -47.59 -3.25
N ARG B 93 17.17 -48.78 -2.86
CA ARG B 93 17.01 -49.28 -1.49
C ARG B 93 18.03 -48.59 -0.58
N ILE B 94 17.82 -47.28 -0.38
CA ILE B 94 18.76 -46.47 0.36
C ILE B 94 18.89 -46.92 1.81
N PHE B 95 17.86 -47.55 2.35
CA PHE B 95 17.93 -48.00 3.74
C PHE B 95 18.82 -49.23 3.86
N SER B 96 18.71 -50.16 2.90
CA SER B 96 19.56 -51.35 2.92
C SER B 96 20.98 -51.01 2.49
N LEU B 97 21.14 -50.06 1.57
CA LEU B 97 22.46 -49.65 1.11
C LEU B 97 23.19 -48.78 2.12
N SER B 98 22.58 -48.53 3.28
CA SER B 98 23.23 -47.80 4.36
C SER B 98 24.09 -48.72 5.20
N SER B 99 24.04 -50.03 4.94
CA SER B 99 24.86 -51.02 5.61
C SER B 99 25.77 -51.68 4.59
N ALA B 100 27.08 -51.70 4.88
CA ALA B 100 28.03 -52.34 3.98
C ALA B 100 27.84 -53.86 3.95
N THR B 101 27.16 -54.42 4.95
CA THR B 101 26.89 -55.85 4.97
C THR B 101 25.99 -56.25 3.82
N TYR B 102 25.11 -55.35 3.39
CA TYR B 102 24.20 -55.62 2.29
C TYR B 102 24.84 -55.24 0.96
N ILE C 11 56.39 21.42 -5.25
CA ILE C 11 55.71 21.38 -3.96
C ILE C 11 54.94 22.67 -3.71
N SER C 12 54.17 23.11 -4.69
CA SER C 12 53.33 24.30 -4.52
C SER C 12 52.28 24.07 -3.43
N VAL C 13 52.05 25.10 -2.58
CA VAL C 13 50.94 25.16 -1.63
C VAL C 13 49.94 26.31 -1.88
N LYS C 14 49.13 26.20 -2.91
CA LYS C 14 47.79 26.75 -2.70
C LYS C 14 47.14 25.83 -1.66
N GLN C 15 46.61 26.42 -0.59
CA GLN C 15 46.27 25.67 0.62
C GLN C 15 45.56 24.35 0.34
N HIS C 16 46.26 23.23 0.53
CA HIS C 16 45.65 21.91 0.37
C HIS C 16 45.48 21.31 1.75
N LEU C 17 44.59 20.34 1.86
CA LEU C 17 44.37 19.67 3.13
C LEU C 17 44.69 18.18 3.00
N LYS C 18 45.48 17.66 3.94
CA LYS C 18 45.72 16.23 4.02
C LYS C 18 44.60 15.56 4.81
N ILE C 19 44.30 14.32 4.45
CA ILE C 19 43.24 13.55 5.09
C ILE C 19 43.75 12.16 5.45
N TYR C 20 43.58 11.78 6.71
CA TYR C 20 43.73 10.40 7.13
C TYR C 20 42.35 9.76 7.08
N LEU C 21 42.31 8.43 6.95
CA LEU C 21 41.09 7.73 6.56
C LEU C 21 40.58 6.77 7.63
N PRO C 22 39.93 7.28 8.68
CA PRO C 22 39.04 6.41 9.44
C PRO C 22 37.82 6.05 8.62
N ASN C 23 37.46 6.92 7.69
CA ASN C 23 36.45 6.66 6.67
C ASN C 23 37.16 6.64 5.31
N ASP C 24 37.27 5.45 4.73
CA ASP C 24 38.06 5.24 3.53
C ASP C 24 37.35 5.75 2.27
N LEU C 25 38.03 5.57 1.14
CA LEU C 25 37.58 5.98 -0.18
C LEU C 25 38.12 4.96 -1.17
N LYS C 26 37.42 4.78 -2.30
CA LYS C 26 37.79 3.77 -3.28
C LYS C 26 37.76 4.34 -4.68
N HIS C 27 38.94 4.52 -5.27
CA HIS C 27 39.08 4.85 -6.69
C HIS C 27 40.48 4.48 -7.19
N ASP C 70 30.99 9.82 -9.39
CA ASP C 70 30.83 10.01 -7.95
C ASP C 70 31.84 9.17 -7.16
N TYR C 71 32.25 9.68 -6.01
CA TYR C 71 33.17 8.95 -5.13
C TYR C 71 32.38 7.95 -4.31
N ILE C 72 33.04 6.89 -3.88
CA ILE C 72 32.37 5.80 -3.18
C ILE C 72 32.98 5.61 -1.80
N PRO C 73 32.18 5.68 -0.74
CA PRO C 73 32.68 5.42 0.61
C PRO C 73 33.02 3.95 0.81
N THR C 74 34.03 3.69 1.64
CA THR C 74 34.51 2.32 1.83
C THR C 74 34.70 2.02 3.31
N PRO C 75 34.13 0.91 3.80
CA PRO C 75 34.34 0.52 5.20
C PRO C 75 35.82 0.30 5.51
N ASP C 76 36.19 0.60 6.75
CA ASP C 76 37.57 0.45 7.17
C ASP C 76 37.89 -1.04 7.38
N ALA C 77 39.19 -1.33 7.47
CA ALA C 77 39.62 -2.70 7.75
C ALA C 77 39.14 -3.12 9.13
N SER C 78 38.59 -4.33 9.22
CA SER C 78 37.98 -4.80 10.45
C SER C 78 39.03 -5.43 11.36
N MET C 79 39.10 -4.96 12.60
CA MET C 79 40.00 -5.52 13.58
C MET C 79 39.49 -6.88 14.05
N THR C 80 40.41 -7.71 14.54
CA THR C 80 40.06 -9.04 15.01
C THR C 80 39.73 -9.03 16.50
N TRP C 81 39.04 -10.07 16.93
CA TRP C 81 38.55 -10.19 18.30
C TRP C 81 39.47 -11.09 19.12
N ASN C 82 39.75 -10.66 20.35
CA ASN C 82 40.68 -11.40 21.21
C ASN C 82 40.09 -12.73 21.68
N GLU C 83 38.89 -12.71 22.24
CA GLU C 83 38.30 -13.91 22.81
C GLU C 83 37.64 -14.80 21.76
N TYR C 84 37.91 -14.56 20.47
CA TYR C 84 37.29 -15.36 19.41
C TYR C 84 37.59 -16.84 19.58
N ASP C 85 38.82 -17.18 19.93
CA ASP C 85 39.19 -18.58 20.09
C ASP C 85 38.55 -19.19 21.32
N LYS C 86 38.10 -18.36 22.27
CA LYS C 86 37.47 -18.85 23.48
C LYS C 86 36.00 -19.17 23.24
N PHE C 87 35.32 -18.38 22.42
CA PHE C 87 33.91 -18.61 22.16
C PHE C 87 33.70 -19.67 21.08
N TYR C 88 34.54 -19.66 20.04
CA TYR C 88 34.36 -20.51 18.86
C TYR C 88 35.31 -21.71 18.90
N THR C 89 34.87 -22.77 19.58
CA THR C 89 35.65 -24.00 19.71
C THR C 89 34.88 -25.15 19.07
N GLY C 90 35.55 -25.91 18.23
CA GLY C 90 34.94 -27.06 17.58
C GLY C 90 35.57 -27.32 16.23
N SER C 91 35.04 -28.36 15.57
CA SER C 91 35.52 -28.79 14.26
C SER C 91 34.35 -29.30 13.43
N PHE C 92 34.28 -28.86 12.16
CA PHE C 92 33.24 -29.29 11.22
C PHE C 92 33.87 -30.10 10.10
N GLN C 93 33.63 -31.41 10.10
CA GLN C 93 34.15 -32.31 9.07
C GLN C 93 33.34 -32.17 7.78
N GLU C 94 34.01 -31.83 6.69
CA GLU C 94 33.35 -31.70 5.40
C GLU C 94 32.94 -33.06 4.86
N THR C 95 31.72 -33.14 4.34
CA THR C 95 31.21 -34.37 3.74
C THR C 95 31.48 -34.40 2.24
N THR C 96 31.56 -35.62 1.70
CA THR C 96 31.84 -35.78 0.27
C THR C 96 30.75 -35.17 -0.59
N SER C 97 29.48 -35.36 -0.21
CA SER C 97 28.36 -34.81 -0.95
C SER C 97 28.02 -33.41 -0.44
N TYR C 98 27.18 -32.72 -1.21
CA TYR C 98 26.73 -31.39 -0.82
C TYR C 98 25.78 -31.47 0.38
N ILE C 99 25.91 -30.49 1.28
CA ILE C 99 25.14 -30.48 2.52
C ILE C 99 23.66 -30.38 2.24
N LYS C 100 22.88 -31.27 2.87
CA LYS C 100 21.42 -31.23 2.84
C LYS C 100 20.93 -30.95 4.26
N PHE C 101 20.19 -29.86 4.43
CA PHE C 101 19.80 -29.40 5.75
C PHE C 101 18.51 -28.60 5.66
N SER C 102 17.65 -28.76 6.66
CA SER C 102 16.39 -28.03 6.69
C SER C 102 15.92 -27.71 8.10
N ALA C 103 16.66 -28.05 9.14
CA ALA C 103 16.26 -27.72 10.50
C ALA C 103 16.40 -26.23 10.75
N THR C 104 15.60 -25.72 11.68
CA THR C 104 15.58 -24.29 11.99
C THR C 104 16.64 -23.95 13.04
N VAL C 105 16.85 -22.64 13.21
CA VAL C 105 17.81 -22.16 14.20
C VAL C 105 17.39 -22.60 15.59
N GLU C 106 16.09 -22.54 15.89
CA GLU C 106 15.61 -22.94 17.21
C GLU C 106 15.99 -24.38 17.53
N ASP C 107 16.07 -25.23 16.51
CA ASP C 107 16.45 -26.61 16.74
C ASP C 107 17.91 -26.73 17.15
N CYS C 108 18.74 -25.77 16.76
CA CYS C 108 20.17 -25.84 16.99
C CYS C 108 20.69 -24.91 18.08
N CYS C 109 19.80 -24.27 18.85
CA CYS C 109 20.27 -23.28 19.83
C CYS C 109 20.25 -23.82 21.25
N GLY C 110 19.58 -24.94 21.48
CA GLY C 110 19.52 -25.46 22.81
C GLY C 110 18.38 -24.80 23.57
N THR C 111 18.57 -24.65 24.86
CA THR C 111 17.55 -24.10 25.73
C THR C 111 17.29 -22.63 25.45
N ASN C 112 16.03 -22.23 25.66
CA ASN C 112 15.58 -20.87 25.37
C ASN C 112 16.31 -19.85 26.23
N TYR C 113 16.43 -20.10 27.53
CA TYR C 113 17.00 -19.12 28.44
C TYR C 113 18.53 -19.08 28.35
N ASN C 114 19.08 -17.87 28.47
CA ASN C 114 20.51 -17.65 28.48
C ASN C 114 20.89 -16.73 29.64
N MET C 115 21.83 -17.18 30.47
CA MET C 115 22.28 -16.41 31.62
C MET C 115 23.03 -15.16 31.19
N ASP C 116 22.78 -14.05 31.90
CA ASP C 116 23.51 -12.81 31.69
C ASP C 116 24.49 -12.61 32.85
N GLU C 117 25.12 -11.43 32.89
CA GLU C 117 26.09 -11.15 33.94
C GLU C 117 25.44 -11.13 35.32
N ARG C 118 24.20 -10.64 35.39
CA ARG C 118 23.50 -10.56 36.67
C ARG C 118 23.16 -11.95 37.20
N ASP C 119 22.70 -12.85 36.31
CA ASP C 119 22.40 -14.20 36.73
C ASP C 119 23.67 -14.94 37.13
N GLU C 120 24.80 -14.58 36.52
CA GLU C 120 26.07 -15.21 36.86
C GLU C 120 26.48 -14.89 38.28
N THR C 121 26.38 -13.62 38.67
CA THR C 121 26.72 -13.23 40.03
C THR C 121 25.78 -13.87 41.05
N PHE C 122 24.49 -13.98 40.69
CA PHE C 122 23.53 -14.58 41.60
C PHE C 122 23.77 -16.08 41.74
N LEU C 123 24.15 -16.75 40.66
CA LEU C 123 24.39 -18.19 40.74
C LEU C 123 25.59 -18.49 41.62
N ASN C 124 26.66 -17.71 41.49
CA ASN C 124 27.89 -17.98 42.22
C ASN C 124 27.84 -17.45 43.65
N GLU C 125 27.39 -16.22 43.83
CA GLU C 125 27.48 -15.55 45.13
C GLU C 125 26.25 -15.72 46.00
N GLN C 126 25.32 -16.59 45.61
CA GLN C 126 24.11 -16.80 46.41
C GLN C 126 23.81 -18.30 46.52
N VAL C 127 23.45 -18.92 45.39
CA VAL C 127 23.04 -20.31 45.41
C VAL C 127 24.24 -21.25 45.52
N ASN C 128 25.36 -20.91 44.89
CA ASN C 128 26.54 -21.77 44.94
C ASN C 128 27.68 -21.15 45.75
N LYS C 129 27.35 -20.28 46.70
CA LYS C 129 28.38 -19.66 47.53
C LYS C 129 29.08 -20.68 48.41
N GLY C 130 28.32 -21.41 49.22
CA GLY C 130 28.87 -22.43 50.09
C GLY C 130 27.97 -23.63 50.20
N SER C 131 27.06 -23.76 49.23
CA SER C 131 26.12 -24.88 49.24
C SER C 131 26.82 -26.20 49.03
N SER C 132 26.24 -27.26 49.58
CA SER C 132 26.79 -28.59 49.40
C SER C 132 26.65 -29.06 47.96
N ASP C 133 25.51 -28.77 47.33
CA ASP C 133 25.21 -29.18 45.97
C ASP C 133 25.27 -27.96 45.05
N ILE C 134 26.07 -28.06 43.99
CA ILE C 134 26.28 -26.97 43.04
C ILE C 134 25.23 -27.06 41.93
N LEU C 135 24.79 -25.89 41.46
CA LEU C 135 23.80 -25.77 40.39
C LEU C 135 24.49 -25.39 39.09
N THR C 136 24.43 -26.28 38.10
CA THR C 136 25.08 -26.04 36.82
C THR C 136 24.42 -24.87 36.09
N GLU C 137 25.24 -24.15 35.31
CA GLU C 137 24.71 -23.06 34.50
C GLU C 137 23.66 -23.57 33.52
N ASP C 138 23.90 -24.76 32.94
CA ASP C 138 22.91 -25.34 32.04
C ASP C 138 21.62 -25.64 32.80
N GLU C 139 21.74 -26.11 34.03
CA GLU C 139 20.57 -26.45 34.83
C GLU C 139 19.85 -25.19 35.31
N PHE C 140 20.59 -24.12 35.59
CA PHE C 140 19.97 -22.87 35.97
C PHE C 140 19.08 -22.33 34.86
N GLU C 141 19.50 -22.51 33.60
CA GLU C 141 18.70 -22.07 32.48
C GLU C 141 17.47 -22.93 32.28
N ILE C 142 17.57 -24.23 32.60
CA ILE C 142 16.44 -25.14 32.45
C ILE C 142 15.30 -24.72 33.37
N LEU C 143 15.64 -24.32 34.60
CA LEU C 143 14.61 -23.86 35.54
C LEU C 143 13.92 -22.60 35.03
N CYS C 144 14.72 -21.58 34.68
CA CYS C 144 14.14 -20.33 34.20
C CYS C 144 13.37 -20.53 32.91
N SER C 145 13.86 -21.41 32.03
CA SER C 145 13.15 -21.67 30.78
C SER C 145 11.79 -22.28 31.04
N SER C 146 11.68 -23.08 32.10
CA SER C 146 10.40 -23.66 32.48
C SER C 146 9.51 -22.63 33.16
N PHE C 147 10.12 -21.70 33.88
CA PHE C 147 9.34 -20.63 34.50
C PHE C 147 8.74 -19.72 33.44
N GLU C 148 9.53 -19.38 32.42
CA GLU C 148 9.06 -18.49 31.36
C GLU C 148 7.93 -19.13 30.57
N HIS C 149 8.01 -20.44 30.35
CA HIS C 149 6.96 -21.12 29.60
C HIS C 149 5.69 -21.24 30.42
N ALA C 150 5.82 -21.44 31.73
CA ALA C 150 4.65 -21.61 32.58
C ALA C 150 3.85 -20.31 32.68
N ILE C 151 4.54 -19.19 32.88
CA ILE C 151 3.85 -17.92 33.01
C ILE C 151 3.20 -17.53 31.69
N HIS C 152 3.91 -17.77 30.57
CA HIS C 152 3.36 -17.46 29.26
C HIS C 152 2.09 -18.23 28.97
N GLU C 153 1.88 -19.35 29.66
CA GLU C 153 0.68 -20.16 29.48
C GLU C 153 -0.42 -19.76 30.45
N ARG C 154 -0.09 -19.67 31.74
CA ARG C 154 -1.11 -19.38 32.75
C ARG C 154 -1.45 -17.90 32.83
N GLN C 155 -0.47 -17.02 32.65
CA GLN C 155 -0.69 -15.58 32.76
C GLN C 155 -0.19 -14.89 31.50
N PRO C 156 -0.92 -15.00 30.40
CA PRO C 156 -0.50 -14.32 29.16
C PRO C 156 -0.62 -12.81 29.25
N PHE C 157 -1.39 -12.31 30.21
CA PHE C 157 -1.57 -10.88 30.39
C PHE C 157 -1.04 -10.46 31.76
N LEU C 158 0.20 -10.87 32.05
CA LEU C 158 0.83 -10.49 33.31
C LEU C 158 1.09 -9.01 33.38
N SER C 159 1.30 -8.36 32.23
CA SER C 159 1.58 -6.93 32.19
C SER C 159 0.40 -6.12 32.70
N MET C 160 -0.80 -6.69 32.71
CA MET C 160 -1.96 -5.97 33.22
C MET C 160 -1.82 -5.68 34.70
N ASP C 161 -1.36 -6.67 35.48
CA ASP C 161 -1.17 -6.51 36.92
C ASP C 161 0.07 -7.28 37.32
N PRO C 162 1.26 -6.69 37.15
CA PRO C 162 2.50 -7.44 37.39
C PRO C 162 2.66 -7.92 38.81
N GLU C 163 2.13 -7.18 39.78
CA GLU C 163 2.30 -7.54 41.18
C GLU C 163 1.59 -8.85 41.53
N SER C 164 0.57 -9.22 40.75
CA SER C 164 -0.22 -10.42 41.00
C SER C 164 0.34 -11.62 40.27
N ILE C 165 1.66 -11.67 40.08
CA ILE C 165 2.28 -12.82 39.45
C ILE C 165 2.18 -14.03 40.37
N LEU C 166 2.08 -15.21 39.76
CA LEU C 166 1.92 -16.44 40.51
C LEU C 166 3.11 -16.68 41.44
N SER C 167 2.82 -17.26 42.60
CA SER C 167 3.87 -17.66 43.52
C SER C 167 4.45 -19.01 43.11
N PHE C 168 5.57 -19.38 43.75
CA PHE C 168 6.22 -20.64 43.41
C PHE C 168 5.33 -21.84 43.75
N GLU C 169 4.66 -21.79 44.90
CA GLU C 169 3.81 -22.91 45.30
C GLU C 169 2.64 -23.10 44.35
N GLU C 170 2.12 -22.00 43.79
CA GLU C 170 0.99 -22.09 42.86
C GLU C 170 1.40 -22.58 41.49
N LEU C 171 2.66 -22.33 41.10
CA LEU C 171 3.13 -22.68 39.76
C LEU C 171 3.70 -24.09 39.69
N LYS C 172 4.13 -24.64 40.81
CA LYS C 172 4.72 -25.99 40.82
C LYS C 172 3.87 -27.06 40.15
N PRO C 173 2.54 -27.11 40.32
CA PRO C 173 1.79 -28.14 39.58
C PRO C 173 1.91 -28.00 38.07
N THR C 174 1.98 -26.78 37.57
CA THR C 174 2.06 -26.57 36.13
C THR C 174 3.44 -26.92 35.59
N LEU C 175 4.48 -26.69 36.39
CA LEU C 175 5.84 -26.98 35.95
C LEU C 175 6.04 -28.47 35.67
N ILE C 176 5.30 -29.33 36.39
CA ILE C 176 5.41 -30.77 36.18
C ILE C 176 4.79 -31.17 34.86
N LYS C 177 3.63 -30.60 34.53
CA LYS C 177 2.94 -30.97 33.30
C LYS C 177 3.71 -30.55 32.05
N SER C 178 4.70 -29.69 32.18
CA SER C 178 5.49 -29.23 31.04
C SER C 178 6.27 -30.37 30.40
N ASP C 182 11.15 -30.85 23.03
CA ASP C 182 10.54 -32.12 22.69
C ASP C 182 11.08 -33.25 23.54
N PHE C 183 10.98 -33.08 24.86
CA PHE C 183 11.43 -34.12 25.79
C PHE C 183 10.57 -35.37 25.68
N ASN C 184 9.27 -35.18 25.46
CA ASN C 184 8.35 -36.30 25.35
C ASN C 184 8.64 -37.14 24.12
N LEU C 185 8.96 -36.47 23.00
CA LEU C 185 9.25 -37.18 21.76
C LEU C 185 10.64 -37.81 21.82
N ARG C 186 11.60 -37.13 22.44
CA ARG C 186 12.95 -37.66 22.56
C ARG C 186 12.95 -38.96 23.35
N ASN C 187 12.20 -39.01 24.46
CA ASN C 187 12.14 -40.22 25.28
C ASN C 187 11.32 -41.30 24.59
N GLN C 188 10.32 -40.93 23.78
CA GLN C 188 9.51 -41.92 23.09
C GLN C 188 10.35 -42.67 22.06
N LEU C 189 11.14 -41.94 21.27
CA LEU C 189 12.01 -42.59 20.29
C LEU C 189 13.07 -43.44 20.98
N ASN C 190 13.51 -43.02 22.16
CA ASN C 190 14.51 -43.79 22.89
C ASN C 190 13.96 -45.15 23.31
N HIS C 191 12.66 -45.24 23.58
CA HIS C 191 12.06 -46.51 23.95
C HIS C 191 11.79 -47.37 22.71
N GLU C 192 11.43 -46.74 21.59
CA GLU C 192 11.17 -47.50 20.37
C GLU C 192 12.44 -48.16 19.85
N ILE C 193 13.58 -47.51 20.00
CA ILE C 193 14.85 -48.09 19.58
C ILE C 193 15.24 -49.21 20.53
N ASN C 194 14.66 -49.22 21.74
CA ASN C 194 15.00 -50.16 22.80
C ASN C 194 16.43 -49.96 23.27
N SER C 195 16.93 -48.74 23.16
CA SER C 195 18.25 -48.40 23.68
C SER C 195 18.25 -48.46 25.20
N HIS C 196 17.38 -47.68 25.83
CA HIS C 196 17.25 -47.63 27.30
C HIS C 196 18.58 -47.31 27.97
N LYS C 197 19.40 -46.46 27.33
CA LYS C 197 20.69 -46.07 27.86
C LYS C 197 20.85 -44.56 27.76
N THR C 198 20.98 -43.90 28.91
CA THR C 198 21.13 -42.46 29.04
C THR C 198 20.17 -41.66 28.15
N HIS C 199 20.72 -40.81 27.28
CA HIS C 199 19.95 -39.89 26.47
C HIS C 199 19.86 -40.35 25.03
N PHE C 200 18.97 -39.68 24.28
CA PHE C 200 18.80 -39.90 22.85
C PHE C 200 19.56 -38.78 22.12
N ILE C 201 20.64 -39.15 21.43
CA ILE C 201 21.59 -38.19 20.86
C ILE C 201 21.34 -38.01 19.37
N THR C 202 21.29 -36.76 18.93
CA THR C 202 21.18 -36.40 17.52
C THR C 202 22.34 -35.47 17.13
N GLN C 203 22.24 -34.90 15.93
CA GLN C 203 23.24 -33.94 15.47
C GLN C 203 23.05 -32.58 16.12
N PHE C 204 21.83 -32.27 16.55
CA PHE C 204 21.50 -30.96 17.10
C PHE C 204 21.67 -30.92 18.61
N ASP C 205 22.51 -31.80 19.16
CA ASP C 205 22.70 -31.87 20.61
C ASP C 205 24.18 -31.76 20.96
N PRO C 206 24.57 -30.79 21.78
CA PRO C 206 25.95 -30.74 22.26
C PRO C 206 26.18 -31.77 23.36
N VAL C 207 27.45 -32.13 23.55
CA VAL C 207 27.77 -33.16 24.54
C VAL C 207 27.71 -32.64 25.96
N SER C 208 27.64 -31.33 26.16
CA SER C 208 27.61 -30.75 27.50
C SER C 208 26.25 -30.84 28.17
N GLN C 209 25.19 -31.17 27.41
CA GLN C 209 23.86 -31.26 27.97
C GLN C 209 23.58 -32.60 28.63
N MET C 210 24.48 -33.57 28.49
CA MET C 210 24.24 -34.90 29.07
C MET C 210 24.43 -34.91 30.58
N ASN C 211 25.34 -34.09 31.10
CA ASN C 211 25.65 -34.05 32.53
C ASN C 211 24.73 -33.12 33.31
N THR C 212 23.48 -32.96 32.87
CA THR C 212 22.53 -32.05 33.50
C THR C 212 21.37 -32.85 34.11
N ARG C 213 21.04 -32.55 35.37
CA ARG C 213 19.98 -33.27 36.03
C ARG C 213 18.61 -32.94 35.43
N PRO C 214 17.67 -33.87 35.48
CA PRO C 214 16.33 -33.64 34.93
C PRO C 214 15.59 -32.50 35.61
N LEU C 215 14.64 -31.93 34.87
CA LEU C 215 13.89 -30.76 35.35
C LEU C 215 13.05 -31.11 36.56
N ILE C 216 12.45 -32.30 36.58
CA ILE C 216 11.55 -32.67 37.67
C ILE C 216 12.27 -32.64 39.01
N GLN C 217 13.54 -33.02 39.01
CA GLN C 217 14.32 -33.02 40.25
C GLN C 217 14.84 -31.63 40.58
N LEU C 218 15.08 -30.79 39.57
CA LEU C 218 15.59 -29.45 39.79
C LEU C 218 14.58 -28.57 40.52
N ILE C 219 13.29 -28.86 40.36
CA ILE C 219 12.27 -28.09 41.07
C ILE C 219 12.34 -28.35 42.57
N GLU C 220 12.53 -29.62 42.95
CA GLU C 220 12.56 -29.98 44.35
C GLU C 220 13.83 -29.50 45.04
N LYS C 221 14.95 -29.45 44.32
CA LYS C 221 16.23 -29.15 44.92
C LYS C 221 16.53 -27.65 44.96
N PHE C 222 16.32 -26.95 43.84
CA PHE C 222 16.66 -25.53 43.74
C PHE C 222 15.49 -24.68 43.28
N GLY C 223 14.30 -25.26 43.08
CA GLY C 223 13.20 -24.52 42.47
C GLY C 223 12.77 -23.29 43.24
N SER C 224 12.58 -23.41 44.56
CA SER C 224 12.03 -22.29 45.31
C SER C 224 13.02 -21.12 45.42
N LYS C 225 14.32 -21.41 45.43
CA LYS C 225 15.31 -20.35 45.56
C LYS C 225 15.50 -19.59 44.26
N ILE C 226 15.47 -20.30 43.12
CA ILE C 226 15.69 -19.67 41.83
C ILE C 226 14.46 -18.87 41.39
N TYR C 227 13.27 -19.45 41.55
CA TYR C 227 12.06 -18.78 41.09
C TYR C 227 11.84 -17.45 41.80
N ASP C 228 12.13 -17.40 43.10
CA ASP C 228 11.96 -16.16 43.83
C ASP C 228 12.86 -15.06 43.28
N TYR C 229 14.00 -15.43 42.72
CA TYR C 229 14.87 -14.46 42.05
C TYR C 229 14.31 -14.11 40.68
N TRP C 230 13.87 -15.12 39.93
CA TRP C 230 13.28 -14.88 38.62
C TRP C 230 11.99 -14.08 38.74
N ARG C 231 11.25 -14.30 39.82
CA ARG C 231 10.00 -13.57 40.04
C ARG C 231 10.26 -12.07 40.17
N GLU C 232 11.34 -11.70 40.83
CA GLU C 232 11.65 -10.28 41.01
C GLU C 232 12.07 -9.64 39.69
N ARG C 233 12.66 -10.40 38.78
CA ARG C 233 13.04 -9.86 37.49
C ARG C 233 11.81 -9.49 36.67
N LYS C 234 10.79 -10.35 36.68
CA LYS C 234 9.55 -10.06 35.99
C LYS C 234 8.85 -8.84 36.57
N ILE C 235 9.00 -8.60 37.87
CA ILE C 235 8.40 -7.42 38.48
C ILE C 235 9.10 -6.15 38.02
N GLU C 236 10.43 -6.19 37.88
CA GLU C 236 11.15 -4.99 37.45
C GLU C 236 10.76 -4.60 36.03
N VAL C 237 10.40 -5.57 35.20
CA VAL C 237 10.01 -5.30 33.83
C VAL C 237 8.50 -5.20 33.68
N ASN C 238 7.77 -5.20 34.81
CA ASN C 238 6.32 -5.00 34.85
C ASN C 238 5.57 -6.05 34.04
N GLY C 239 6.04 -7.29 34.08
CA GLY C 239 5.35 -8.38 33.44
C GLY C 239 5.71 -8.59 31.99
N TYR C 240 6.49 -7.69 31.41
CA TYR C 240 6.92 -7.81 30.02
C TYR C 240 8.11 -8.74 29.91
N GLU C 241 8.82 -8.69 28.77
CA GLU C 241 9.92 -9.61 28.53
C GLU C 241 11.18 -9.15 29.24
N ILE C 242 11.84 -10.08 29.93
CA ILE C 242 13.05 -9.75 30.68
C ILE C 242 14.16 -9.27 29.75
N PHE C 243 14.36 -9.97 28.65
CA PHE C 243 15.46 -9.62 27.75
C PHE C 243 14.94 -9.00 26.46
N PRO C 244 15.71 -8.06 25.88
CA PRO C 244 15.26 -7.33 24.69
C PRO C 244 14.67 -8.18 23.58
N GLN C 245 13.46 -7.86 23.17
CA GLN C 245 12.79 -8.55 22.08
C GLN C 245 12.58 -7.62 20.89
N LEU C 246 12.31 -8.23 19.74
CA LEU C 246 12.00 -7.46 18.54
C LEU C 246 10.57 -6.92 18.62
N LYS C 247 10.36 -5.78 17.97
CA LYS C 247 9.06 -5.12 17.97
C LYS C 247 8.25 -5.54 16.75
N PHE C 248 7.10 -6.17 16.99
CA PHE C 248 6.25 -6.67 15.90
C PHE C 248 4.91 -5.94 15.85
N GLU C 249 4.26 -6.06 14.69
CA GLU C 249 2.94 -5.48 14.46
C GLU C 249 1.85 -6.41 14.98
N ARG C 250 0.94 -5.85 15.77
CA ARG C 250 -0.17 -6.63 16.32
C ARG C 250 -1.10 -7.13 15.20
N PRO C 251 -1.53 -8.38 15.27
CA PRO C 251 -2.38 -8.95 14.21
C PRO C 251 -3.70 -8.20 14.07
N GLY C 252 -4.02 -7.80 12.83
CA GLY C 252 -5.21 -7.06 12.54
C GLY C 252 -5.02 -5.57 12.56
N GLU C 253 -3.98 -5.10 13.24
CA GLU C 253 -3.64 -3.68 13.33
C GLU C 253 -2.63 -3.33 12.23
N LYS C 254 -2.50 -2.03 11.99
CA LYS C 254 -1.55 -1.51 11.00
C LYS C 254 -0.73 -0.41 11.66
N GLU C 255 0.60 -0.55 11.64
CA GLU C 255 1.51 0.45 12.16
C GLU C 255 2.45 0.92 11.05
N GLU C 256 2.66 2.24 10.98
CA GLU C 256 3.43 2.83 9.90
C GLU C 256 4.52 3.77 10.38
N ILE C 257 4.32 4.39 11.54
CA ILE C 257 5.24 5.42 12.03
C ILE C 257 6.42 4.82 12.79
N ASP C 258 6.17 3.85 13.65
CA ASP C 258 7.21 3.28 14.50
C ASP C 258 8.32 2.64 13.66
N PRO C 259 9.58 3.08 13.80
CA PRO C 259 10.66 2.52 12.98
C PRO C 259 11.07 1.13 13.40
N TYR C 260 10.75 0.70 14.62
CA TYR C 260 11.22 -0.56 15.16
C TYR C 260 10.29 -1.73 14.83
N VAL C 261 9.17 -1.49 14.16
CA VAL C 261 8.27 -2.57 13.77
C VAL C 261 8.86 -3.27 12.55
N CYS C 262 9.02 -4.58 12.64
CA CYS C 262 9.69 -5.35 11.60
C CYS C 262 8.80 -6.47 11.06
N PHE C 263 9.06 -6.83 9.81
CA PHE C 263 8.53 -8.03 9.16
C PHE C 263 7.02 -8.18 9.33
N ARG C 264 6.29 -7.17 8.86
CA ARG C 264 4.83 -7.25 8.87
C ARG C 264 4.33 -8.27 7.85
N ARG C 265 3.29 -9.00 8.24
CA ARG C 265 2.64 -9.99 7.37
C ARG C 265 1.16 -9.64 7.27
N ARG C 266 0.77 -9.04 6.14
CA ARG C 266 -0.57 -8.48 5.96
C ARG C 266 -1.51 -9.43 5.22
N GLU C 267 -1.00 -10.55 4.69
CA GLU C 267 -1.84 -11.52 4.00
C GLU C 267 -2.79 -12.19 4.99
N VAL C 268 -4.02 -12.44 4.53
CA VAL C 268 -5.06 -13.04 5.36
C VAL C 268 -5.83 -14.08 4.55
N ARG C 269 -5.91 -15.31 5.06
CA ARG C 269 -6.61 -16.41 4.41
C ARG C 269 -8.03 -16.51 4.97
N HIS C 270 -9.06 -16.44 4.05
CA HIS C 270 -10.44 -16.55 4.50
C HIS C 270 -11.05 -17.92 4.20
N PRO C 271 -11.81 -18.43 5.16
CA PRO C 271 -12.43 -19.75 5.02
C PRO C 271 -13.43 -19.83 3.88
N ARG C 272 -13.59 -21.05 3.36
CA ARG C 272 -14.49 -21.32 2.25
C ARG C 272 -15.94 -21.02 2.66
N LYS C 273 -16.71 -20.50 1.71
CA LYS C 273 -18.11 -20.15 1.98
C LYS C 273 -18.99 -21.39 1.93
N THR C 274 -18.61 -22.44 2.66
CA THR C 274 -19.36 -23.68 2.63
C THR C 274 -19.08 -24.45 3.91
N ARG C 275 -20.07 -25.23 4.32
CA ARG C 275 -19.93 -26.12 5.46
C ARG C 275 -19.74 -27.57 5.04
N ARG C 276 -19.69 -27.82 3.73
CA ARG C 276 -19.45 -29.15 3.19
C ARG C 276 -18.05 -29.62 3.53
N ILE C 277 -17.87 -30.95 3.55
CA ILE C 277 -16.57 -31.53 3.85
C ILE C 277 -15.72 -31.58 2.59
N ASP C 278 -14.47 -31.14 2.71
CA ASP C 278 -13.49 -31.16 1.62
C ASP C 278 -12.99 -32.59 1.44
N ILE C 279 -13.76 -33.37 0.68
CA ILE C 279 -13.43 -34.77 0.46
C ILE C 279 -12.11 -34.92 -0.26
N LEU C 280 -11.88 -34.10 -1.29
CA LEU C 280 -10.69 -34.24 -2.11
C LEU C 280 -9.41 -33.99 -1.32
N ASN C 281 -9.33 -32.85 -0.65
CA ASN C 281 -8.10 -32.49 0.06
C ASN C 281 -7.94 -33.24 1.38
N SER C 282 -8.92 -34.06 1.76
CA SER C 282 -8.79 -34.88 2.95
C SER C 282 -8.26 -36.27 2.63
N GLN C 283 -8.59 -36.79 1.45
CA GLN C 283 -8.07 -38.09 1.03
C GLN C 283 -6.58 -38.00 0.74
N ARG C 284 -6.15 -36.93 0.07
CA ARG C 284 -4.74 -36.76 -0.22
C ARG C 284 -3.95 -36.47 1.04
N LEU C 285 -4.61 -35.93 2.07
CA LEU C 285 -3.95 -35.72 3.34
C LEU C 285 -3.76 -37.04 4.07
N ARG C 286 -4.74 -37.95 3.95
CA ARG C 286 -4.61 -39.27 4.55
C ARG C 286 -3.54 -40.08 3.83
N ALA C 287 -3.41 -39.89 2.51
CA ALA C 287 -2.39 -40.62 1.76
C ALA C 287 -1.00 -40.16 2.15
N LEU C 288 -0.82 -38.85 2.33
CA LEU C 288 0.46 -38.32 2.78
C LEU C 288 0.76 -38.78 4.20
N HIS C 289 -0.28 -38.91 5.02
CA HIS C 289 -0.11 -39.39 6.38
C HIS C 289 0.37 -40.83 6.38
N GLN C 290 -0.17 -41.65 5.49
CA GLN C 290 0.23 -43.05 5.41
C GLN C 290 1.69 -43.17 4.97
N GLU C 291 2.10 -42.33 4.01
CA GLU C 291 3.47 -42.39 3.51
C GLU C 291 4.46 -41.88 4.53
N LEU C 292 4.03 -41.00 5.44
CA LEU C 292 4.91 -40.55 6.51
C LEU C 292 5.01 -41.60 7.60
N LYS C 293 3.96 -42.41 7.77
CA LYS C 293 4.01 -43.51 8.71
C LYS C 293 4.96 -44.58 8.22
N ASN C 294 4.88 -44.91 6.93
CA ASN C 294 5.82 -45.85 6.33
C ASN C 294 7.23 -45.30 6.36
N ALA C 295 7.36 -43.99 6.23
CA ALA C 295 8.68 -43.37 6.29
C ALA C 295 9.29 -43.53 7.67
N LYS C 296 8.50 -43.32 8.72
CA LYS C 296 9.01 -43.40 10.08
C LYS C 296 9.35 -44.84 10.46
N ASP C 297 8.68 -45.82 9.85
CA ASP C 297 8.97 -47.22 10.16
C ASP C 297 10.36 -47.62 9.68
N LEU C 298 10.71 -47.23 8.45
CA LEU C 298 12.02 -47.57 7.92
C LEU C 298 13.13 -46.83 8.67
N ALA C 299 12.90 -45.56 9.00
CA ALA C 299 13.92 -44.81 9.74
C ALA C 299 14.13 -45.39 11.13
N LEU C 300 13.07 -45.98 11.71
CA LEU C 300 13.21 -46.62 13.01
C LEU C 300 14.03 -47.89 12.91
N LEU C 301 13.77 -48.69 11.87
CA LEU C 301 14.53 -49.93 11.68
C LEU C 301 16.01 -49.64 11.49
N VAL C 302 16.34 -48.61 10.70
CA VAL C 302 17.73 -48.23 10.51
C VAL C 302 18.35 -47.81 11.83
N ALA C 303 17.61 -47.04 12.63
CA ALA C 303 18.11 -46.63 13.94
C ALA C 303 18.25 -47.82 14.87
N LYS C 304 17.42 -48.85 14.69
CA LYS C 304 17.55 -50.06 15.47
C LYS C 304 18.78 -50.85 15.06
N ARG C 305 18.99 -50.98 13.75
CA ARG C 305 20.11 -51.75 13.22
C ARG C 305 21.44 -51.17 13.68
N GLU C 306 21.59 -49.86 13.63
CA GLU C 306 22.84 -49.25 14.06
C GLU C 306 22.99 -49.29 15.58
N ASN C 307 21.88 -49.40 16.30
CA ASN C 307 21.94 -49.47 17.77
C ASN C 307 22.40 -50.85 18.23
N VAL C 308 21.86 -51.91 17.63
CA VAL C 308 22.31 -53.25 17.99
C VAL C 308 23.76 -53.44 17.55
N SER C 309 24.15 -52.79 16.46
CA SER C 309 25.55 -52.82 16.05
C SER C 309 26.43 -52.15 17.06
N LEU C 310 25.87 -51.20 17.83
CA LEU C 310 26.61 -50.55 18.90
C LEU C 310 26.68 -51.45 20.12
N ASN C 311 25.61 -52.18 20.42
CA ASN C 311 25.64 -53.12 21.53
C ASN C 311 26.52 -54.32 21.21
N TRP C 312 26.61 -54.69 19.93
CA TRP C 312 27.47 -55.80 19.53
C TRP C 312 28.93 -55.46 19.77
N ILE C 313 29.35 -54.26 19.37
CA ILE C 313 30.74 -53.86 19.57
C ILE C 313 31.01 -53.52 21.03
N ASN C 314 30.02 -52.98 21.75
CA ASN C 314 30.23 -52.71 23.17
C ASN C 314 30.45 -53.99 23.95
N ASP C 315 29.90 -55.10 23.45
CA ASP C 315 30.20 -56.40 24.04
C ASP C 315 31.61 -56.82 23.69
N GLU C 316 31.94 -56.75 22.39
CA GLU C 316 33.29 -57.09 21.93
C GLU C 316 34.34 -56.28 22.66
N LEU C 317 34.08 -55.00 22.90
CA LEU C 317 35.05 -54.17 23.61
C LEU C 317 35.12 -54.57 25.08
N LYS C 318 34.02 -55.11 25.62
CA LYS C 318 33.97 -55.58 27.00
C LYS C 318 34.45 -57.03 27.12
N ILE C 319 34.07 -57.89 26.18
CA ILE C 319 34.55 -59.27 26.19
C ILE C 319 36.07 -59.31 26.07
N PHE C 320 36.63 -58.49 25.18
CA PHE C 320 38.08 -58.43 25.04
C PHE C 320 38.74 -57.93 26.31
N ASP C 321 38.15 -56.92 26.95
CA ASP C 321 38.71 -56.40 28.19
C ASP C 321 38.56 -57.39 29.33
N GLN C 322 37.63 -58.35 29.21
CA GLN C 322 37.46 -59.40 30.20
C GLN C 322 38.36 -60.59 29.90
N ARG C 323 38.61 -60.88 28.63
CA ARG C 323 39.50 -61.98 28.26
C ARG C 323 40.95 -61.69 28.64
N VAL C 324 41.37 -60.43 28.61
CA VAL C 324 42.74 -60.10 28.98
C VAL C 324 42.91 -60.12 30.49
N LYS C 325 41.86 -59.80 31.25
CA LYS C 325 41.95 -59.83 32.70
C LYS C 325 41.97 -61.26 33.22
N ILE C 326 41.23 -62.16 32.55
CA ILE C 326 41.22 -63.56 32.96
C ILE C 326 42.57 -64.22 32.72
N LYS C 327 43.14 -64.02 31.53
CA LYS C 327 44.44 -64.62 31.21
C LYS C 327 45.52 -64.17 32.17
N ASN C 328 45.52 -62.89 32.54
CA ASN C 328 46.50 -62.41 33.51
C ASN C 328 46.25 -62.99 34.89
N LEU C 329 45.01 -63.36 35.19
CA LEU C 329 44.67 -63.98 36.45
C LEU C 329 44.88 -65.49 36.42
N LYS C 330 44.72 -66.11 35.25
CA LYS C 330 44.94 -67.54 35.12
C LYS C 330 46.42 -67.89 35.29
N ARG C 331 47.30 -67.06 34.73
CA ARG C 331 48.73 -67.31 34.85
C ARG C 331 49.22 -67.01 36.26
N SER C 332 48.54 -66.09 36.95
CA SER C 332 48.88 -65.76 38.33
C SER C 332 48.39 -66.84 39.30
N LEU C 333 47.28 -67.50 38.97
CA LEU C 333 46.73 -68.57 39.79
C LEU C 333 47.09 -69.95 39.25
N ASN C 334 47.77 -70.02 38.10
CA ASN C 334 48.19 -71.28 37.48
C ASN C 334 47.02 -72.23 37.24
N ILE C 335 45.89 -71.68 36.81
CA ILE C 335 44.70 -72.46 36.47
C ILE C 335 44.84 -72.93 35.03
N SER C 336 44.48 -74.19 34.79
CA SER C 336 44.73 -74.84 33.50
C SER C 336 43.48 -74.95 32.64
N GLY C 337 43.66 -74.75 31.33
CA GLY C 337 42.54 -74.90 30.42
C GLY C 337 41.57 -73.75 30.50
N GLU C 338 40.30 -74.07 30.27
CA GLU C 338 39.15 -73.18 30.42
C GLU C 338 39.03 -72.16 29.29
N ASP C 339 39.65 -72.41 28.14
CA ASP C 339 39.82 -71.36 27.14
C ASP C 339 38.75 -71.36 26.06
N ASP C 340 37.68 -72.16 26.22
CA ASP C 340 36.65 -72.19 25.19
C ASP C 340 35.98 -70.83 25.05
N ASP C 341 35.79 -70.13 26.18
CA ASP C 341 35.18 -68.81 26.15
C ASP C 341 36.19 -67.75 25.73
N LEU C 342 37.48 -68.08 25.75
CA LEU C 342 38.56 -67.18 25.42
C LEU C 342 38.96 -67.28 23.95
N ILE C 343 38.33 -68.18 23.19
CA ILE C 343 38.59 -68.34 21.77
C ILE C 343 37.28 -68.27 21.01
N ASN C 344 37.35 -67.69 19.81
CA ASN C 344 36.17 -67.52 18.96
C ASN C 344 35.85 -68.79 18.20
N HIS C 345 34.58 -69.20 18.28
CA HIS C 345 34.07 -70.34 17.54
C HIS C 345 33.29 -69.82 16.33
N LYS C 346 32.89 -70.74 15.45
CA LYS C 346 32.22 -70.38 14.21
C LYS C 346 30.83 -70.98 14.18
N ARG C 347 29.82 -70.12 14.18
CA ARG C 347 28.42 -70.51 14.06
C ARG C 347 27.88 -70.01 12.72
N LYS C 348 26.61 -70.33 12.47
CA LYS C 348 26.01 -70.04 11.18
C LYS C 348 25.48 -68.61 11.13
N ARG C 349 25.78 -67.91 10.03
CA ARG C 349 25.29 -66.56 9.82
C ARG C 349 25.05 -66.34 8.32
N PRO C 350 23.84 -65.92 7.92
CA PRO C 350 23.51 -65.64 6.52
C PRO C 350 24.15 -64.36 6.02
N MET D 14 -20.66 12.49 9.64
CA MET D 14 -19.83 12.35 8.44
C MET D 14 -20.68 11.91 7.25
N THR D 15 -21.19 12.87 6.49
CA THR D 15 -22.03 12.60 5.33
C THR D 15 -21.55 13.42 4.14
N GLN D 16 -21.51 12.78 2.97
CA GLN D 16 -21.00 13.40 1.75
C GLN D 16 -21.90 13.05 0.57
N ASN D 17 -22.09 14.03 -0.32
CA ASN D 17 -22.99 13.85 -1.45
C ASN D 17 -22.37 12.91 -2.49
N PRO D 18 -23.00 11.76 -2.78
CA PRO D 18 -22.41 10.85 -3.76
C PRO D 18 -22.58 11.31 -5.21
N HIS D 19 -23.48 12.26 -5.47
CA HIS D 19 -23.74 12.73 -6.83
C HIS D 19 -23.03 14.05 -7.12
N GLU D 20 -22.13 14.47 -6.25
CA GLU D 20 -21.36 15.69 -6.46
C GLU D 20 -20.29 15.46 -7.53
N VAL D 21 -20.24 16.37 -8.52
CA VAL D 21 -19.31 16.25 -9.63
C VAL D 21 -17.88 16.47 -9.15
N ALA D 22 -17.02 15.49 -9.37
CA ALA D 22 -15.61 15.55 -9.01
C ALA D 22 -14.74 15.71 -10.25
N ARG D 23 -14.33 16.94 -10.54
CA ARG D 23 -13.50 17.25 -11.70
C ARG D 23 -12.26 18.02 -11.24
N VAL D 24 -11.09 17.59 -11.71
CA VAL D 24 -9.82 18.17 -11.30
C VAL D 24 -9.63 19.53 -11.98
N ARG D 25 -9.65 20.60 -11.19
CA ARG D 25 -9.31 21.93 -11.68
C ARG D 25 -8.56 22.70 -10.60
N ASN D 26 -7.45 23.32 -10.98
CA ASN D 26 -6.65 24.10 -10.05
C ASN D 26 -7.35 25.40 -9.68
N LEU D 27 -6.95 25.96 -8.55
CA LEU D 27 -7.53 27.21 -8.07
C LEU D 27 -7.13 28.38 -8.97
N ASN D 28 -8.04 29.32 -9.17
CA ASN D 28 -7.78 30.46 -10.03
C ASN D 28 -6.68 31.35 -9.45
N ARG D 29 -6.90 31.87 -8.24
CA ARG D 29 -5.94 32.76 -7.59
C ARG D 29 -6.28 32.93 -6.11
N ILE D 30 -5.30 32.73 -5.23
CA ILE D 30 -5.50 32.82 -3.78
C ILE D 30 -4.95 34.14 -3.26
N ILE D 31 -5.50 34.61 -2.15
CA ILE D 31 -5.07 35.85 -1.50
C ILE D 31 -4.72 35.51 -0.06
N MET D 32 -3.47 35.12 0.19
CA MET D 32 -3.04 34.75 1.53
C MET D 32 -2.50 35.97 2.25
N GLY D 33 -3.26 36.47 3.23
CA GLY D 33 -2.87 37.67 3.94
C GLY D 33 -2.96 38.90 3.07
N LYS D 34 -1.80 39.49 2.75
CA LYS D 34 -1.75 40.68 1.93
C LYS D 34 -1.33 40.39 0.49
N TYR D 35 -0.94 39.16 0.17
CA TYR D 35 -0.39 38.81 -1.13
C TYR D 35 -1.37 37.97 -1.95
N GLU D 36 -1.32 38.20 -3.27
CA GLU D 36 -2.15 37.50 -4.25
C GLU D 36 -1.26 36.52 -5.01
N ILE D 37 -1.50 35.22 -4.81
CA ILE D 37 -0.63 34.18 -5.35
C ILE D 37 -1.38 33.38 -6.40
N GLU D 38 -0.63 32.85 -7.37
CA GLU D 38 -1.20 32.01 -8.41
C GLU D 38 -0.73 30.57 -8.21
N PRO D 39 -1.64 29.64 -7.99
CA PRO D 39 -1.25 28.25 -7.73
C PRO D 39 -0.62 27.59 -8.95
N TRP D 40 0.37 26.74 -8.70
CA TRP D 40 1.01 25.99 -9.77
C TRP D 40 0.43 24.59 -9.94
N TYR D 41 0.03 23.93 -8.86
CA TYR D 41 -0.45 22.55 -8.92
C TYR D 41 -1.81 22.42 -8.24
N PHE D 42 -2.44 21.25 -8.43
CA PHE D 42 -3.76 20.96 -7.88
C PHE D 42 -3.68 20.61 -6.39
N SER D 43 -4.61 21.15 -5.61
CA SER D 43 -4.73 20.82 -4.20
C SER D 43 -6.18 20.52 -3.86
N PRO D 44 -6.46 19.44 -3.14
CA PRO D 44 -7.85 19.02 -2.93
C PRO D 44 -8.68 19.91 -2.02
N TYR D 45 -8.80 21.21 -2.34
CA TYR D 45 -9.71 22.07 -1.62
C TYR D 45 -11.15 21.68 -1.96
N PRO D 46 -12.12 22.12 -1.16
CA PRO D 46 -13.53 21.81 -1.46
C PRO D 46 -13.91 22.16 -2.89
N ILE D 47 -14.66 21.25 -3.52
CA ILE D 47 -14.99 21.40 -4.94
C ILE D 47 -15.89 22.60 -5.18
N GLU D 48 -16.69 23.00 -4.19
CA GLU D 48 -17.63 24.11 -4.35
C GLU D 48 -16.93 25.45 -4.57
N LEU D 49 -15.69 25.60 -4.10
CA LEU D 49 -14.90 26.80 -4.26
C LEU D 49 -13.80 26.69 -5.31
N THR D 50 -13.51 25.49 -5.82
CA THR D 50 -12.43 25.33 -6.78
C THR D 50 -12.71 26.05 -8.09
N ASP D 51 -13.94 26.54 -8.27
CA ASP D 51 -14.35 27.29 -9.44
C ASP D 51 -14.76 28.71 -9.02
N GLU D 52 -13.89 29.38 -8.27
CA GLU D 52 -14.12 30.74 -7.82
C GLU D 52 -12.98 31.63 -8.31
N ASP D 53 -13.26 32.91 -8.45
CA ASP D 53 -12.26 33.85 -8.92
C ASP D 53 -11.12 34.01 -7.89
N PHE D 54 -11.47 34.28 -6.64
CA PHE D 54 -10.49 34.48 -5.58
C PHE D 54 -10.85 33.65 -4.35
N ILE D 55 -9.82 33.09 -3.73
CA ILE D 55 -9.93 32.33 -2.49
C ILE D 55 -9.03 32.99 -1.45
N TYR D 56 -9.56 33.21 -0.26
CA TYR D 56 -8.85 33.91 0.81
C TYR D 56 -8.24 32.91 1.79
N ILE D 57 -6.93 33.01 2.02
CA ILE D 57 -6.20 32.18 2.96
C ILE D 57 -5.75 33.06 4.12
N ASP D 58 -6.27 32.79 5.31
CA ASP D 58 -5.83 33.48 6.51
C ASP D 58 -4.36 33.17 6.75
N ASP D 59 -3.53 34.19 6.90
CA ASP D 59 -2.10 33.96 7.05
C ASP D 59 -1.70 33.68 8.50
N PHE D 60 -2.67 33.39 9.37
CA PHE D 60 -2.43 33.00 10.76
C PHE D 60 -2.92 31.58 11.02
N THR D 61 -4.13 31.25 10.60
CA THR D 61 -4.69 29.92 10.80
C THR D 61 -4.69 29.09 9.53
N LEU D 62 -4.34 29.68 8.39
CA LEU D 62 -4.27 29.01 7.09
C LEU D 62 -5.63 28.48 6.66
N GLN D 63 -6.71 29.01 7.21
CA GLN D 63 -8.06 28.59 6.86
C GLN D 63 -8.45 29.15 5.49
N TYR D 64 -9.15 28.34 4.71
CA TYR D 64 -9.56 28.70 3.36
C TYR D 64 -10.97 29.24 3.34
N PHE D 65 -11.23 30.18 2.42
CA PHE D 65 -12.53 30.80 2.30
C PHE D 65 -12.84 31.12 0.84
N GLY D 66 -14.10 30.88 0.46
CA GLY D 66 -14.56 31.22 -0.87
C GLY D 66 -15.43 32.46 -0.85
N SER D 67 -16.00 32.77 0.32
CA SER D 67 -16.84 33.94 0.49
C SER D 67 -16.06 35.03 1.21
N LYS D 68 -16.04 36.23 0.63
CA LYS D 68 -15.31 37.34 1.23
C LYS D 68 -15.96 37.76 2.55
N LYS D 69 -17.29 37.65 2.65
CA LYS D 69 -17.97 38.04 3.87
C LYS D 69 -17.61 37.09 5.01
N GLN D 70 -17.48 35.80 4.72
CA GLN D 70 -17.05 34.85 5.73
C GLN D 70 -15.62 35.13 6.19
N TYR D 71 -14.76 35.52 5.24
CA TYR D 71 -13.38 35.85 5.58
C TYR D 71 -13.33 37.10 6.47
N GLU D 72 -14.31 37.99 6.31
CA GLU D 72 -14.42 39.16 7.17
C GLU D 72 -14.84 38.77 8.58
N ARG D 73 -15.89 37.95 8.69
CA ARG D 73 -16.38 37.54 10.00
C ARG D 73 -15.33 36.73 10.74
N TYR D 74 -14.51 35.98 10.00
CA TYR D 74 -13.48 35.15 10.61
C TYR D 74 -12.36 35.99 11.23
N ARG D 75 -11.88 37.00 10.49
CA ARG D 75 -10.81 37.84 11.01
C ARG D 75 -11.25 38.59 12.26
N LYS D 76 -12.51 39.03 12.31
CA LYS D 76 -12.99 39.78 13.46
C LYS D 76 -13.12 38.93 14.71
N LYS D 77 -13.10 37.61 14.57
CA LYS D 77 -13.25 36.71 15.70
C LYS D 77 -12.01 35.88 15.97
N CYS D 78 -11.10 35.76 15.00
CA CYS D 78 -9.90 34.96 15.17
C CYS D 78 -8.90 35.67 16.08
N THR D 79 -8.50 35.00 17.16
CA THR D 79 -7.56 35.56 18.11
C THR D 79 -6.16 34.99 17.95
N LEU D 80 -5.96 34.01 17.09
CA LEU D 80 -4.64 33.46 16.85
C LEU D 80 -3.86 34.39 15.94
N ARG D 81 -2.62 34.69 16.32
CA ARG D 81 -1.78 35.60 15.56
C ARG D 81 -0.39 35.01 15.31
N HIS D 82 -0.21 33.72 15.52
CA HIS D 82 1.08 33.07 15.33
C HIS D 82 0.86 31.57 15.21
N PRO D 83 1.77 30.86 14.57
CA PRO D 83 1.65 29.39 14.43
C PRO D 83 1.38 28.71 15.75
N PRO D 84 0.33 27.89 15.84
CA PRO D 84 -0.04 27.26 17.11
C PRO D 84 0.99 26.26 17.62
N GLY D 85 2.03 26.75 18.27
CA GLY D 85 3.06 25.89 18.80
C GLY D 85 4.04 26.70 19.62
N ASN D 86 5.08 26.01 20.08
CA ASN D 86 6.11 26.65 20.88
C ASN D 86 7.18 27.30 20.00
N GLU D 87 7.60 28.50 20.37
CA GLU D 87 8.67 29.21 19.68
C GLU D 87 10.00 28.65 20.14
N ILE D 88 10.71 27.96 19.25
CA ILE D 88 11.98 27.33 19.60
C ILE D 88 13.18 28.15 19.14
N TYR D 89 12.96 29.23 18.39
CA TYR D 89 14.04 30.05 17.88
C TYR D 89 13.51 31.43 17.56
N ARG D 90 14.28 32.46 17.91
CA ARG D 90 13.90 33.84 17.60
C ARG D 90 15.11 34.73 17.61
N ASP D 91 15.41 35.36 16.47
CA ASP D 91 16.38 36.44 16.42
C ASP D 91 15.67 37.72 15.97
N ASP D 92 16.45 38.72 15.63
CA ASP D 92 15.89 39.98 15.16
C ASP D 92 15.40 39.90 13.71
N TYR D 93 15.54 38.73 13.07
CA TYR D 93 15.10 38.54 11.69
C TYR D 93 13.87 37.64 11.62
N VAL D 94 14.01 36.36 11.98
CA VAL D 94 12.91 35.40 11.86
C VAL D 94 12.77 34.59 13.14
N SER D 95 11.66 33.87 13.23
CA SER D 95 11.36 32.94 14.33
C SER D 95 10.97 31.59 13.75
N PHE D 96 11.13 30.54 14.56
CA PHE D 96 10.78 29.18 14.17
C PHE D 96 9.82 28.57 15.18
N PHE D 97 8.75 27.95 14.68
CA PHE D 97 7.75 27.29 15.50
C PHE D 97 7.73 25.80 15.18
N GLU D 98 7.78 24.97 16.23
CA GLU D 98 7.65 23.53 16.10
C GLU D 98 6.21 23.14 16.42
N ILE D 99 5.51 22.55 15.45
CA ILE D 99 4.11 22.20 15.60
C ILE D 99 3.88 20.74 15.27
N ASP D 100 3.24 20.02 16.19
CA ASP D 100 2.90 18.61 15.99
C ASP D 100 1.63 18.48 15.16
N GLY D 101 1.67 17.59 14.18
CA GLY D 101 0.49 17.37 13.35
C GLY D 101 -0.61 16.65 14.09
N ARG D 102 -0.26 15.89 15.13
CA ARG D 102 -1.27 15.19 15.91
C ARG D 102 -1.93 16.11 16.92
N LYS D 103 -1.22 17.13 17.37
CA LYS D 103 -1.77 18.10 18.31
C LYS D 103 -2.55 19.18 17.60
N GLN D 104 -2.02 19.70 16.50
CA GLN D 104 -2.66 20.75 15.71
C GLN D 104 -3.08 20.20 14.35
N ARG D 105 -4.02 19.26 14.37
CA ARG D 105 -4.43 18.60 13.13
C ARG D 105 -5.02 19.60 12.13
N THR D 106 -5.95 20.44 12.59
CA THR D 106 -6.60 21.39 11.69
C THR D 106 -5.59 22.31 11.02
N TRP D 107 -4.68 22.88 11.81
CA TRP D 107 -3.72 23.83 11.24
C TRP D 107 -2.77 23.14 10.27
N CYS D 108 -2.23 21.98 10.66
CA CYS D 108 -1.28 21.30 9.78
C CYS D 108 -1.94 20.84 8.49
N ARG D 109 -3.21 20.46 8.54
CA ARG D 109 -3.91 20.11 7.31
C ARG D 109 -3.99 21.31 6.40
N ASN D 110 -4.36 22.46 6.96
CA ASN D 110 -4.44 23.68 6.17
C ASN D 110 -3.09 24.05 5.58
N LEU D 111 -2.00 23.78 6.31
CA LEU D 111 -0.68 24.07 5.77
C LEU D 111 -0.37 23.14 4.61
N CYS D 112 -0.80 21.88 4.68
CA CYS D 112 -0.54 20.93 3.62
C CYS D 112 -1.39 21.23 2.39
N LEU D 113 -2.63 21.69 2.59
CA LEU D 113 -3.47 22.09 1.46
C LEU D 113 -2.86 23.28 0.74
N LEU D 114 -2.35 24.25 1.50
CA LEU D 114 -1.65 25.39 0.92
C LEU D 114 -0.35 24.96 0.25
N SER D 115 0.43 24.10 0.92
CA SER D 115 1.73 23.72 0.39
C SER D 115 1.61 22.92 -0.89
N LYS D 116 0.54 22.14 -1.05
CA LYS D 116 0.37 21.34 -2.26
C LYS D 116 0.20 22.22 -3.48
N LEU D 117 -0.31 23.44 -3.30
CA LEU D 117 -0.49 24.36 -4.43
C LEU D 117 0.83 24.69 -5.10
N PHE D 118 1.95 24.56 -4.39
CA PHE D 118 3.24 24.95 -4.92
C PHE D 118 4.26 23.82 -4.86
N LEU D 119 3.88 22.67 -4.31
CA LEU D 119 4.72 21.48 -4.30
C LEU D 119 4.05 20.41 -5.15
N ASP D 120 4.76 19.94 -6.18
CA ASP D 120 4.21 18.97 -7.11
C ASP D 120 4.16 17.56 -6.52
N HIS D 121 5.10 17.23 -5.64
CA HIS D 121 5.23 15.88 -5.13
C HIS D 121 4.71 15.73 -3.70
N THR D 123 2.17 14.78 -1.15
CA THR D 123 1.04 13.87 -1.16
C THR D 123 0.21 14.06 0.09
N LEU D 124 -1.11 14.03 -0.08
CA LEU D 124 -2.04 14.18 1.02
C LEU D 124 -2.91 12.94 1.15
N TYR D 125 -2.33 11.78 0.83
CA TYR D 125 -3.07 10.52 0.94
C TYR D 125 -3.39 10.24 2.41
N TYR D 126 -2.38 10.30 3.27
CA TYR D 126 -2.53 10.06 4.69
C TYR D 126 -2.66 11.39 5.43
N ASP D 127 -2.99 11.29 6.71
CA ASP D 127 -3.18 12.47 7.54
C ASP D 127 -1.84 13.05 7.98
N VAL D 128 -1.89 14.17 8.70
CA VAL D 128 -0.70 14.91 9.09
C VAL D 128 -0.16 14.42 10.43
N ASP D 129 -0.73 13.36 10.97
CA ASP D 129 -0.31 12.86 12.28
C ASP D 129 1.17 12.54 12.41
N PRO D 130 1.80 11.80 11.49
CA PRO D 130 3.19 11.39 11.71
C PRO D 130 4.24 12.46 11.43
N PHE D 131 3.84 13.72 11.28
CA PHE D 131 4.77 14.77 10.88
C PHE D 131 4.88 15.87 11.92
N LEU D 132 6.08 16.42 12.01
CA LEU D 132 6.38 17.62 12.77
C LEU D 132 6.67 18.75 11.79
N PHE D 133 5.98 19.87 11.94
CA PHE D 133 6.07 21.01 11.04
C PHE D 133 6.80 22.16 11.69
N TYR D 134 7.95 22.53 11.12
CA TYR D 134 8.76 23.65 11.58
C TYR D 134 8.48 24.85 10.68
N CYS D 135 7.88 25.90 11.25
CA CYS D 135 7.39 27.06 10.50
C CYS D 135 8.22 28.29 10.83
N MET D 136 8.78 28.93 9.81
CA MET D 136 9.57 30.14 9.95
C MET D 136 8.70 31.37 9.69
N THR D 137 8.73 32.34 10.61
CA THR D 137 7.86 33.50 10.53
C THR D 137 8.65 34.80 10.66
N ARG D 138 7.98 35.89 10.29
CA ARG D 138 8.48 37.26 10.45
C ARG D 138 7.53 38.02 11.36
N ARG D 139 8.04 38.50 12.48
CA ARG D 139 7.19 39.22 13.43
C ARG D 139 6.83 40.61 12.90
N ASP D 140 5.59 41.01 13.18
CA ASP D 140 5.06 42.29 12.74
C ASP D 140 4.23 42.85 13.88
N GLU D 141 3.64 44.03 13.67
CA GLU D 141 2.74 44.55 14.69
C GLU D 141 1.49 43.69 14.78
N LEU D 142 1.15 42.99 13.70
CA LEU D 142 0.00 42.10 13.69
C LEU D 142 0.32 40.75 14.31
N GLY D 143 1.55 40.26 14.16
CA GLY D 143 1.96 39.00 14.72
C GLY D 143 3.01 38.33 13.83
N HIS D 144 3.17 37.03 14.06
CA HIS D 144 4.11 36.21 13.30
C HIS D 144 3.47 35.79 11.97
N HIS D 145 4.15 36.08 10.87
CA HIS D 145 3.66 35.79 9.52
C HIS D 145 4.45 34.64 8.92
N LEU D 146 3.75 33.54 8.63
CA LEU D 146 4.39 32.37 8.02
C LEU D 146 4.96 32.72 6.65
N VAL D 147 6.24 32.44 6.45
CA VAL D 147 6.89 32.67 5.17
C VAL D 147 7.41 31.39 4.54
N GLY D 148 7.63 30.34 5.31
CA GLY D 148 8.13 29.09 4.78
C GLY D 148 8.15 28.06 5.89
N TYR D 149 8.27 26.79 5.47
CA TYR D 149 8.29 25.69 6.42
C TYR D 149 9.05 24.52 5.83
N PHE D 150 9.40 23.57 6.70
CA PHE D 150 9.90 22.26 6.27
C PHE D 150 9.39 21.21 7.24
N SER D 151 8.72 20.18 6.71
CA SER D 151 8.16 19.11 7.51
C SER D 151 9.20 18.02 7.74
N LYS D 152 9.01 17.28 8.83
CA LYS D 152 9.98 16.28 9.25
C LYS D 152 9.26 15.12 9.89
N GLU D 153 9.57 13.90 9.44
CA GLU D 153 8.98 12.71 10.03
C GLU D 153 9.40 12.58 11.49
N LYS D 154 8.47 12.14 12.34
CA LYS D 154 8.72 12.09 13.77
C LYS D 154 9.95 11.23 14.09
N GLU D 155 10.02 10.03 13.54
CA GLU D 155 11.19 9.15 13.75
C GLU D 155 11.54 8.49 12.42
N SER D 156 12.27 9.22 11.58
CA SER D 156 12.64 8.71 10.26
C SER D 156 13.75 7.68 10.38
N ALA D 157 13.47 6.46 9.93
CA ALA D 157 14.50 5.42 9.93
C ALA D 157 15.45 5.58 8.76
N ASP D 158 15.05 6.29 7.72
CA ASP D 158 15.87 6.51 6.55
C ASP D 158 16.82 7.69 6.73
N GLY D 159 16.76 8.36 7.87
CA GLY D 159 17.62 9.50 8.14
C GLY D 159 17.20 10.75 7.40
N TYR D 160 15.92 10.87 7.06
CA TYR D 160 15.40 12.03 6.35
C TYR D 160 15.05 13.13 7.36
N ASN D 161 15.86 14.18 7.40
CA ASN D 161 15.61 15.31 8.28
C ASN D 161 14.65 16.32 7.68
N VAL D 162 14.31 16.20 6.40
CA VAL D 162 13.35 17.09 5.75
C VAL D 162 12.45 16.26 4.84
N ALA D 163 11.15 16.31 5.08
CA ALA D 163 10.19 15.63 4.20
C ALA D 163 9.83 16.51 3.02
N CYS D 164 9.05 17.56 3.26
CA CYS D 164 8.74 18.57 2.26
C CYS D 164 9.18 19.93 2.77
N ILE D 165 9.76 20.73 1.87
CA ILE D 165 10.24 22.06 2.21
C ILE D 165 9.69 23.05 1.19
N LEU D 166 9.24 24.21 1.68
CA LEU D 166 8.56 25.18 0.83
C LEU D 166 8.75 26.60 1.32
N THR D 167 9.08 27.51 0.41
CA THR D 167 9.07 28.95 0.66
C THR D 167 7.95 29.56 -0.16
N LEU D 168 7.01 30.24 0.51
CA LEU D 168 5.85 30.78 -0.17
C LEU D 168 6.25 31.77 -1.28
N PRO D 169 5.58 31.74 -2.43
CA PRO D 169 6.02 32.56 -3.58
C PRO D 169 6.11 34.04 -3.29
N GLN D 170 5.30 34.57 -2.37
CA GLN D 170 5.33 35.99 -2.09
C GLN D 170 6.52 36.41 -1.25
N TYR D 171 7.31 35.45 -0.77
CA TYR D 171 8.53 35.70 -0.02
C TYR D 171 9.72 35.08 -0.71
N GLN D 172 9.67 35.01 -2.03
CA GLN D 172 10.73 34.37 -2.79
C GLN D 172 11.92 35.31 -2.99
N ARG D 173 13.06 34.70 -3.28
CA ARG D 173 14.30 35.41 -3.63
C ARG D 173 14.73 36.39 -2.55
N MET D 174 14.63 35.96 -1.29
CA MET D 174 15.07 36.79 -0.17
C MET D 174 15.95 36.02 0.80
N GLY D 175 16.34 34.80 0.45
CA GLY D 175 17.21 34.00 1.29
C GLY D 175 16.50 33.20 2.36
N TYR D 176 15.17 33.13 2.32
CA TYR D 176 14.46 32.33 3.31
C TYR D 176 14.68 30.85 3.07
N GLY D 177 14.79 30.43 1.81
CA GLY D 177 15.00 29.03 1.51
C GLY D 177 16.31 28.50 2.04
N LYS D 178 17.34 29.35 2.05
CA LYS D 178 18.62 28.92 2.58
C LYS D 178 18.60 28.86 4.09
N LEU D 179 17.71 29.61 4.73
CA LEU D 179 17.55 29.57 6.17
C LEU D 179 16.79 28.32 6.61
N LEU D 180 15.78 27.92 5.83
CA LEU D 180 15.04 26.70 6.12
C LEU D 180 15.97 25.50 6.09
N ILE D 181 16.80 25.42 5.05
CA ILE D 181 17.77 24.33 4.94
C ILE D 181 18.76 24.39 6.09
N GLU D 182 19.28 25.58 6.39
CA GLU D 182 20.26 25.72 7.45
C GLU D 182 19.67 25.37 8.80
N PHE D 183 18.41 25.76 9.04
CA PHE D 183 17.77 25.44 10.31
C PHE D 183 17.47 23.95 10.42
N SER D 184 17.18 23.30 9.29
CA SER D 184 16.91 21.87 9.31
C SER D 184 18.14 21.10 9.76
N TYR D 185 19.31 21.44 9.23
CA TYR D 185 20.53 20.79 9.65
C TYR D 185 20.90 21.19 11.07
N GLU D 186 20.46 22.38 11.51
CA GLU D 186 20.73 22.82 12.87
C GLU D 186 20.01 21.94 13.88
N LEU D 187 18.80 21.49 13.54
CA LEU D 187 18.10 20.55 14.41
C LEU D 187 18.81 19.22 14.45
N SER D 188 19.36 18.79 13.31
CA SER D 188 20.08 17.53 13.24
C SER D 188 21.37 17.60 14.04
N LYS D 189 22.03 18.75 14.04
CA LYS D 189 23.24 18.92 14.83
C LYS D 189 22.93 18.81 16.32
N LYS D 190 21.75 19.30 16.73
CA LYS D 190 21.32 19.20 18.12
C LYS D 190 20.89 17.78 18.47
N GLU D 191 20.37 17.04 17.49
CA GLU D 191 19.92 15.67 17.71
C GLU D 191 21.06 14.67 17.71
N ASN D 192 22.28 15.10 17.37
CA ASN D 192 23.42 14.21 17.18
C ASN D 192 23.10 13.12 16.16
N LYS D 193 22.44 13.52 15.07
CA LYS D 193 22.03 12.62 14.00
C LYS D 193 22.34 13.22 12.65
N VAL D 194 22.80 12.39 11.72
CA VAL D 194 23.04 12.83 10.35
C VAL D 194 21.71 12.86 9.62
N GLY D 195 21.61 13.72 8.60
CA GLY D 195 20.35 13.91 7.91
C GLY D 195 20.54 14.25 6.45
N SER D 196 19.47 14.03 5.68
CA SER D 196 19.46 14.33 4.27
C SER D 196 18.02 14.60 3.86
N PRO D 197 17.77 15.56 2.97
CA PRO D 197 16.39 15.83 2.54
C PRO D 197 15.84 14.62 1.80
N GLN D 198 14.51 14.48 1.84
CA GLN D 198 13.89 13.35 1.16
C GLN D 198 14.23 13.45 -0.31
N LYS D 199 14.59 12.31 -0.92
CA LYS D 199 15.30 12.33 -2.19
C LYS D 199 14.58 13.01 -3.37
N PRO D 200 13.22 12.94 -3.55
CA PRO D 200 12.69 13.56 -4.78
C PRO D 200 12.55 15.07 -4.68
N LEU D 201 13.69 15.76 -4.75
CA LEU D 201 13.73 17.22 -4.65
C LEU D 201 13.35 17.89 -5.96
N SER D 202 12.72 19.06 -5.84
CA SER D 202 12.33 19.87 -6.99
C SER D 202 13.56 20.58 -7.57
N ASP D 203 13.37 21.16 -8.74
CA ASP D 203 14.45 21.91 -9.39
C ASP D 203 14.92 23.05 -8.51
N LEU D 204 13.97 23.79 -7.91
CA LEU D 204 14.32 24.92 -7.05
C LEU D 204 15.03 24.45 -5.79
N GLY D 205 14.52 23.37 -5.18
CA GLY D 205 15.12 22.87 -3.96
C GLY D 205 16.46 22.20 -4.18
N LEU D 206 16.67 21.61 -5.36
CA LEU D 206 17.92 20.93 -5.62
C LEU D 206 19.10 21.90 -5.62
N LEU D 207 18.93 23.07 -6.23
CA LEU D 207 19.99 24.07 -6.23
C LEU D 207 20.23 24.62 -4.82
N SER D 208 19.14 24.91 -4.10
CA SER D 208 19.27 25.49 -2.77
C SER D 208 20.05 24.55 -1.84
N TYR D 209 19.86 23.24 -1.99
CA TYR D 209 20.58 22.30 -1.16
C TYR D 209 22.02 22.15 -1.64
N ARG D 210 22.24 22.19 -2.96
CA ARG D 210 23.60 22.15 -3.48
C ARG D 210 24.38 23.39 -3.08
N ALA D 211 23.69 24.53 -2.93
CA ALA D 211 24.35 25.74 -2.49
C ALA D 211 24.77 25.64 -1.03
N TYR D 212 23.87 25.14 -0.18
CA TYR D 212 24.19 24.99 1.24
C TYR D 212 25.28 23.95 1.46
N TRP D 213 25.24 22.86 0.69
CA TRP D 213 26.22 21.79 0.87
C TRP D 213 27.62 22.27 0.52
N SER D 214 27.77 23.00 -0.58
CA SER D 214 29.10 23.43 -1.00
C SER D 214 29.64 24.53 -0.09
N ASP D 215 28.77 25.44 0.36
CA ASP D 215 29.21 26.56 1.18
C ASP D 215 29.69 26.10 2.56
N THR D 216 28.90 25.25 3.22
CA THR D 216 29.30 24.78 4.54
C THR D 216 30.49 23.85 4.47
N LEU D 217 30.73 23.24 3.32
CA LEU D 217 31.87 22.34 3.16
C LEU D 217 33.18 23.13 3.02
N ILE D 218 33.21 24.10 2.11
CA ILE D 218 34.42 24.89 1.91
C ILE D 218 34.74 25.71 3.16
N THR D 219 33.72 26.17 3.87
CA THR D 219 33.96 26.91 5.10
C THR D 219 34.59 26.01 6.15
N LEU D 220 34.18 24.75 6.19
CA LEU D 220 34.72 23.80 7.16
C LEU D 220 36.13 23.38 6.78
N LEU D 221 36.34 23.03 5.51
CA LEU D 221 37.64 22.50 5.08
C LEU D 221 38.75 23.54 5.20
N VAL D 222 38.45 24.80 4.86
CA VAL D 222 39.48 25.84 4.93
C VAL D 222 39.89 26.11 6.37
N GLU D 223 38.91 26.29 7.26
CA GLU D 223 39.19 26.66 8.64
C GLU D 223 39.69 25.51 9.50
N HIS D 224 39.63 24.27 9.01
CA HIS D 224 40.00 23.14 9.85
C HIS D 224 41.52 23.01 9.98
N GLN D 225 42.26 23.30 8.91
CA GLN D 225 43.72 23.25 8.90
C GLN D 225 44.26 21.84 9.16
N LYS D 226 43.91 21.26 10.31
CA LYS D 226 44.34 19.90 10.63
C LYS D 226 43.69 18.91 9.66
N GLU D 227 44.27 17.71 9.60
CA GLU D 227 43.73 16.66 8.73
C GLU D 227 42.30 16.31 9.13
N ILE D 228 41.43 16.18 8.13
CA ILE D 228 40.00 15.95 8.30
C ILE D 228 39.63 14.58 7.76
N THR D 229 38.51 14.06 8.26
CA THR D 229 37.95 12.79 7.80
C THR D 229 36.53 13.01 7.28
N ILE D 230 36.14 12.20 6.30
CA ILE D 230 34.79 12.27 5.76
C ILE D 230 33.76 12.05 6.86
N ASP D 231 34.04 11.08 7.74
CA ASP D 231 33.15 10.82 8.85
C ASP D 231 33.14 11.98 9.84
N GLU D 232 34.25 12.71 9.94
CA GLU D 232 34.32 13.85 10.83
C GLU D 232 33.55 15.04 10.27
N ILE D 233 33.59 15.22 8.95
CA ILE D 233 32.79 16.25 8.31
C ILE D 233 31.31 15.98 8.56
N SER D 234 30.92 14.71 8.47
CA SER D 234 29.54 14.32 8.73
C SER D 234 29.17 14.54 10.19
N SER D 235 30.14 14.52 11.09
CA SER D 235 29.86 14.73 12.50
C SER D 235 29.64 16.21 12.81
N MET D 236 30.38 17.09 12.12
CA MET D 236 30.28 18.52 12.40
C MET D 236 29.12 19.17 11.67
N THR D 237 28.76 18.66 10.50
CA THR D 237 27.73 19.27 9.66
C THR D 237 26.44 18.48 9.64
N SER D 238 26.41 17.29 10.24
CA SER D 238 25.25 16.40 10.24
C SER D 238 24.80 16.03 8.83
N MET D 239 25.69 16.12 7.86
CA MET D 239 25.41 15.71 6.49
C MET D 239 25.77 14.24 6.31
N THR D 240 25.00 13.57 5.45
CA THR D 240 25.29 12.17 5.14
C THR D 240 26.57 12.08 4.31
N THR D 241 27.27 10.95 4.45
CA THR D 241 28.50 10.77 3.71
C THR D 241 28.26 10.81 2.21
N THR D 242 27.05 10.48 1.77
CA THR D 242 26.74 10.54 0.34
C THR D 242 26.66 11.99 -0.13
N ASP D 243 25.98 12.84 0.64
CA ASP D 243 25.88 14.25 0.26
C ASP D 243 27.24 14.93 0.27
N ILE D 244 28.14 14.49 1.15
CA ILE D 244 29.47 15.09 1.23
C ILE D 244 30.31 14.72 0.02
N LEU D 245 30.36 13.42 -0.31
CA LEU D 245 31.18 12.98 -1.43
C LEU D 245 30.61 13.45 -2.76
N HIS D 246 29.30 13.60 -2.85
CA HIS D 246 28.70 14.12 -4.07
C HIS D 246 29.01 15.60 -4.22
N THR D 247 29.06 16.32 -3.09
CA THR D 247 29.47 17.72 -3.12
C THR D 247 30.96 17.84 -3.40
N ALA D 248 31.75 16.87 -2.93
CA ALA D 248 33.19 16.88 -3.19
C ALA D 248 33.51 16.61 -4.64
N LYS D 249 32.59 15.99 -5.38
CA LYS D 249 32.79 15.77 -6.81
C LYS D 249 32.32 16.97 -7.62
N THR D 250 31.26 17.64 -7.17
CA THR D 250 30.78 18.84 -7.86
C THR D 250 31.89 19.89 -7.89
N LEU D 251 32.58 20.05 -6.78
CA LEU D 251 33.77 20.89 -6.72
C LEU D 251 34.98 20.03 -7.07
N ASN D 252 36.12 20.66 -7.25
CA ASN D 252 37.34 19.92 -7.55
C ASN D 252 38.14 19.62 -6.29
N ILE D 253 37.46 19.40 -5.17
CA ILE D 253 38.12 19.22 -3.88
C ILE D 253 38.96 17.96 -3.85
N LEU D 254 38.38 16.83 -4.27
CA LEU D 254 39.00 15.52 -4.11
C LEU D 254 39.87 15.19 -5.31
N ARG D 255 41.18 15.08 -5.08
CA ARG D 255 42.15 14.70 -6.10
C ARG D 255 42.99 13.54 -5.59
N TYR D 256 43.33 12.62 -6.50
CA TYR D 256 44.14 11.44 -6.17
C TYR D 256 45.54 11.61 -6.78
N TYR D 257 46.47 12.11 -5.96
CA TYR D 257 47.82 12.40 -6.42
C TYR D 257 48.84 11.58 -5.63
N LYS D 258 49.65 10.78 -6.36
CA LYS D 258 50.73 9.98 -5.81
C LYS D 258 50.24 8.96 -4.78
N GLY D 259 49.33 8.09 -5.23
CA GLY D 259 48.94 6.92 -4.45
C GLY D 259 48.24 7.19 -3.16
N GLN D 260 47.57 8.34 -3.02
CA GLN D 260 46.82 8.62 -1.80
C GLN D 260 45.79 9.70 -2.09
N HIS D 261 44.71 9.68 -1.32
CA HIS D 261 43.63 10.65 -1.45
C HIS D 261 43.94 11.88 -0.62
N ILE D 262 43.83 13.06 -1.23
CA ILE D 262 44.07 14.33 -0.56
C ILE D 262 43.00 15.33 -0.98
N ILE D 263 42.94 16.44 -0.24
CA ILE D 263 42.00 17.53 -0.52
C ILE D 263 42.76 18.70 -1.15
N PHE D 264 42.28 19.15 -2.31
CA PHE D 264 42.89 20.24 -3.06
C PHE D 264 41.95 21.45 -3.05
N LEU D 265 42.32 22.50 -2.32
CA LEU D 265 41.54 23.73 -2.26
C LEU D 265 42.20 24.79 -3.15
N ASN D 266 41.97 24.70 -4.45
CA ASN D 266 42.59 25.62 -5.39
C ASN D 266 42.00 27.03 -5.23
N GLU D 267 42.51 27.95 -6.05
CA GLU D 267 42.14 29.36 -5.93
C GLU D 267 40.68 29.59 -6.29
N ASP D 268 40.14 28.81 -7.23
CA ASP D 268 38.73 28.97 -7.59
C ASP D 268 37.81 28.71 -6.41
N ILE D 269 38.20 27.79 -5.53
CA ILE D 269 37.43 27.52 -4.33
C ILE D 269 37.64 28.63 -3.30
N LEU D 270 38.89 29.06 -3.14
CA LEU D 270 39.21 30.09 -2.17
C LEU D 270 38.61 31.44 -2.57
N ASP D 271 38.33 31.63 -3.86
CA ASP D 271 37.64 32.84 -4.29
C ASP D 271 36.20 32.83 -3.79
N ARG D 272 35.56 31.66 -3.80
CA ARG D 272 34.21 31.54 -3.25
C ARG D 272 34.22 31.61 -1.73
N TYR D 273 35.31 31.16 -1.10
CA TYR D 273 35.42 31.25 0.35
C TYR D 273 35.49 32.69 0.81
N ASN D 274 36.29 33.51 0.12
CA ASN D 274 36.41 34.92 0.51
C ASN D 274 35.11 35.67 0.29
N ARG D 275 34.42 35.37 -0.82
CA ARG D 275 33.11 35.98 -1.07
C ARG D 275 32.09 35.58 -0.01
N LEU D 276 32.09 34.31 0.39
CA LEU D 276 31.13 33.85 1.38
C LEU D 276 31.33 34.55 2.71
N LYS D 277 32.59 34.76 3.09
CA LYS D 277 32.88 35.46 4.34
C LYS D 277 32.52 36.93 4.25
N ALA D 278 32.63 37.51 3.07
CA ALA D 278 32.28 38.91 2.85
C ALA D 278 30.79 39.08 2.61
N LYS D 279 30.09 38.00 2.24
CA LYS D 279 28.66 38.06 2.00
C LYS D 279 27.92 38.42 3.29
N LYS D 280 26.85 39.20 3.13
CA LYS D 280 26.07 39.71 4.26
C LYS D 280 24.68 39.07 4.32
N ARG D 281 24.62 37.76 4.15
CA ARG D 281 23.35 37.04 4.22
C ARG D 281 23.04 36.61 5.64
N ARG D 282 21.76 36.49 5.93
CA ARG D 282 21.29 36.06 7.24
C ARG D 282 21.66 34.60 7.50
N THR D 283 22.11 34.32 8.72
CA THR D 283 22.48 32.97 9.13
C THR D 283 21.74 32.59 10.42
N ILE D 284 21.68 31.29 10.67
CA ILE D 284 21.03 30.72 11.86
C ILE D 284 22.01 30.72 13.02
N ASP D 285 21.60 31.27 14.16
CA ASP D 285 22.46 31.35 15.32
C ASP D 285 22.16 30.20 16.29
N PRO D 286 23.05 29.21 16.41
CA PRO D 286 22.74 28.05 17.27
C PRO D 286 22.47 28.42 18.72
N ASN D 287 22.98 29.55 19.20
CA ASN D 287 22.78 29.92 20.59
C ASN D 287 21.36 30.37 20.89
N ARG D 288 20.58 30.72 19.88
CA ARG D 288 19.21 31.17 20.07
C ARG D 288 18.20 30.05 19.88
N LEU D 289 18.67 28.81 19.72
CA LEU D 289 17.82 27.64 19.55
C LEU D 289 17.59 26.97 20.90
N ILE D 290 16.52 27.36 21.58
CA ILE D 290 16.12 26.75 22.84
C ILE D 290 15.16 25.61 22.49
N TRP D 291 15.72 24.42 22.27
CA TRP D 291 14.91 23.30 21.78
C TRP D 291 15.57 21.99 22.13
N LYS D 292 14.82 21.10 22.84
CA LYS D 292 15.25 19.73 23.10
C LYS D 292 14.46 18.76 22.23
N PRO D 293 15.15 17.81 21.61
CA PRO D 293 14.51 16.86 20.68
C PRO D 293 13.30 16.18 21.28
N PRO D 294 12.17 16.17 20.57
CA PRO D 294 10.95 15.53 21.08
C PRO D 294 11.18 14.05 21.33
N VAL D 295 10.70 13.55 22.46
CA VAL D 295 10.80 12.15 22.84
C VAL D 295 9.43 11.52 22.71
N PHE D 296 9.30 10.56 21.78
CA PHE D 296 8.07 9.83 21.53
C PHE D 296 8.18 8.40 22.02
N THR D 297 7.09 7.89 22.61
CA THR D 297 7.03 6.49 23.01
C THR D 297 6.45 5.67 21.86
N ALA D 298 6.33 4.36 22.08
CA ALA D 298 5.78 3.50 21.05
C ALA D 298 4.31 3.80 20.81
N SER D 299 3.59 4.24 21.84
CA SER D 299 2.17 4.53 21.68
C SER D 299 1.95 5.84 20.93
N GLN D 300 2.82 6.83 21.14
CA GLN D 300 2.65 8.12 20.49
C GLN D 300 2.97 8.07 19.00
N LEU D 301 3.74 7.08 18.55
CA LEU D 301 4.08 6.95 17.13
C LEU D 301 3.01 6.16 16.38
N ARG D 302 1.74 6.49 16.63
CA ARG D 302 0.62 5.90 15.92
C ARG D 302 -0.41 6.98 15.65
N PHE D 303 -1.36 6.66 14.78
CA PHE D 303 -2.46 7.58 14.51
C PHE D 303 -3.43 7.62 15.69
N ALA D 304 -3.93 8.81 15.99
CA ALA D 304 -4.79 9.00 17.14
C ALA D 304 -6.05 8.16 17.04
N TRP D 305 -6.54 7.69 18.19
CA TRP D 305 -7.72 6.85 18.25
C TRP D 305 -8.67 7.32 19.34
N MET E 14 -16.67 -20.34 -7.37
CA MET E 14 -15.78 -19.96 -8.46
C MET E 14 -14.36 -19.73 -7.96
N THR E 15 -13.53 -20.77 -7.97
CA THR E 15 -12.17 -20.66 -7.47
C THR E 15 -11.13 -21.25 -8.40
N GLN E 16 -9.89 -21.37 -7.90
CA GLN E 16 -8.77 -21.84 -8.69
C GLN E 16 -7.94 -22.84 -7.88
N ASN E 17 -7.33 -23.78 -8.59
CA ASN E 17 -6.61 -24.89 -7.94
C ASN E 17 -5.40 -24.36 -7.18
N PRO E 18 -5.33 -24.57 -5.86
CA PRO E 18 -4.16 -24.06 -5.12
C PRO E 18 -2.89 -24.85 -5.35
N HIS E 19 -2.97 -26.03 -5.96
CA HIS E 19 -1.80 -26.85 -6.22
C HIS E 19 -1.31 -26.67 -7.64
N GLU E 20 -1.84 -25.67 -8.34
CA GLU E 20 -1.40 -25.34 -9.68
C GLU E 20 -0.03 -24.67 -9.64
N VAL E 21 0.91 -25.18 -10.44
CA VAL E 21 2.27 -24.65 -10.45
C VAL E 21 2.27 -23.25 -11.03
N ALA E 22 2.78 -22.29 -10.26
CA ALA E 22 2.90 -20.89 -10.68
C ALA E 22 4.37 -20.59 -10.99
N ARG E 23 4.72 -20.63 -12.27
CA ARG E 23 6.09 -20.37 -12.73
C ARG E 23 6.05 -19.27 -13.78
N VAL E 24 6.93 -18.29 -13.63
CA VAL E 24 6.97 -17.14 -14.53
C VAL E 24 7.53 -17.57 -15.88
N ARG E 25 6.70 -17.53 -16.92
CA ARG E 25 7.13 -17.83 -18.27
C ARG E 25 6.48 -16.85 -19.23
N ASN E 26 7.31 -16.22 -20.07
CA ASN E 26 6.78 -15.36 -21.12
C ASN E 26 6.17 -16.21 -22.24
N LEU E 27 5.27 -15.61 -22.99
CA LEU E 27 4.64 -16.33 -24.09
C LEU E 27 5.65 -16.54 -25.21
N ASN E 28 5.57 -17.70 -25.86
CA ASN E 28 6.52 -18.03 -26.93
C ASN E 28 6.34 -17.09 -28.12
N ARG E 29 5.14 -17.04 -28.69
CA ARG E 29 4.85 -16.20 -29.84
C ARG E 29 3.34 -16.10 -30.06
N ILE E 30 2.82 -14.88 -30.18
CA ILE E 30 1.39 -14.63 -30.33
C ILE E 30 1.06 -14.33 -31.78
N ILE E 31 -0.19 -14.58 -32.15
CA ILE E 31 -0.69 -14.32 -33.50
C ILE E 31 -1.91 -13.42 -33.38
N MET E 32 -1.71 -12.11 -33.38
CA MET E 32 -2.80 -11.16 -33.23
C MET E 32 -3.30 -10.76 -34.62
N GLY E 33 -4.50 -11.23 -34.97
CA GLY E 33 -5.06 -10.96 -36.29
C GLY E 33 -4.30 -11.68 -37.37
N LYS E 34 -3.63 -10.92 -38.23
CA LYS E 34 -2.84 -11.49 -39.31
C LYS E 34 -1.34 -11.49 -39.03
N TYR E 35 -0.91 -10.86 -37.94
CA TYR E 35 0.50 -10.68 -37.64
C TYR E 35 0.96 -11.59 -36.50
N GLU E 36 2.22 -12.03 -36.61
CA GLU E 36 2.86 -12.90 -35.64
C GLU E 36 3.87 -12.06 -34.84
N ILE E 37 3.59 -11.88 -33.55
CA ILE E 37 4.38 -10.99 -32.70
C ILE E 37 5.12 -11.80 -31.65
N GLU E 38 6.28 -11.29 -31.22
CA GLU E 38 7.07 -11.93 -30.17
C GLU E 38 7.06 -11.07 -28.92
N PRO E 39 6.55 -11.59 -27.80
CA PRO E 39 6.51 -10.79 -26.57
C PRO E 39 7.89 -10.53 -26.01
N TRP E 40 8.07 -9.34 -25.45
CA TRP E 40 9.34 -8.98 -24.82
C TRP E 40 9.32 -9.18 -23.31
N TYR E 41 8.19 -8.95 -22.65
CA TYR E 41 8.10 -9.03 -21.21
C TYR E 41 6.98 -9.98 -20.80
N PHE E 42 6.97 -10.33 -19.51
CA PHE E 42 5.97 -11.25 -18.97
C PHE E 42 4.63 -10.58 -18.77
N SER E 43 3.56 -11.29 -19.12
CA SER E 43 2.21 -10.82 -18.88
C SER E 43 1.41 -11.93 -18.22
N PRO E 44 0.66 -11.63 -17.16
CA PRO E 44 0.00 -12.69 -16.39
C PRO E 44 -1.15 -13.39 -17.12
N TYR E 45 -0.87 -13.96 -18.29
CA TYR E 45 -1.84 -14.81 -18.96
C TYR E 45 -1.99 -16.12 -18.18
N PRO E 46 -3.06 -16.87 -18.41
CA PRO E 46 -3.21 -18.16 -17.73
C PRO E 46 -1.97 -19.02 -17.89
N ILE E 47 -1.59 -19.72 -16.81
CA ILE E 47 -0.32 -20.45 -16.81
C ILE E 47 -0.34 -21.56 -17.84
N GLU E 48 -1.51 -22.08 -18.20
CA GLU E 48 -1.57 -23.13 -19.19
C GLU E 48 -1.14 -22.63 -20.56
N LEU E 49 -1.33 -21.34 -20.82
CA LEU E 49 -1.01 -20.81 -22.13
C LEU E 49 0.45 -20.43 -22.23
N THR E 50 1.13 -20.30 -21.11
CA THR E 50 2.52 -19.89 -21.09
C THR E 50 3.46 -20.96 -21.63
N ASP E 51 2.96 -22.18 -21.81
CA ASP E 51 3.80 -23.24 -22.36
C ASP E 51 3.20 -23.76 -23.66
N GLU E 52 2.87 -22.85 -24.57
CA GLU E 52 2.31 -23.20 -25.86
C GLU E 52 3.16 -22.62 -26.99
N ASP E 53 3.10 -23.27 -28.15
CA ASP E 53 3.87 -22.78 -29.30
C ASP E 53 3.32 -21.46 -29.81
N PHE E 54 2.00 -21.38 -30.03
CA PHE E 54 1.33 -20.21 -30.56
C PHE E 54 0.10 -19.88 -29.71
N ILE E 55 -0.12 -18.59 -29.47
CA ILE E 55 -1.30 -18.10 -28.79
C ILE E 55 -2.01 -17.12 -29.72
N TYR E 56 -3.32 -17.27 -29.87
CA TYR E 56 -4.11 -16.48 -30.80
C TYR E 56 -4.79 -15.32 -30.07
N ILE E 57 -4.59 -14.11 -30.57
CA ILE E 57 -5.21 -12.90 -30.04
C ILE E 57 -6.23 -12.41 -31.06
N ASP E 58 -7.50 -12.42 -30.67
CA ASP E 58 -8.55 -11.88 -31.52
C ASP E 58 -8.30 -10.40 -31.79
N ASP E 59 -8.31 -10.01 -33.06
CA ASP E 59 -7.99 -8.64 -33.42
C ASP E 59 -9.19 -7.71 -33.29
N PHE E 60 -10.26 -8.15 -32.66
CA PHE E 60 -11.42 -7.32 -32.36
C PHE E 60 -11.69 -7.23 -30.87
N THR E 61 -11.65 -8.36 -30.16
CA THR E 61 -11.91 -8.41 -28.73
C THR E 61 -10.67 -8.60 -27.88
N LEU E 62 -9.51 -8.83 -28.51
CA LEU E 62 -8.24 -9.08 -27.82
C LEU E 62 -8.28 -10.33 -26.95
N GLN E 63 -9.20 -11.24 -27.24
CA GLN E 63 -9.31 -12.46 -26.48
C GLN E 63 -8.18 -13.42 -26.83
N TYR E 64 -7.66 -14.11 -25.81
CA TYR E 64 -6.54 -15.02 -25.94
C TYR E 64 -7.01 -16.46 -26.10
N PHE E 65 -6.25 -17.23 -26.87
CA PHE E 65 -6.59 -18.63 -27.11
C PHE E 65 -5.32 -19.46 -27.23
N GLY E 66 -5.37 -20.66 -26.66
CA GLY E 66 -4.26 -21.60 -26.77
C GLY E 66 -4.59 -22.72 -27.74
N SER E 67 -5.87 -22.96 -27.98
CA SER E 67 -6.33 -23.97 -28.92
C SER E 67 -6.82 -23.29 -30.20
N LYS E 68 -6.29 -23.74 -31.34
CA LYS E 68 -6.66 -23.14 -32.61
C LYS E 68 -8.12 -23.38 -32.94
N LYS E 69 -8.68 -24.52 -32.51
CA LYS E 69 -10.06 -24.83 -32.83
C LYS E 69 -11.02 -23.88 -32.13
N GLN E 70 -10.73 -23.53 -30.86
CA GLN E 70 -11.58 -22.57 -30.16
C GLN E 70 -11.54 -21.21 -30.83
N TYR E 71 -10.37 -20.81 -31.32
CA TYR E 71 -10.24 -19.54 -32.01
C TYR E 71 -11.06 -19.52 -33.29
N GLU E 72 -11.24 -20.70 -33.91
CA GLU E 72 -12.09 -20.80 -35.10
C GLU E 72 -13.55 -20.61 -34.72
N ARG E 73 -14.02 -21.33 -33.70
CA ARG E 73 -15.41 -21.21 -33.27
C ARG E 73 -15.71 -19.82 -32.76
N TYR E 74 -14.70 -19.16 -32.18
CA TYR E 74 -14.90 -17.83 -31.63
C TYR E 74 -15.12 -16.80 -32.73
N ARG E 75 -14.29 -16.84 -33.77
CA ARG E 75 -14.41 -15.89 -34.87
C ARG E 75 -15.76 -16.03 -35.58
N LYS E 76 -16.24 -17.26 -35.73
CA LYS E 76 -17.50 -17.50 -36.42
C LYS E 76 -18.71 -17.01 -35.63
N LYS E 77 -18.53 -16.71 -34.34
CA LYS E 77 -19.61 -16.26 -33.49
C LYS E 77 -19.43 -14.82 -33.03
N CYS E 78 -18.20 -14.29 -33.09
CA CYS E 78 -17.92 -12.94 -32.66
C CYS E 78 -18.45 -11.93 -33.67
N THR E 79 -19.34 -11.05 -33.22
CA THR E 79 -19.94 -10.04 -34.09
C THR E 79 -19.32 -8.67 -33.89
N LEU E 80 -18.40 -8.53 -32.93
CA LEU E 80 -17.75 -7.25 -32.69
C LEU E 80 -16.69 -7.02 -33.75
N ARG E 81 -16.67 -5.82 -34.31
CA ARG E 81 -15.70 -5.46 -35.33
C ARG E 81 -15.01 -4.14 -35.04
N HIS E 82 -15.14 -3.61 -33.82
CA HIS E 82 -14.54 -2.34 -33.45
C HIS E 82 -14.46 -2.27 -31.93
N PRO E 83 -13.52 -1.50 -31.38
CA PRO E 83 -13.42 -1.32 -29.92
C PRO E 83 -14.75 -0.92 -29.30
N PRO E 84 -15.20 -1.65 -28.28
CA PRO E 84 -16.53 -1.42 -27.72
C PRO E 84 -16.70 -0.06 -27.05
N GLY E 85 -16.94 0.97 -27.83
CA GLY E 85 -17.12 2.29 -27.28
C GLY E 85 -17.52 3.27 -28.37
N ASN E 86 -17.60 4.53 -27.99
CA ASN E 86 -17.99 5.57 -28.93
C ASN E 86 -16.78 6.05 -29.73
N GLU E 87 -17.01 6.28 -31.03
CA GLU E 87 -16.00 6.84 -31.92
C GLU E 87 -15.96 8.35 -31.71
N ILE E 88 -14.84 8.85 -31.17
CA ILE E 88 -14.71 10.28 -30.88
C ILE E 88 -13.89 11.01 -31.92
N TYR E 89 -13.29 10.30 -32.87
CA TYR E 89 -12.46 10.91 -33.90
C TYR E 89 -12.36 9.98 -35.09
N ARG E 90 -12.46 10.56 -36.30
CA ARG E 90 -12.33 9.77 -37.52
C ARG E 90 -11.93 10.68 -38.68
N ASP E 91 -10.78 10.39 -39.29
CA ASP E 91 -10.38 11.00 -40.55
C ASP E 91 -10.25 9.89 -41.59
N ASP E 92 -9.66 10.24 -42.73
CA ASP E 92 -9.46 9.28 -43.81
C ASP E 92 -8.31 8.32 -43.53
N TYR E 93 -7.61 8.50 -42.40
CA TYR E 93 -6.47 7.66 -42.05
C TYR E 93 -6.80 6.73 -40.89
N VAL E 94 -7.05 7.27 -39.70
CA VAL E 94 -7.30 6.46 -38.51
C VAL E 94 -8.52 6.97 -37.77
N SER E 95 -8.97 6.18 -36.79
CA SER E 95 -10.09 6.52 -35.92
C SER E 95 -9.66 6.34 -34.47
N PHE E 96 -10.36 7.03 -33.56
CA PHE E 96 -10.08 6.97 -32.14
C PHE E 96 -11.34 6.61 -31.36
N PHE E 97 -11.23 5.65 -30.45
CA PHE E 97 -12.32 5.19 -29.59
C PHE E 97 -12.04 5.47 -28.12
N GLU E 98 -13.01 6.05 -27.43
CA GLU E 98 -12.97 6.29 -25.99
C GLU E 98 -13.71 5.16 -25.29
N ILE E 99 -12.99 4.40 -24.46
CA ILE E 99 -13.57 3.25 -23.78
C ILE E 99 -13.33 3.37 -22.27
N ASP E 100 -14.41 3.25 -21.50
CA ASP E 100 -14.34 3.29 -20.05
C ASP E 100 -13.93 1.92 -19.53
N GLY E 101 -12.97 1.90 -18.60
CA GLY E 101 -12.51 0.64 -18.05
C GLY E 101 -13.52 -0.03 -17.14
N ARG E 102 -14.40 0.76 -16.53
CA ARG E 102 -15.42 0.20 -15.65
C ARG E 102 -16.60 -0.33 -16.44
N LYS E 103 -16.84 0.21 -17.63
CA LYS E 103 -17.95 -0.24 -18.46
C LYS E 103 -17.57 -1.46 -19.30
N GLN E 104 -16.36 -1.47 -19.86
CA GLN E 104 -15.88 -2.58 -20.69
C GLN E 104 -14.76 -3.30 -19.96
N ARG E 105 -15.12 -3.95 -18.83
CA ARG E 105 -14.12 -4.58 -17.99
C ARG E 105 -13.38 -5.70 -18.73
N THR E 106 -14.13 -6.60 -19.37
CA THR E 106 -13.50 -7.71 -20.07
C THR E 106 -12.55 -7.22 -21.16
N TRP E 107 -13.02 -6.28 -21.98
CA TRP E 107 -12.22 -5.81 -23.10
C TRP E 107 -10.97 -5.07 -22.60
N CYS E 108 -11.15 -4.17 -21.65
CA CYS E 108 -10.01 -3.39 -21.18
C CYS E 108 -8.98 -4.28 -20.51
N ARG E 109 -9.43 -5.35 -19.84
CA ARG E 109 -8.51 -6.30 -19.25
C ARG E 109 -7.68 -7.00 -20.32
N ASN E 110 -8.35 -7.46 -21.38
CA ASN E 110 -7.66 -8.13 -22.47
C ASN E 110 -6.65 -7.20 -23.14
N LEU E 111 -6.96 -5.91 -23.20
CA LEU E 111 -6.02 -4.95 -23.76
C LEU E 111 -4.79 -4.83 -22.90
N CYS E 112 -4.97 -4.87 -21.57
CA CYS E 112 -3.85 -4.71 -20.66
C CYS E 112 -2.96 -5.94 -20.66
N LEU E 113 -3.55 -7.12 -20.81
CA LEU E 113 -2.75 -8.34 -20.93
C LEU E 113 -1.90 -8.30 -22.18
N LEU E 114 -2.47 -7.82 -23.29
CA LEU E 114 -1.72 -7.67 -24.52
C LEU E 114 -0.63 -6.63 -24.38
N SER E 115 -0.97 -5.48 -23.79
CA SER E 115 -0.01 -4.39 -23.67
C SER E 115 1.15 -4.72 -22.75
N LYS E 116 0.90 -5.54 -21.71
CA LYS E 116 1.96 -5.88 -20.77
C LYS E 116 3.06 -6.70 -21.44
N LEU E 117 2.73 -7.41 -22.53
CA LEU E 117 3.73 -8.19 -23.24
C LEU E 117 4.85 -7.34 -23.79
N PHE E 118 4.62 -6.04 -24.00
CA PHE E 118 5.58 -5.15 -24.63
C PHE E 118 5.91 -3.94 -23.77
N LEU E 119 5.28 -3.77 -22.62
CA LEU E 119 5.58 -2.70 -21.68
C LEU E 119 6.17 -3.27 -20.40
N ASP E 120 7.38 -2.84 -20.05
CA ASP E 120 8.07 -3.38 -18.88
C ASP E 120 7.55 -2.78 -17.58
N HIS E 121 7.12 -1.53 -17.60
CA HIS E 121 6.70 -0.85 -16.38
C HIS E 121 5.19 -0.70 -16.25
N THR E 123 1.65 -2.29 -14.93
CA THR E 123 1.22 -3.15 -13.83
C THR E 123 -0.26 -3.53 -13.88
N LEU E 124 -0.57 -4.76 -13.49
CA LEU E 124 -1.93 -5.27 -13.44
C LEU E 124 -2.30 -5.59 -12.00
N TYR E 125 -1.80 -4.79 -11.06
CA TYR E 125 -2.13 -4.99 -9.67
C TYR E 125 -3.61 -4.73 -9.41
N TYR E 126 -4.10 -3.56 -9.82
CA TYR E 126 -5.49 -3.18 -9.64
C TYR E 126 -6.28 -3.42 -10.92
N ASP E 127 -7.60 -3.25 -10.82
CA ASP E 127 -8.47 -3.46 -11.96
C ASP E 127 -8.39 -2.28 -12.91
N VAL E 128 -9.09 -2.38 -14.04
CA VAL E 128 -9.03 -1.35 -15.07
C VAL E 128 -10.09 -0.30 -14.82
N ASP E 129 -10.77 -0.38 -13.67
CA ASP E 129 -11.86 0.56 -13.38
C ASP E 129 -11.45 2.03 -13.44
N PRO E 130 -10.35 2.48 -12.84
CA PRO E 130 -10.06 3.91 -12.83
C PRO E 130 -9.46 4.46 -14.11
N PHE E 131 -9.49 3.72 -15.21
CA PHE E 131 -8.81 4.12 -16.42
C PHE E 131 -9.75 4.32 -17.59
N LEU E 132 -9.41 5.31 -18.42
CA LEU E 132 -10.03 5.55 -19.71
C LEU E 132 -9.04 5.16 -20.79
N PHE E 133 -9.46 4.31 -21.73
CA PHE E 133 -8.60 3.77 -22.77
C PHE E 133 -8.97 4.37 -24.12
N TYR E 134 -8.05 5.13 -24.69
CA TYR E 134 -8.23 5.73 -26.01
C TYR E 134 -7.46 4.89 -27.03
N CYS E 135 -8.21 4.25 -27.93
CA CYS E 135 -7.67 3.27 -28.86
C CYS E 135 -7.74 3.80 -30.28
N MET E 136 -6.60 3.81 -30.96
CA MET E 136 -6.49 4.25 -32.35
C MET E 136 -6.55 3.02 -33.26
N THR E 137 -7.41 3.09 -34.27
CA THR E 137 -7.65 1.96 -35.16
C THR E 137 -7.46 2.37 -36.62
N ARG E 138 -7.31 1.36 -37.47
CA ARG E 138 -7.22 1.52 -38.91
C ARG E 138 -8.39 0.76 -39.52
N ARG E 139 -9.28 1.49 -40.20
CA ARG E 139 -10.47 0.87 -40.77
C ARG E 139 -10.13 0.03 -42.00
N ASP E 140 -10.83 -1.08 -42.15
CA ASP E 140 -10.65 -2.01 -43.24
C ASP E 140 -12.03 -2.50 -43.67
N GLU E 141 -12.07 -3.37 -44.68
CA GLU E 141 -13.35 -3.93 -45.08
C GLU E 141 -13.90 -4.84 -44.00
N LEU E 142 -13.03 -5.40 -43.16
CA LEU E 142 -13.43 -6.27 -42.07
C LEU E 142 -13.93 -5.48 -40.87
N GLY E 143 -13.36 -4.31 -40.62
CA GLY E 143 -13.75 -3.46 -39.51
C GLY E 143 -12.56 -2.67 -39.02
N HIS E 144 -12.70 -2.12 -37.82
CA HIS E 144 -11.65 -1.32 -37.20
C HIS E 144 -10.61 -2.23 -36.56
N HIS E 145 -9.35 -2.04 -36.94
CA HIS E 145 -8.23 -2.84 -36.45
C HIS E 145 -7.38 -2.01 -35.48
N LEU E 146 -7.32 -2.44 -34.24
CA LEU E 146 -6.52 -1.75 -33.23
C LEU E 146 -5.05 -1.73 -33.61
N VAL E 147 -4.46 -0.54 -33.62
CA VAL E 147 -3.04 -0.38 -33.93
C VAL E 147 -2.25 0.21 -32.76
N GLY E 148 -2.89 0.90 -31.83
CA GLY E 148 -2.20 1.50 -30.72
C GLY E 148 -3.21 2.12 -29.77
N TYR E 149 -2.75 2.41 -28.56
CA TYR E 149 -3.61 2.97 -27.54
C TYR E 149 -2.78 3.76 -26.54
N PHE E 150 -3.47 4.57 -25.74
CA PHE E 150 -2.86 5.20 -24.57
C PHE E 150 -3.91 5.29 -23.47
N SER E 151 -3.56 4.79 -22.28
CA SER E 151 -4.47 4.79 -21.14
C SER E 151 -4.36 6.10 -20.38
N LYS E 152 -5.43 6.46 -19.69
CA LYS E 152 -5.50 7.75 -19.03
C LYS E 152 -6.34 7.65 -17.76
N GLU E 153 -5.79 8.13 -16.64
CA GLU E 153 -6.53 8.14 -15.38
C GLU E 153 -7.76 9.05 -15.49
N LYS E 154 -8.86 8.62 -14.88
CA LYS E 154 -10.12 9.34 -14.99
C LYS E 154 -9.99 10.79 -14.51
N GLU E 155 -9.44 10.99 -13.31
CA GLU E 155 -9.22 12.35 -12.79
C GLU E 155 -7.83 12.40 -12.15
N SER E 156 -6.81 12.58 -12.99
CA SER E 156 -5.44 12.59 -12.52
C SER E 156 -5.12 13.89 -11.80
N ALA E 157 -4.76 13.79 -10.53
CA ALA E 157 -4.36 14.98 -9.77
C ALA E 157 -2.94 15.40 -10.11
N ASP E 158 -2.14 14.51 -10.66
CA ASP E 158 -0.77 14.79 -11.04
C ASP E 158 -0.68 15.43 -12.41
N GLY E 159 -1.81 15.62 -13.09
CA GLY E 159 -1.80 16.22 -14.41
C GLY E 159 -1.32 15.27 -15.48
N TYR E 160 -1.48 13.97 -15.28
CA TYR E 160 -1.03 12.98 -16.24
C TYR E 160 -2.11 12.77 -17.30
N ASN E 161 -1.85 13.27 -18.52
CA ASN E 161 -2.77 13.07 -19.63
C ASN E 161 -2.54 11.73 -20.31
N VAL E 162 -1.47 11.03 -19.97
CA VAL E 162 -1.15 9.72 -20.51
C VAL E 162 -0.62 8.84 -19.39
N ALA E 163 -1.29 7.71 -19.14
CA ALA E 163 -0.79 6.75 -18.16
C ALA E 163 0.23 5.83 -18.82
N CYS E 164 -0.25 4.92 -19.67
CA CYS E 164 0.60 4.08 -20.50
C CYS E 164 0.23 4.29 -21.96
N ILE E 165 1.24 4.36 -22.83
CA ILE E 165 1.06 4.56 -24.26
C ILE E 165 1.83 3.50 -25.01
N LEU E 166 1.20 2.93 -26.04
CA LEU E 166 1.81 1.80 -26.75
C LEU E 166 1.36 1.75 -28.21
N THR E 167 2.32 1.55 -29.10
CA THR E 167 2.07 1.22 -30.51
C THR E 167 2.52 -0.21 -30.77
N LEU E 168 1.59 -1.05 -31.22
CA LEU E 168 1.86 -2.47 -31.39
C LEU E 168 3.02 -2.75 -32.34
N PRO E 169 3.86 -3.74 -32.04
CA PRO E 169 5.09 -3.97 -32.84
C PRO E 169 4.85 -4.21 -34.32
N GLN E 170 3.71 -4.79 -34.69
CA GLN E 170 3.44 -5.05 -36.09
C GLN E 170 3.02 -3.80 -36.84
N TYR E 171 2.87 -2.69 -36.14
CA TYR E 171 2.53 -1.39 -36.72
C TYR E 171 3.63 -0.38 -36.44
N GLN E 172 4.86 -0.86 -36.32
CA GLN E 172 5.97 0.01 -35.97
C GLN E 172 6.48 0.78 -37.19
N ARG E 173 7.15 1.89 -36.89
CA ARG E 173 7.84 2.70 -37.89
C ARG E 173 6.90 3.19 -38.99
N MET E 174 5.71 3.62 -38.59
CA MET E 174 4.75 4.18 -39.55
C MET E 174 4.14 5.49 -39.05
N GLY E 175 4.65 6.04 -37.96
CA GLY E 175 4.16 7.30 -37.46
C GLY E 175 2.93 7.19 -36.60
N TYR E 176 2.52 5.98 -36.23
CA TYR E 176 1.38 5.82 -35.34
C TYR E 176 1.71 6.31 -33.94
N GLY E 177 2.96 6.12 -33.49
CA GLY E 177 3.33 6.57 -32.18
C GLY E 177 3.24 8.08 -32.04
N LYS E 178 3.50 8.81 -33.12
CA LYS E 178 3.42 10.26 -33.07
C LYS E 178 1.97 10.73 -33.08
N LEU E 179 1.06 9.93 -33.60
CA LEU E 179 -0.36 10.29 -33.62
C LEU E 179 -1.00 10.11 -32.26
N LEU E 180 -0.61 9.05 -31.53
CA LEU E 180 -1.13 8.83 -30.20
C LEU E 180 -0.77 9.98 -29.28
N ILE E 181 0.49 10.40 -29.30
CA ILE E 181 0.93 11.50 -28.47
C ILE E 181 0.18 12.78 -28.85
N GLU E 182 0.10 13.06 -30.15
CA GLU E 182 -0.55 14.27 -30.62
C GLU E 182 -2.03 14.27 -30.28
N PHE E 183 -2.67 13.11 -30.37
CA PHE E 183 -4.09 13.02 -30.01
C PHE E 183 -4.26 13.16 -28.51
N SER E 184 -3.28 12.69 -27.73
CA SER E 184 -3.38 12.79 -26.29
C SER E 184 -3.43 14.24 -25.84
N TYR E 185 -2.55 15.07 -26.40
CA TYR E 185 -2.55 16.49 -26.02
C TYR E 185 -3.79 17.21 -26.55
N GLU E 186 -4.37 16.71 -27.64
CA GLU E 186 -5.58 17.32 -28.17
C GLU E 186 -6.73 17.16 -27.18
N LEU E 187 -6.77 16.03 -26.48
CA LEU E 187 -7.77 15.86 -25.45
C LEU E 187 -7.51 16.83 -24.30
N SER E 188 -6.24 17.07 -23.99
CA SER E 188 -5.89 17.99 -22.92
C SER E 188 -6.25 19.43 -23.31
N LYS E 189 -6.06 19.78 -24.58
CA LYS E 189 -6.42 21.12 -25.04
C LYS E 189 -7.92 21.32 -25.00
N LYS E 190 -8.69 20.26 -25.24
CA LYS E 190 -10.14 20.35 -25.17
C LYS E 190 -10.62 20.43 -23.73
N GLU E 191 -9.88 19.81 -22.80
CA GLU E 191 -10.22 19.83 -21.39
C GLU E 191 -9.78 21.12 -20.70
N ASN E 192 -9.05 21.98 -21.40
CA ASN E 192 -8.46 23.19 -20.80
C ASN E 192 -7.56 22.83 -19.62
N LYS E 193 -6.74 21.79 -19.79
CA LYS E 193 -5.84 21.31 -18.76
C LYS E 193 -4.46 21.03 -19.35
N VAL E 194 -3.41 21.38 -18.60
CA VAL E 194 -2.05 21.04 -19.00
C VAL E 194 -1.78 19.58 -18.63
N GLY E 195 -0.87 18.95 -19.37
CA GLY E 195 -0.63 17.54 -19.18
C GLY E 195 0.82 17.15 -19.45
N SER E 196 1.18 15.98 -18.92
CA SER E 196 2.49 15.38 -19.07
C SER E 196 2.34 13.87 -18.93
N PRO E 197 3.08 13.08 -19.69
CA PRO E 197 2.95 11.62 -19.54
C PRO E 197 3.44 11.18 -18.18
N GLN E 198 2.84 10.08 -17.70
CA GLN E 198 3.35 9.44 -16.49
C GLN E 198 4.78 9.01 -16.75
N LYS E 199 5.66 9.21 -15.76
CA LYS E 199 7.03 9.58 -16.10
C LYS E 199 7.97 8.43 -16.48
N PRO E 200 7.87 7.08 -15.90
CA PRO E 200 8.92 6.17 -16.38
C PRO E 200 8.69 5.73 -17.82
N LEU E 201 9.03 6.62 -18.76
CA LEU E 201 8.85 6.33 -20.18
C LEU E 201 9.89 5.34 -20.69
N SER E 202 9.46 4.52 -21.63
CA SER E 202 10.35 3.54 -22.21
C SER E 202 11.36 4.25 -23.09
N ASP E 203 12.42 3.52 -23.44
CA ASP E 203 13.44 4.08 -24.32
C ASP E 203 12.81 4.51 -25.63
N LEU E 204 11.89 3.68 -26.15
CA LEU E 204 11.20 4.01 -27.38
C LEU E 204 10.27 5.19 -27.19
N GLY E 205 9.54 5.24 -26.07
CA GLY E 205 8.58 6.30 -25.85
C GLY E 205 9.21 7.65 -25.54
N LEU E 206 10.40 7.65 -24.92
CA LEU E 206 11.05 8.91 -24.59
C LEU E 206 11.42 9.70 -25.85
N LEU E 207 11.92 9.01 -26.86
CA LEU E 207 12.28 9.67 -28.11
C LEU E 207 11.04 10.23 -28.81
N SER E 208 9.96 9.45 -28.84
CA SER E 208 8.74 9.89 -29.52
C SER E 208 8.17 11.14 -28.86
N TYR E 209 8.30 11.25 -27.54
CA TYR E 209 7.80 12.44 -26.87
C TYR E 209 8.74 13.63 -27.06
N ARG E 210 10.05 13.41 -27.05
CA ARG E 210 10.98 14.49 -27.32
C ARG E 210 10.85 14.97 -28.76
N ALA E 211 10.46 14.08 -29.67
CA ALA E 211 10.25 14.48 -31.06
C ALA E 211 9.02 15.36 -31.18
N TYR E 212 7.92 14.98 -30.50
CA TYR E 212 6.72 15.80 -30.51
C TYR E 212 6.95 17.14 -29.83
N TRP E 213 7.70 17.12 -28.72
CA TRP E 213 7.94 18.35 -27.97
C TRP E 213 8.74 19.35 -28.79
N SER E 214 9.79 18.89 -29.47
CA SER E 214 10.65 19.80 -30.22
C SER E 214 9.94 20.32 -31.47
N ASP E 215 9.19 19.47 -32.15
CA ASP E 215 8.53 19.88 -33.39
C ASP E 215 7.44 20.91 -33.11
N THR E 216 6.59 20.66 -32.13
CA THR E 216 5.53 21.60 -31.81
C THR E 216 6.08 22.88 -31.21
N LEU E 217 7.28 22.84 -30.64
CA LEU E 217 7.88 24.03 -30.07
C LEU E 217 8.39 24.97 -31.15
N ILE E 218 9.19 24.46 -32.09
CA ILE E 218 9.74 25.30 -33.14
C ILE E 218 8.61 25.84 -34.02
N THR E 219 7.55 25.06 -34.21
CA THR E 219 6.43 25.54 -34.99
C THR E 219 5.73 26.71 -34.31
N LEU E 220 5.66 26.66 -32.98
CA LEU E 220 5.03 27.75 -32.24
C LEU E 220 5.92 28.98 -32.19
N LEU E 221 7.21 28.79 -31.88
CA LEU E 221 8.11 29.93 -31.70
C LEU E 221 8.31 30.70 -33.00
N VAL E 222 8.45 29.99 -34.11
CA VAL E 222 8.67 30.65 -35.40
C VAL E 222 7.43 31.45 -35.81
N GLU E 223 6.26 30.81 -35.77
CA GLU E 223 5.05 31.43 -36.28
C GLU E 223 4.44 32.43 -35.31
N HIS E 224 4.90 32.51 -34.06
CA HIS E 224 4.27 33.41 -33.11
C HIS E 224 4.67 34.86 -33.34
N GLN E 225 5.93 35.10 -33.72
CA GLN E 225 6.46 36.43 -34.01
C GLN E 225 6.44 37.34 -32.79
N LYS E 226 5.26 37.56 -32.21
CA LYS E 226 5.15 38.41 -31.03
C LYS E 226 5.88 37.77 -29.84
N GLU E 227 6.19 38.60 -28.84
CA GLU E 227 6.86 38.11 -27.64
C GLU E 227 5.99 37.09 -26.91
N ILE E 228 6.62 35.98 -26.49
CA ILE E 228 5.93 34.86 -25.88
C ILE E 228 6.39 34.71 -24.44
N THR E 229 5.55 34.06 -23.62
CA THR E 229 5.87 33.75 -22.24
C THR E 229 5.78 32.24 -22.03
N ILE E 230 6.58 31.73 -21.08
CA ILE E 230 6.54 30.30 -20.77
C ILE E 230 5.13 29.88 -20.40
N ASP E 231 4.43 30.71 -19.63
CA ASP E 231 3.06 30.40 -19.24
C ASP E 231 2.12 30.40 -20.45
N GLU E 232 2.42 31.21 -21.46
CA GLU E 232 1.59 31.25 -22.65
C GLU E 232 1.83 30.03 -23.54
N ILE E 233 3.09 29.57 -23.62
CA ILE E 233 3.37 28.34 -24.35
C ILE E 233 2.63 27.17 -23.73
N SER E 234 2.62 27.12 -22.39
CA SER E 234 1.90 26.06 -21.70
C SER E 234 0.40 26.18 -21.93
N SER E 235 -0.08 27.37 -22.21
CA SER E 235 -1.51 27.57 -22.47
C SER E 235 -1.90 27.11 -23.87
N MET E 236 -1.01 27.31 -24.85
CA MET E 236 -1.34 26.99 -26.23
C MET E 236 -1.12 25.52 -26.56
N THR E 237 -0.14 24.88 -25.92
CA THR E 237 0.20 23.50 -26.24
C THR E 237 -0.24 22.51 -25.17
N SER E 238 -0.76 23.00 -24.03
CA SER E 238 -1.14 22.18 -22.90
C SER E 238 0.03 21.33 -22.40
N MET E 239 1.24 21.76 -22.69
CA MET E 239 2.45 21.13 -22.18
C MET E 239 2.83 21.76 -20.85
N THR E 240 3.39 20.94 -19.97
CA THR E 240 3.83 21.45 -18.69
C THR E 240 5.05 22.35 -18.86
N THR E 241 5.21 23.30 -17.95
CA THR E 241 6.32 24.24 -18.04
C THR E 241 7.66 23.52 -17.93
N THR E 242 7.68 22.34 -17.30
CA THR E 242 8.92 21.58 -17.21
C THR E 242 9.30 20.97 -18.54
N ASP E 243 8.32 20.40 -19.25
CA ASP E 243 8.59 19.82 -20.55
C ASP E 243 9.01 20.88 -21.56
N ILE E 244 8.52 22.11 -21.39
CA ILE E 244 8.86 23.19 -22.31
C ILE E 244 10.31 23.59 -22.12
N LEU E 245 10.72 23.80 -20.87
CA LEU E 245 12.08 24.26 -20.59
C LEU E 245 13.11 23.17 -20.85
N HIS E 246 12.74 21.91 -20.68
CA HIS E 246 13.67 20.82 -20.97
C HIS E 246 13.86 20.69 -22.47
N THR E 247 12.80 20.92 -23.24
CA THR E 247 12.91 20.92 -24.68
C THR E 247 13.65 22.15 -25.18
N ALA E 248 13.51 23.27 -24.47
CA ALA E 248 14.20 24.49 -24.87
C ALA E 248 15.70 24.38 -24.69
N LYS E 249 16.16 23.47 -23.84
CA LYS E 249 17.59 23.24 -23.69
C LYS E 249 18.10 22.24 -24.71
N THR E 250 17.28 21.25 -25.06
CA THR E 250 17.67 20.25 -26.04
C THR E 250 17.92 20.88 -27.41
N LEU E 251 17.07 21.81 -27.81
CA LEU E 251 17.25 22.52 -29.07
C LEU E 251 18.09 23.77 -28.92
N ASN E 252 18.64 24.02 -27.73
CA ASN E 252 19.45 25.20 -27.46
C ASN E 252 18.69 26.47 -27.80
N ILE E 253 17.38 26.44 -27.62
CA ILE E 253 16.52 27.58 -27.93
C ILE E 253 16.83 28.76 -27.03
N LEU E 254 16.96 28.49 -25.73
CA LEU E 254 17.06 29.54 -24.72
C LEU E 254 18.51 29.96 -24.53
N ARG E 255 18.79 31.23 -24.84
CA ARG E 255 20.12 31.80 -24.70
C ARG E 255 20.05 33.05 -23.82
N TYR E 256 21.11 33.26 -23.02
CA TYR E 256 21.23 34.41 -22.14
C TYR E 256 22.26 35.36 -22.75
N TYR E 257 21.78 36.36 -23.49
CA TYR E 257 22.65 37.29 -24.21
C TYR E 257 22.45 38.70 -23.69
N LYS E 258 23.53 39.32 -23.24
CA LYS E 258 23.55 40.70 -22.75
C LYS E 258 22.58 40.91 -21.59
N GLY E 259 22.80 40.14 -20.52
CA GLY E 259 22.08 40.37 -19.28
C GLY E 259 20.59 40.13 -19.36
N GLN E 260 20.15 39.28 -20.28
CA GLN E 260 18.72 38.98 -20.41
C GLN E 260 18.54 37.66 -21.13
N HIS E 261 17.44 36.98 -20.82
CA HIS E 261 17.09 35.72 -21.46
C HIS E 261 16.33 35.97 -22.76
N ILE E 262 16.77 35.29 -23.83
CA ILE E 262 16.14 35.39 -25.14
C ILE E 262 16.03 33.99 -25.75
N ILE E 263 15.22 33.91 -26.81
CA ILE E 263 14.99 32.69 -27.57
C ILE E 263 15.79 32.78 -28.86
N PHE E 264 16.62 31.77 -29.16
CA PHE E 264 17.48 31.78 -30.35
C PHE E 264 17.02 30.71 -31.34
N LEU E 265 16.49 31.14 -32.48
CA LEU E 265 16.08 30.25 -33.57
C LEU E 265 17.10 30.31 -34.70
N ASN E 266 18.23 29.62 -34.53
CA ASN E 266 19.31 29.64 -35.51
C ASN E 266 18.91 28.91 -36.80
N GLU E 267 19.84 28.94 -37.78
CA GLU E 267 19.57 28.37 -39.10
C GLU E 267 19.36 26.87 -39.03
N ASP E 268 20.15 26.18 -38.20
CA ASP E 268 20.00 24.73 -38.07
C ASP E 268 18.61 24.37 -37.56
N ILE E 269 18.02 25.24 -36.74
CA ILE E 269 16.67 25.02 -36.25
C ILE E 269 15.64 25.34 -37.33
N LEU E 270 15.81 26.45 -38.05
CA LEU E 270 14.87 26.76 -39.12
C LEU E 270 14.98 25.81 -40.29
N ASP E 271 16.12 25.13 -40.45
CA ASP E 271 16.19 24.10 -41.48
C ASP E 271 15.30 22.94 -41.10
N ARG E 272 15.22 22.62 -39.81
CA ARG E 272 14.31 21.59 -39.34
C ARG E 272 12.87 22.06 -39.43
N TYR E 273 12.64 23.36 -39.29
CA TYR E 273 11.30 23.91 -39.46
C TYR E 273 10.83 23.75 -40.90
N ASN E 274 11.72 24.03 -41.86
CA ASN E 274 11.35 23.92 -43.26
C ASN E 274 11.03 22.48 -43.64
N ARG E 275 11.81 21.52 -43.12
CA ARG E 275 11.50 20.12 -43.37
C ARG E 275 10.16 19.74 -42.77
N LEU E 276 9.90 20.20 -41.54
CA LEU E 276 8.65 19.87 -40.87
C LEU E 276 7.45 20.43 -41.59
N LYS E 277 7.55 21.66 -42.10
CA LYS E 277 6.44 22.24 -42.83
C LYS E 277 6.26 21.57 -44.19
N ALA E 278 7.36 21.09 -44.77
CA ALA E 278 7.32 20.37 -46.04
C ALA E 278 7.00 18.89 -45.85
N LYS E 279 7.19 18.36 -44.65
CA LYS E 279 6.89 16.96 -44.39
C LYS E 279 5.41 16.68 -44.63
N LYS E 280 5.14 15.49 -45.16
CA LYS E 280 3.78 15.06 -45.50
C LYS E 280 3.33 13.90 -44.60
N ARG E 281 3.61 14.02 -43.30
CA ARG E 281 3.17 13.01 -42.35
C ARG E 281 1.75 13.29 -41.90
N ARG E 282 1.05 12.22 -41.52
CA ARG E 282 -0.32 12.35 -41.04
C ARG E 282 -0.36 13.05 -39.69
N THR E 283 -1.30 13.98 -39.54
CA THR E 283 -1.49 14.71 -38.29
C THR E 283 -2.96 14.59 -37.86
N ILE E 284 -3.19 14.86 -36.57
CA ILE E 284 -4.53 14.79 -36.00
C ILE E 284 -5.24 16.12 -36.24
N ASP E 285 -6.45 16.04 -36.78
CA ASP E 285 -7.21 17.24 -37.10
C ASP E 285 -8.20 17.56 -35.99
N PRO E 286 -7.99 18.62 -35.21
CA PRO E 286 -8.90 18.93 -34.10
C PRO E 286 -10.34 19.12 -34.54
N ASN E 287 -10.59 19.45 -35.80
CA ASN E 287 -11.96 19.68 -36.24
C ASN E 287 -12.76 18.39 -36.34
N ARG E 288 -12.08 17.25 -36.41
CA ARG E 288 -12.71 15.95 -36.50
C ARG E 288 -12.84 15.27 -35.14
N LEU E 289 -12.51 15.98 -34.06
CA LEU E 289 -12.60 15.47 -32.69
C LEU E 289 -13.94 15.88 -32.09
N ILE E 290 -14.95 15.02 -32.25
CA ILE E 290 -16.25 15.24 -31.65
C ILE E 290 -16.23 14.52 -30.30
N TRP E 291 -15.83 15.25 -29.25
CA TRP E 291 -15.64 14.63 -27.95
C TRP E 291 -15.74 15.66 -26.85
N LYS E 292 -16.67 15.46 -25.90
CA LYS E 292 -16.77 16.28 -24.70
C LYS E 292 -16.25 15.52 -23.48
N PRO E 293 -15.46 16.19 -22.63
CA PRO E 293 -14.83 15.54 -21.47
C PRO E 293 -15.82 14.82 -20.57
N PRO E 294 -15.50 13.57 -20.19
CA PRO E 294 -16.39 12.79 -19.31
C PRO E 294 -16.58 13.45 -17.95
N VAL E 295 -17.83 13.46 -17.48
CA VAL E 295 -18.20 14.00 -16.18
C VAL E 295 -18.51 12.86 -15.22
N PHE E 296 -17.70 12.72 -14.17
CA PHE E 296 -17.86 11.69 -13.16
C PHE E 296 -18.35 12.29 -11.85
N THR E 297 -19.25 11.58 -11.17
CA THR E 297 -19.68 12.00 -9.84
C THR E 297 -18.79 11.35 -8.78
N ALA E 298 -19.06 11.65 -7.52
CA ALA E 298 -18.26 11.06 -6.45
C ALA E 298 -18.50 9.55 -6.36
N SER E 299 -19.70 9.10 -6.68
CA SER E 299 -20.00 7.68 -6.64
C SER E 299 -19.36 6.94 -7.81
N GLN E 300 -19.32 7.59 -8.98
CA GLN E 300 -18.76 6.96 -10.16
C GLN E 300 -17.24 6.85 -10.09
N LEU E 301 -16.60 7.67 -9.27
CA LEU E 301 -15.14 7.63 -9.11
C LEU E 301 -14.73 6.64 -8.02
N ARG E 302 -15.32 5.45 -8.07
CA ARG E 302 -14.95 4.37 -7.16
C ARG E 302 -14.94 3.06 -7.95
N PHE E 303 -14.37 2.03 -7.35
CA PHE E 303 -14.41 0.71 -7.96
C PHE E 303 -15.84 0.17 -7.87
N ALA E 304 -16.27 -0.51 -8.94
CA ALA E 304 -17.64 -0.99 -9.04
C ALA E 304 -17.97 -1.97 -7.91
N TRP E 305 -19.22 -1.91 -7.46
CA TRP E 305 -19.70 -2.78 -6.38
C TRP E 305 -21.03 -3.41 -6.75
N LYS F 14 41.30 -3.38 -33.58
CA LYS F 14 41.74 -4.38 -34.55
C LYS F 14 40.56 -5.21 -35.02
N GLN F 15 40.48 -6.46 -34.53
CA GLN F 15 39.40 -7.33 -34.95
C GLN F 15 38.08 -6.69 -34.60
N HIS F 16 37.30 -6.33 -35.61
CA HIS F 16 35.98 -5.77 -35.41
C HIS F 16 34.97 -6.85 -35.79
N LEU F 17 33.78 -6.76 -35.20
CA LEU F 17 32.75 -7.76 -35.42
C LEU F 17 31.57 -7.13 -36.12
N LYS F 18 31.13 -7.78 -37.19
CA LYS F 18 29.95 -7.36 -37.92
C LYS F 18 28.73 -7.98 -37.25
N ILE F 19 27.61 -7.27 -37.27
CA ILE F 19 26.39 -7.74 -36.63
C ILE F 19 25.21 -7.61 -37.59
N TYR F 20 24.48 -8.71 -37.75
CA TYR F 20 23.18 -8.65 -38.39
C TYR F 20 22.11 -8.51 -37.31
N LEU F 21 20.95 -8.00 -37.70
CA LEU F 21 19.96 -7.49 -36.75
C LEU F 21 18.65 -8.26 -36.80
N PRO F 22 18.60 -9.45 -36.20
CA PRO F 22 17.28 -10.00 -35.86
C PRO F 22 16.61 -9.18 -34.77
N ASN F 23 17.40 -8.55 -33.93
CA ASN F 23 16.95 -7.56 -32.96
C ASN F 23 17.55 -6.23 -33.34
N ASP F 24 16.72 -5.31 -33.83
CA ASP F 24 17.23 -4.06 -34.38
C ASP F 24 17.68 -3.11 -33.27
N LEU F 25 18.25 -1.98 -33.70
CA LEU F 25 18.76 -0.94 -32.81
C LEU F 25 18.64 0.40 -33.51
N LYS F 26 18.57 1.47 -32.73
CA LYS F 26 18.37 2.82 -33.27
C LYS F 26 19.37 3.79 -32.67
N HIS F 27 20.38 4.15 -33.47
CA HIS F 27 21.34 5.22 -33.15
C HIS F 27 21.74 5.32 -31.68
N LYS F 69 22.12 9.47 -25.68
CA LYS F 69 22.97 8.90 -26.71
C LYS F 69 23.00 7.37 -26.61
N ASP F 70 22.24 6.84 -25.65
CA ASP F 70 22.16 5.40 -25.46
C ASP F 70 21.36 4.75 -26.59
N TYR F 71 21.70 3.50 -26.91
CA TYR F 71 21.03 2.77 -27.97
C TYR F 71 19.72 2.17 -27.46
N ILE F 72 18.78 1.98 -28.38
CA ILE F 72 17.42 1.55 -28.06
C ILE F 72 17.09 0.29 -28.84
N PRO F 73 16.63 -0.78 -28.18
CA PRO F 73 16.24 -2.00 -28.88
C PRO F 73 14.96 -1.81 -29.70
N THR F 74 14.88 -2.54 -30.82
CA THR F 74 13.74 -2.41 -31.74
C THR F 74 13.21 -3.78 -32.19
N PRO F 75 11.90 -4.00 -32.09
CA PRO F 75 11.31 -5.28 -32.52
C PRO F 75 11.57 -5.56 -34.00
N ASP F 76 11.69 -6.85 -34.32
CA ASP F 76 11.90 -7.28 -35.69
C ASP F 76 10.60 -7.20 -36.49
N ALA F 77 10.73 -7.33 -37.81
CA ALA F 77 9.58 -7.31 -38.69
C ALA F 77 8.67 -8.50 -38.42
N SER F 78 7.37 -8.23 -38.33
CA SER F 78 6.38 -9.25 -37.98
C SER F 78 5.89 -9.98 -39.23
N MET F 79 5.98 -11.31 -39.19
CA MET F 79 5.48 -12.14 -40.28
C MET F 79 3.95 -12.17 -40.30
N THR F 80 3.40 -12.42 -41.48
CA THR F 80 1.95 -12.47 -41.65
C THR F 80 1.43 -13.90 -41.51
N TRP F 81 0.13 -14.01 -41.26
CA TRP F 81 -0.53 -15.28 -41.02
C TRP F 81 -1.25 -15.77 -42.27
N ASN F 82 -1.10 -17.07 -42.56
CA ASN F 82 -1.66 -17.63 -43.79
C ASN F 82 -3.18 -17.73 -43.74
N GLU F 83 -3.72 -18.32 -42.68
CA GLU F 83 -5.16 -18.58 -42.60
C GLU F 83 -5.96 -17.36 -42.15
N TYR F 84 -5.37 -16.17 -42.19
CA TYR F 84 -6.06 -14.97 -41.73
C TYR F 84 -7.37 -14.76 -42.47
N ASP F 85 -7.37 -14.97 -43.78
CA ASP F 85 -8.58 -14.75 -44.56
C ASP F 85 -9.65 -15.80 -44.26
N LYS F 86 -9.25 -16.94 -43.69
CA LYS F 86 -10.21 -17.99 -43.37
C LYS F 86 -10.91 -17.72 -42.04
N PHE F 87 -10.18 -17.18 -41.07
CA PHE F 87 -10.77 -16.91 -39.76
C PHE F 87 -11.54 -15.60 -39.77
N TYR F 88 -11.02 -14.58 -40.46
CA TYR F 88 -11.61 -13.25 -40.47
C TYR F 88 -12.38 -13.02 -41.77
N THR F 89 -13.63 -13.45 -41.77
CA THR F 89 -14.53 -13.32 -42.92
C THR F 89 -15.70 -12.43 -42.54
N GLY F 90 -15.99 -11.45 -43.38
CA GLY F 90 -17.11 -10.56 -43.14
C GLY F 90 -16.84 -9.19 -43.72
N SER F 91 -17.81 -8.30 -43.50
CA SER F 91 -17.75 -6.92 -43.97
C SER F 91 -18.39 -6.01 -42.94
N PHE F 92 -17.72 -4.92 -42.62
CA PHE F 92 -18.22 -3.93 -41.67
C PHE F 92 -18.51 -2.64 -42.43
N GLN F 93 -19.79 -2.33 -42.60
CA GLN F 93 -20.21 -1.12 -43.31
C GLN F 93 -20.03 0.10 -42.40
N GLU F 94 -19.23 1.05 -42.85
CA GLU F 94 -18.99 2.27 -42.10
C GLU F 94 -20.21 3.17 -42.12
N THR F 95 -20.53 3.74 -40.96
CA THR F 95 -21.69 4.62 -40.84
C THR F 95 -21.29 6.08 -41.09
N THR F 96 -22.27 6.87 -41.56
CA THR F 96 -22.01 8.28 -41.82
C THR F 96 -21.66 9.01 -40.53
N SER F 97 -22.37 8.70 -39.45
CA SER F 97 -22.11 9.30 -38.15
C SER F 97 -21.06 8.49 -37.41
N TYR F 98 -20.55 9.07 -36.33
CA TYR F 98 -19.58 8.37 -35.50
C TYR F 98 -20.24 7.23 -34.74
N ILE F 99 -19.52 6.11 -34.61
CA ILE F 99 -20.07 4.90 -34.03
C ILE F 99 -20.49 5.13 -32.58
N LYS F 100 -21.70 4.70 -32.24
CA LYS F 100 -22.19 4.72 -30.87
C LYS F 100 -22.38 3.29 -30.40
N PHE F 101 -21.68 2.90 -29.34
CA PHE F 101 -21.66 1.52 -28.91
C PHE F 101 -21.34 1.45 -27.42
N SER F 102 -21.99 0.53 -26.72
CA SER F 102 -21.76 0.34 -25.30
C SER F 102 -21.93 -1.09 -24.84
N ALA F 103 -22.24 -2.03 -25.73
CA ALA F 103 -22.37 -3.43 -25.36
C ALA F 103 -21.00 -4.03 -25.03
N THR F 104 -21.01 -5.06 -24.21
CA THR F 104 -19.77 -5.69 -23.77
C THR F 104 -19.34 -6.76 -24.77
N VAL F 105 -18.11 -7.22 -24.61
CA VAL F 105 -17.59 -8.28 -25.46
C VAL F 105 -18.44 -9.53 -25.34
N GLU F 106 -18.87 -9.84 -24.11
CA GLU F 106 -19.73 -11.00 -23.90
C GLU F 106 -21.01 -10.91 -24.71
N ASP F 107 -21.50 -9.68 -24.94
CA ASP F 107 -22.74 -9.51 -25.71
C ASP F 107 -22.55 -9.88 -27.17
N CYS F 108 -21.33 -9.79 -27.69
CA CYS F 108 -21.07 -10.01 -29.11
C CYS F 108 -20.47 -11.38 -29.38
N CYS F 109 -20.52 -12.29 -28.41
CA CYS F 109 -20.09 -13.66 -28.63
C CYS F 109 -21.25 -14.64 -28.74
N GLY F 110 -22.32 -14.42 -27.99
CA GLY F 110 -23.52 -15.24 -28.13
C GLY F 110 -23.53 -16.57 -27.41
N THR F 111 -22.51 -17.40 -27.67
CA THR F 111 -22.39 -18.72 -27.06
C THR F 111 -21.20 -18.78 -26.11
N ASN F 112 -21.43 -19.31 -24.90
CA ASN F 112 -20.41 -19.36 -23.88
C ASN F 112 -19.29 -20.35 -24.24
N TYR F 113 -19.67 -21.56 -24.61
CA TYR F 113 -18.72 -22.64 -24.83
C TYR F 113 -18.07 -22.53 -26.21
N ASN F 114 -16.79 -22.92 -26.28
CA ASN F 114 -16.05 -22.98 -27.54
C ASN F 114 -15.40 -24.34 -27.68
N MET F 115 -15.69 -25.03 -28.78
CA MET F 115 -15.13 -26.36 -29.02
C MET F 115 -13.63 -26.30 -29.26
N ASP F 116 -12.91 -27.26 -28.67
CA ASP F 116 -11.48 -27.41 -28.91
C ASP F 116 -11.24 -28.61 -29.82
N GLU F 117 -9.96 -28.98 -29.98
CA GLU F 117 -9.61 -30.09 -30.85
C GLU F 117 -10.16 -31.40 -30.33
N ARG F 118 -10.18 -31.57 -29.00
CA ARG F 118 -10.66 -32.82 -28.42
C ARG F 118 -12.15 -33.01 -28.62
N ASP F 119 -12.93 -31.94 -28.45
CA ASP F 119 -14.37 -32.04 -28.66
C ASP F 119 -14.71 -32.25 -30.13
N GLU F 120 -13.87 -31.75 -31.03
CA GLU F 120 -14.11 -31.92 -32.46
C GLU F 120 -13.97 -33.37 -32.87
N THR F 121 -12.90 -34.04 -32.42
CA THR F 121 -12.72 -35.45 -32.75
C THR F 121 -13.83 -36.30 -32.16
N PHE F 122 -14.31 -35.93 -30.97
CA PHE F 122 -15.41 -36.66 -30.35
C PHE F 122 -16.71 -36.43 -31.13
N LEU F 123 -16.91 -35.21 -31.64
CA LEU F 123 -18.12 -34.93 -32.39
C LEU F 123 -18.17 -35.71 -33.70
N ASN F 124 -17.04 -35.80 -34.39
CA ASN F 124 -17.02 -36.45 -35.70
C ASN F 124 -16.90 -37.96 -35.59
N GLU F 125 -16.00 -38.47 -34.76
CA GLU F 125 -15.69 -39.89 -34.75
C GLU F 125 -16.47 -40.69 -33.71
N GLN F 126 -17.49 -40.09 -33.08
CA GLN F 126 -18.29 -40.82 -32.11
C GLN F 126 -19.79 -40.59 -32.33
N VAL F 127 -20.25 -39.37 -32.07
CA VAL F 127 -21.68 -39.11 -32.16
C VAL F 127 -22.13 -38.91 -33.61
N ASN F 128 -21.29 -38.31 -34.47
CA ASN F 128 -21.68 -38.09 -35.85
C ASN F 128 -20.87 -38.93 -36.83
N LYS F 129 -20.37 -40.08 -36.39
CA LYS F 129 -19.60 -40.95 -37.28
C LYS F 129 -20.49 -41.50 -38.40
N GLY F 130 -21.58 -42.16 -38.03
CA GLY F 130 -22.51 -42.71 -38.99
C GLY F 130 -23.94 -42.58 -38.53
N SER F 131 -24.17 -41.66 -37.60
CA SER F 131 -25.49 -41.45 -37.03
C SER F 131 -26.47 -40.92 -38.06
N SER F 132 -27.75 -41.24 -37.86
CA SER F 132 -28.80 -40.75 -38.75
C SER F 132 -29.01 -39.25 -38.60
N ASP F 133 -28.99 -38.76 -37.37
CA ASP F 133 -29.23 -37.35 -37.07
C ASP F 133 -27.91 -36.67 -36.68
N ILE F 134 -27.59 -35.59 -37.38
CA ILE F 134 -26.33 -34.86 -37.18
C ILE F 134 -26.49 -33.80 -36.10
N LEU F 135 -25.43 -33.61 -35.31
CA LEU F 135 -25.38 -32.61 -34.25
C LEU F 135 -24.48 -31.46 -34.68
N THR F 136 -25.06 -30.28 -34.83
CA THR F 136 -24.31 -29.11 -35.27
C THR F 136 -23.27 -28.70 -34.24
N GLU F 137 -22.16 -28.15 -34.72
CA GLU F 137 -21.13 -27.64 -33.81
C GLU F 137 -21.70 -26.55 -32.90
N ASP F 138 -22.56 -25.69 -33.45
CA ASP F 138 -23.22 -24.68 -32.63
C ASP F 138 -24.12 -25.33 -31.60
N GLU F 139 -24.80 -26.41 -31.97
CA GLU F 139 -25.70 -27.08 -31.05
C GLU F 139 -24.93 -27.84 -29.96
N PHE F 140 -23.75 -28.38 -30.30
CA PHE F 140 -22.92 -29.02 -29.30
C PHE F 140 -22.51 -28.03 -28.21
N GLU F 141 -22.25 -26.79 -28.61
CA GLU F 141 -21.88 -25.76 -27.65
C GLU F 141 -23.07 -25.33 -26.82
N ILE F 142 -24.28 -25.36 -27.39
CA ILE F 142 -25.48 -25.00 -26.64
C ILE F 142 -25.70 -25.95 -25.48
N LEU F 143 -25.48 -27.25 -25.72
CA LEU F 143 -25.63 -28.25 -24.67
C LEU F 143 -24.60 -28.04 -23.57
N CYS F 144 -23.32 -27.97 -23.94
CA CYS F 144 -22.27 -27.82 -22.94
C CYS F 144 -22.41 -26.53 -22.15
N SER F 145 -22.84 -25.45 -22.81
CA SER F 145 -23.01 -24.18 -22.11
C SER F 145 -24.09 -24.28 -21.06
N SER F 146 -25.12 -25.09 -21.29
CA SER F 146 -26.15 -25.29 -20.27
C SER F 146 -25.66 -26.21 -19.18
N PHE F 147 -24.79 -27.17 -19.52
CA PHE F 147 -24.21 -28.05 -18.53
C PHE F 147 -23.30 -27.27 -17.59
N GLU F 148 -22.48 -26.37 -18.16
CA GLU F 148 -21.56 -25.58 -17.36
C GLU F 148 -22.32 -24.64 -16.43
N HIS F 149 -23.44 -24.09 -16.90
CA HIS F 149 -24.23 -23.21 -16.07
C HIS F 149 -24.96 -23.98 -14.98
N ALA F 150 -25.41 -25.20 -15.28
CA ALA F 150 -26.14 -25.98 -14.30
C ALA F 150 -25.25 -26.41 -13.13
N ILE F 151 -24.04 -26.87 -13.41
CA ILE F 151 -23.12 -27.27 -12.36
C ILE F 151 -22.70 -26.07 -11.51
N HIS F 152 -22.48 -24.92 -12.15
CA HIS F 152 -22.07 -23.73 -11.41
C HIS F 152 -23.14 -23.28 -10.41
N GLU F 153 -24.40 -23.67 -10.61
CA GLU F 153 -25.47 -23.28 -9.72
C GLU F 153 -25.71 -24.29 -8.61
N ARG F 154 -25.87 -25.57 -8.97
CA ARG F 154 -26.22 -26.58 -7.97
C ARG F 154 -25.00 -27.04 -7.17
N GLN F 155 -23.83 -27.10 -7.79
CA GLN F 155 -22.61 -27.53 -7.12
C GLN F 155 -21.54 -26.46 -7.24
N PRO F 156 -21.69 -25.36 -6.50
CA PRO F 156 -20.66 -24.30 -6.56
C PRO F 156 -19.35 -24.74 -5.95
N PHE F 157 -19.37 -25.79 -5.13
CA PHE F 157 -18.17 -26.30 -4.50
C PHE F 157 -17.92 -27.73 -4.99
N LEU F 158 -17.95 -27.90 -6.31
CA LEU F 158 -17.70 -29.20 -6.89
C LEU F 158 -16.25 -29.62 -6.68
N SER F 159 -15.34 -28.66 -6.58
CA SER F 159 -13.93 -28.96 -6.37
C SER F 159 -13.69 -29.66 -5.04
N MET F 160 -14.64 -29.51 -4.10
CA MET F 160 -14.53 -30.19 -2.81
C MET F 160 -14.59 -31.70 -2.99
N ASP F 161 -15.50 -32.18 -3.83
CA ASP F 161 -15.66 -33.60 -4.10
C ASP F 161 -16.00 -33.78 -5.57
N PRO F 162 -14.99 -33.83 -6.43
CA PRO F 162 -15.26 -33.87 -7.88
C PRO F 162 -16.04 -35.09 -8.33
N GLU F 163 -15.85 -36.23 -7.64
CA GLU F 163 -16.50 -37.46 -8.05
C GLU F 163 -18.01 -37.42 -7.85
N SER F 164 -18.50 -36.53 -6.99
CA SER F 164 -19.92 -36.46 -6.65
C SER F 164 -20.69 -35.49 -7.54
N ILE F 165 -20.27 -35.32 -8.79
CA ILE F 165 -21.02 -34.48 -9.71
C ILE F 165 -22.33 -35.16 -10.07
N LEU F 166 -23.37 -34.35 -10.32
CA LEU F 166 -24.70 -34.87 -10.62
C LEU F 166 -24.68 -35.74 -11.87
N SER F 167 -25.57 -36.74 -11.87
CA SER F 167 -25.78 -37.57 -13.04
C SER F 167 -26.69 -36.84 -14.03
N PHE F 168 -26.78 -37.39 -15.24
CA PHE F 168 -27.60 -36.75 -16.26
C PHE F 168 -29.08 -36.74 -15.87
N GLU F 169 -29.56 -37.84 -15.30
CA GLU F 169 -30.96 -37.91 -14.88
C GLU F 169 -31.26 -36.90 -13.78
N GLU F 170 -30.29 -36.65 -12.91
CA GLU F 170 -30.50 -35.72 -11.80
C GLU F 170 -30.45 -34.28 -12.26
N LEU F 171 -29.73 -34.00 -13.34
CA LEU F 171 -29.55 -32.63 -13.81
C LEU F 171 -30.64 -32.19 -14.78
N LYS F 172 -31.29 -33.14 -15.46
CA LYS F 172 -32.32 -32.78 -16.44
C LYS F 172 -33.41 -31.85 -15.90
N PRO F 173 -33.92 -31.99 -14.67
CA PRO F 173 -34.90 -31.00 -14.20
C PRO F 173 -34.35 -29.58 -14.17
N THR F 174 -33.06 -29.43 -13.84
CA THR F 174 -32.46 -28.10 -13.76
C THR F 174 -32.25 -27.51 -15.14
N LEU F 175 -31.93 -28.34 -16.14
CA LEU F 175 -31.70 -27.83 -17.49
C LEU F 175 -32.96 -27.20 -18.08
N ILE F 176 -34.13 -27.65 -17.65
CA ILE F 176 -35.38 -27.07 -18.17
C ILE F 176 -35.58 -25.66 -17.64
N LYS F 177 -35.28 -25.43 -16.36
CA LYS F 177 -35.46 -24.10 -15.80
C LYS F 177 -34.51 -23.07 -16.40
N SER F 178 -33.49 -23.51 -17.12
CA SER F 178 -32.52 -22.61 -17.73
C SER F 178 -33.15 -21.72 -18.79
N ASP F 182 -30.09 -14.66 -22.43
CA ASP F 182 -31.38 -14.00 -22.25
C ASP F 182 -32.44 -14.61 -23.16
N PHE F 183 -32.64 -15.93 -23.04
CA PHE F 183 -33.65 -16.60 -23.84
C PHE F 183 -35.05 -16.16 -23.43
N ASN F 184 -35.27 -15.94 -22.14
CA ASN F 184 -36.59 -15.50 -21.67
C ASN F 184 -36.90 -14.10 -22.17
N LEU F 185 -35.90 -13.21 -22.20
CA LEU F 185 -36.13 -11.85 -22.68
C LEU F 185 -36.27 -11.80 -24.19
N ARG F 186 -35.45 -12.58 -24.90
CA ARG F 186 -35.51 -12.58 -26.36
C ARG F 186 -36.87 -13.07 -26.85
N ASN F 187 -37.38 -14.15 -26.25
CA ASN F 187 -38.70 -14.65 -26.65
C ASN F 187 -39.81 -13.74 -26.14
N GLN F 188 -39.59 -13.04 -25.03
CA GLN F 188 -40.61 -12.13 -24.52
C GLN F 188 -40.81 -10.96 -25.48
N LEU F 189 -39.71 -10.37 -25.94
CA LEU F 189 -39.81 -9.29 -26.91
C LEU F 189 -40.35 -9.79 -28.23
N ASN F 190 -40.04 -11.04 -28.59
CA ASN F 190 -40.54 -11.61 -29.84
C ASN F 190 -42.05 -11.73 -29.80
N HIS F 191 -42.63 -11.96 -28.63
CA HIS F 191 -44.08 -12.03 -28.50
C HIS F 191 -44.68 -10.64 -28.46
N GLU F 192 -43.99 -9.67 -27.86
CA GLU F 192 -44.50 -8.31 -27.78
C GLU F 192 -44.59 -7.69 -29.17
N ILE F 193 -43.63 -8.02 -30.05
CA ILE F 193 -43.66 -7.50 -31.40
C ILE F 193 -44.76 -8.17 -32.21
N ASN F 194 -45.23 -9.34 -31.76
CA ASN F 194 -46.22 -10.15 -32.47
C ASN F 194 -45.66 -10.66 -33.79
N SER F 195 -44.34 -10.82 -33.86
CA SER F 195 -43.70 -11.37 -35.06
C SER F 195 -44.07 -12.84 -35.24
N HIS F 196 -43.76 -13.67 -34.24
CA HIS F 196 -44.07 -15.10 -34.27
C HIS F 196 -43.46 -15.77 -35.50
N LYS F 197 -42.30 -15.28 -35.94
CA LYS F 197 -41.61 -15.81 -37.10
C LYS F 197 -40.13 -16.01 -36.77
N THR F 198 -39.68 -17.26 -36.85
CA THR F 198 -38.32 -17.74 -36.57
C THR F 198 -37.71 -17.09 -35.33
N HIS F 199 -36.55 -16.45 -35.46
CA HIS F 199 -35.81 -15.91 -34.33
C HIS F 199 -35.92 -14.39 -34.26
N PHE F 200 -35.49 -13.86 -33.10
CA PHE F 200 -35.43 -12.43 -32.83
C PHE F 200 -33.99 -11.96 -33.07
N ILE F 201 -33.78 -11.17 -34.11
CA ILE F 201 -32.45 -10.81 -34.59
C ILE F 201 -32.10 -9.39 -34.13
N THR F 202 -30.90 -9.22 -33.59
CA THR F 202 -30.35 -7.92 -33.24
C THR F 202 -29.01 -7.74 -33.95
N GLN F 203 -28.29 -6.69 -33.55
CA GLN F 203 -26.96 -6.46 -34.12
C GLN F 203 -25.92 -7.42 -33.55
N PHE F 204 -26.16 -7.92 -32.34
CA PHE F 204 -25.20 -8.77 -31.64
C PHE F 204 -25.43 -10.26 -31.93
N ASP F 205 -26.04 -10.59 -33.06
CA ASP F 205 -26.35 -11.98 -33.37
C ASP F 205 -25.75 -12.39 -34.71
N PRO F 206 -24.93 -13.45 -34.72
CA PRO F 206 -24.38 -13.95 -35.97
C PRO F 206 -25.38 -14.78 -36.76
N VAL F 207 -25.11 -14.89 -38.06
CA VAL F 207 -25.99 -15.66 -38.95
C VAL F 207 -25.82 -17.15 -38.77
N SER F 208 -24.78 -17.58 -38.04
CA SER F 208 -24.50 -19.00 -37.83
C SER F 208 -25.43 -19.63 -36.80
N GLN F 209 -26.24 -18.82 -36.11
CA GLN F 209 -27.17 -19.35 -35.12
C GLN F 209 -28.43 -19.90 -35.77
N MET F 210 -28.59 -19.68 -37.07
CA MET F 210 -29.76 -20.16 -37.78
C MET F 210 -29.70 -21.67 -37.99
N ASN F 211 -30.86 -22.27 -38.23
CA ASN F 211 -30.97 -23.70 -38.50
C ASN F 211 -30.41 -24.56 -37.37
N THR F 212 -30.49 -24.07 -36.13
CA THR F 212 -30.05 -24.82 -34.96
C THR F 212 -31.26 -25.15 -34.08
N ARG F 213 -31.37 -26.41 -33.69
CA ARG F 213 -32.52 -26.86 -32.92
C ARG F 213 -32.52 -26.27 -31.50
N PRO F 214 -33.72 -26.06 -30.93
CA PRO F 214 -33.81 -25.52 -29.57
C PRO F 214 -33.17 -26.46 -28.54
N LEU F 215 -32.81 -25.87 -27.39
CA LEU F 215 -32.11 -26.61 -26.36
C LEU F 215 -32.98 -27.71 -25.78
N ILE F 216 -34.27 -27.44 -25.61
CA ILE F 216 -35.17 -28.42 -24.98
C ILE F 216 -35.20 -29.72 -25.77
N GLN F 217 -35.11 -29.63 -27.09
CA GLN F 217 -35.10 -30.83 -27.92
C GLN F 217 -33.72 -31.47 -27.95
N LEU F 218 -32.66 -30.67 -27.82
CA LEU F 218 -31.31 -31.20 -27.85
C LEU F 218 -31.03 -32.06 -26.63
N ILE F 219 -31.70 -31.78 -25.50
CA ILE F 219 -31.52 -32.58 -24.30
C ILE F 219 -32.09 -33.98 -24.52
N GLU F 220 -33.26 -34.07 -25.14
CA GLU F 220 -33.90 -35.36 -25.34
C GLU F 220 -33.17 -36.18 -26.40
N LYS F 221 -32.60 -35.51 -27.40
CA LYS F 221 -31.99 -36.19 -28.54
C LYS F 221 -30.52 -36.53 -28.31
N PHE F 222 -29.73 -35.57 -27.82
CA PHE F 222 -28.31 -35.76 -27.65
C PHE F 222 -27.82 -35.48 -26.24
N GLY F 223 -28.71 -35.16 -25.30
CA GLY F 223 -28.28 -34.76 -23.97
C GLY F 223 -27.46 -35.81 -23.24
N SER F 224 -27.95 -37.06 -23.23
CA SER F 224 -27.28 -38.08 -22.43
C SER F 224 -25.93 -38.47 -23.01
N LYS F 225 -25.76 -38.37 -24.33
CA LYS F 225 -24.49 -38.77 -24.93
C LYS F 225 -23.43 -37.69 -24.73
N ILE F 226 -23.81 -36.42 -24.84
CA ILE F 226 -22.87 -35.33 -24.71
C ILE F 226 -22.48 -35.11 -23.26
N TYR F 227 -23.46 -35.12 -22.35
CA TYR F 227 -23.18 -34.85 -20.94
C TYR F 227 -22.21 -35.86 -20.35
N ASP F 228 -22.36 -37.13 -20.73
CA ASP F 228 -21.44 -38.15 -20.20
C ASP F 228 -20.02 -37.88 -20.64
N TYR F 229 -19.84 -37.24 -21.80
CA TYR F 229 -18.51 -36.83 -22.23
C TYR F 229 -18.06 -35.59 -21.47
N TRP F 230 -18.95 -34.61 -21.33
CA TRP F 230 -18.64 -33.40 -20.59
C TRP F 230 -18.44 -33.70 -19.11
N ARG F 231 -19.18 -34.66 -18.56
CA ARG F 231 -19.02 -35.03 -17.15
C ARG F 231 -17.63 -35.56 -16.88
N GLU F 232 -17.09 -36.36 -17.80
CA GLU F 232 -15.75 -36.92 -17.62
C GLU F 232 -14.69 -35.83 -17.76
N ARG F 233 -15.00 -34.79 -18.54
CA ARG F 233 -14.06 -33.69 -18.70
C ARG F 233 -13.89 -32.93 -17.39
N LYS F 234 -15.01 -32.68 -16.68
CA LYS F 234 -14.95 -32.02 -15.38
C LYS F 234 -14.20 -32.84 -14.34
N ILE F 235 -14.27 -34.18 -14.45
CA ILE F 235 -13.55 -35.02 -13.50
C ILE F 235 -12.05 -34.93 -13.72
N GLU F 236 -11.61 -34.83 -14.97
CA GLU F 236 -10.17 -34.75 -15.23
C GLU F 236 -9.54 -33.52 -14.61
N VAL F 237 -10.31 -32.44 -14.49
CA VAL F 237 -9.83 -31.20 -13.90
C VAL F 237 -10.19 -31.09 -12.43
N ASN F 238 -10.72 -32.17 -11.85
CA ASN F 238 -11.08 -32.24 -10.43
C ASN F 238 -12.13 -31.20 -10.04
N GLY F 239 -13.09 -30.95 -10.92
CA GLY F 239 -14.18 -30.07 -10.61
C GLY F 239 -13.92 -28.61 -10.93
N TYR F 240 -12.69 -28.26 -11.28
CA TYR F 240 -12.35 -26.88 -11.60
C TYR F 240 -12.76 -26.55 -13.03
N GLU F 241 -12.23 -25.47 -13.58
CA GLU F 241 -12.62 -25.04 -14.91
C GLU F 241 -11.87 -25.82 -15.98
N ILE F 242 -12.61 -26.29 -16.99
CA ILE F 242 -12.04 -27.10 -18.05
C ILE F 242 -10.98 -26.32 -18.82
N PHE F 243 -11.29 -25.07 -19.18
CA PHE F 243 -10.38 -24.30 -20.01
C PHE F 243 -9.69 -23.18 -19.22
N PRO F 244 -8.44 -22.87 -19.57
CA PRO F 244 -7.64 -21.92 -18.78
C PRO F 244 -8.37 -20.63 -18.43
N GLN F 245 -8.33 -20.29 -17.13
CA GLN F 245 -8.94 -19.09 -16.61
C GLN F 245 -7.89 -18.14 -16.09
N LEU F 246 -8.29 -16.87 -15.92
CA LEU F 246 -7.42 -15.86 -15.33
C LEU F 246 -7.38 -16.05 -13.82
N LYS F 247 -6.24 -15.68 -13.23
CA LYS F 247 -6.04 -15.83 -11.79
C LYS F 247 -6.43 -14.54 -11.06
N PHE F 248 -7.42 -14.64 -10.19
CA PHE F 248 -7.92 -13.49 -9.46
C PHE F 248 -7.67 -13.63 -7.96
N GLU F 249 -7.71 -12.49 -7.27
CA GLU F 249 -7.55 -12.44 -5.82
C GLU F 249 -8.90 -12.70 -5.14
N ARG F 250 -8.89 -13.63 -4.19
CA ARG F 250 -10.11 -13.97 -3.46
C ARG F 250 -10.60 -12.79 -2.61
N PRO F 251 -11.91 -12.52 -2.59
CA PRO F 251 -12.43 -11.37 -1.85
C PRO F 251 -12.15 -11.44 -0.36
N GLY F 252 -11.60 -10.36 0.18
CA GLY F 252 -11.22 -10.29 1.57
C GLY F 252 -9.80 -10.68 1.83
N GLU F 253 -9.19 -11.44 0.93
CA GLU F 253 -7.82 -11.89 1.02
C GLU F 253 -6.91 -10.90 0.29
N LYS F 254 -5.61 -10.99 0.60
CA LYS F 254 -4.59 -10.18 -0.06
C LYS F 254 -3.46 -11.09 -0.49
N GLU F 255 -3.14 -11.07 -1.78
CA GLU F 255 -2.02 -11.84 -2.32
C GLU F 255 -1.02 -10.88 -2.95
N GLU F 256 0.27 -11.12 -2.70
CA GLU F 256 1.30 -10.19 -3.13
C GLU F 256 2.44 -10.90 -3.87
N ILE F 257 2.66 -12.17 -3.56
CA ILE F 257 3.81 -12.88 -4.12
C ILE F 257 3.48 -13.48 -5.48
N ASP F 258 2.30 -14.08 -5.63
CA ASP F 258 1.95 -14.75 -6.88
C ASP F 258 1.92 -13.79 -8.06
N PRO F 259 2.73 -14.02 -9.09
CA PRO F 259 2.79 -13.07 -10.21
C PRO F 259 1.55 -13.11 -11.10
N TYR F 260 0.78 -14.18 -11.05
CA TYR F 260 -0.34 -14.39 -11.96
C TYR F 260 -1.65 -13.78 -11.46
N VAL F 261 -1.65 -13.16 -10.28
CA VAL F 261 -2.85 -12.50 -9.77
C VAL F 261 -3.05 -11.17 -10.47
N CYS F 262 -4.24 -10.96 -11.02
CA CYS F 262 -4.53 -9.78 -11.82
C CYS F 262 -5.75 -9.05 -11.26
N PHE F 263 -5.77 -7.73 -11.53
CA PHE F 263 -6.94 -6.87 -11.32
C PHE F 263 -7.55 -7.04 -9.93
N ARG F 264 -6.74 -6.76 -8.91
CA ARG F 264 -7.25 -6.78 -7.55
C ARG F 264 -8.19 -5.61 -7.35
N ARG F 265 -9.29 -5.84 -6.63
CA ARG F 265 -10.26 -4.80 -6.32
C ARG F 265 -10.37 -4.67 -4.82
N ARG F 266 -9.70 -3.67 -4.26
CA ARG F 266 -9.58 -3.54 -2.81
C ARG F 266 -10.59 -2.57 -2.20
N GLU F 267 -11.31 -1.81 -3.01
CA GLU F 267 -12.34 -0.92 -2.49
C GLU F 267 -13.49 -1.72 -1.89
N VAL F 268 -14.02 -1.22 -0.78
CA VAL F 268 -15.12 -1.89 -0.08
C VAL F 268 -16.12 -0.85 0.37
N ARG F 269 -17.38 -1.02 -0.01
CA ARG F 269 -18.44 -0.08 0.35
C ARG F 269 -19.16 -0.60 1.60
N HIS F 270 -19.17 0.23 2.65
CA HIS F 270 -19.87 -0.19 3.86
C HIS F 270 -21.19 0.54 4.01
N PRO F 271 -22.26 -0.17 4.39
CA PRO F 271 -23.56 0.48 4.54
C PRO F 271 -23.56 1.52 5.66
N ARG F 272 -24.36 2.56 5.47
CA ARG F 272 -24.48 3.59 6.50
C ARG F 272 -25.11 3.02 7.76
N LYS F 273 -24.67 3.56 8.90
CA LYS F 273 -25.09 3.11 10.23
C LYS F 273 -26.49 3.62 10.59
N THR F 274 -27.46 3.30 9.75
CA THR F 274 -28.82 3.73 9.98
C THR F 274 -29.79 2.76 9.31
N ARG F 275 -30.97 2.63 9.92
CA ARG F 275 -32.03 1.79 9.40
C ARG F 275 -33.15 2.60 8.77
N ARG F 276 -33.02 3.92 8.72
CA ARG F 276 -34.04 4.78 8.12
C ARG F 276 -34.16 4.53 6.62
N ILE F 277 -35.31 4.89 6.08
CA ILE F 277 -35.60 4.68 4.67
C ILE F 277 -34.94 5.79 3.85
N ASP F 278 -34.21 5.42 2.80
CA ASP F 278 -33.61 6.40 1.90
C ASP F 278 -34.72 6.98 1.03
N ILE F 279 -35.45 7.94 1.59
CA ILE F 279 -36.60 8.52 0.88
C ILE F 279 -36.15 9.23 -0.39
N LEU F 280 -35.07 10.01 -0.30
CA LEU F 280 -34.62 10.81 -1.43
C LEU F 280 -34.18 9.93 -2.60
N ASN F 281 -33.28 8.98 -2.35
CA ASN F 281 -32.75 8.14 -3.41
C ASN F 281 -33.72 7.05 -3.86
N SER F 282 -34.88 6.94 -3.22
CA SER F 282 -35.90 6.01 -3.66
C SER F 282 -36.91 6.66 -4.59
N GLN F 283 -37.18 7.95 -4.38
CA GLN F 283 -38.07 8.68 -5.27
C GLN F 283 -37.43 8.90 -6.63
N ARG F 284 -36.15 9.26 -6.65
CA ARG F 284 -35.46 9.45 -7.91
C ARG F 284 -35.19 8.14 -8.62
N LEU F 285 -35.15 7.02 -7.88
CA LEU F 285 -35.02 5.72 -8.52
C LEU F 285 -36.32 5.32 -9.19
N ARG F 286 -37.46 5.67 -8.59
CA ARG F 286 -38.75 5.41 -9.20
C ARG F 286 -38.94 6.26 -10.45
N ALA F 287 -38.41 7.49 -10.45
CA ALA F 287 -38.54 8.35 -11.61
C ALA F 287 -37.72 7.83 -12.79
N LEU F 288 -36.52 7.33 -12.52
CA LEU F 288 -35.70 6.77 -13.59
C LEU F 288 -36.35 5.52 -14.16
N HIS F 289 -37.03 4.74 -13.31
CA HIS F 289 -37.73 3.56 -13.79
C HIS F 289 -38.89 3.93 -14.70
N GLN F 290 -39.63 4.98 -14.34
CA GLN F 290 -40.77 5.40 -15.15
C GLN F 290 -40.32 5.87 -16.53
N GLU F 291 -39.23 6.64 -16.59
CA GLU F 291 -38.74 7.12 -17.86
C GLU F 291 -38.12 6.01 -18.69
N LEU F 292 -37.67 4.94 -18.04
CA LEU F 292 -37.16 3.80 -18.77
C LEU F 292 -38.29 2.95 -19.34
N LYS F 293 -39.45 2.95 -18.66
CA LYS F 293 -40.62 2.25 -19.20
C LYS F 293 -41.17 2.96 -20.43
N ASN F 294 -41.28 4.29 -20.36
CA ASN F 294 -41.69 5.05 -21.53
C ASN F 294 -40.67 4.86 -22.64
N ALA F 295 -39.40 4.70 -22.27
CA ALA F 295 -38.35 4.46 -23.24
C ALA F 295 -38.54 3.13 -23.95
N LYS F 296 -38.89 2.09 -23.20
CA LYS F 296 -39.08 0.77 -23.78
C LYS F 296 -40.35 0.70 -24.61
N ASP F 297 -41.34 1.54 -24.29
CA ASP F 297 -42.59 1.53 -25.04
C ASP F 297 -42.40 2.04 -26.46
N LEU F 298 -41.69 3.16 -26.63
CA LEU F 298 -41.48 3.69 -27.97
C LEU F 298 -40.58 2.79 -28.79
N ALA F 299 -39.56 2.20 -28.19
CA ALA F 299 -38.69 1.30 -28.95
C ALA F 299 -39.47 0.08 -29.42
N LEU F 300 -40.50 -0.32 -28.67
CA LEU F 300 -41.33 -1.44 -29.09
C LEU F 300 -42.20 -1.09 -30.28
N LEU F 301 -42.81 0.10 -30.28
CA LEU F 301 -43.64 0.50 -31.41
C LEU F 301 -42.82 0.56 -32.69
N VAL F 302 -41.62 1.12 -32.62
CA VAL F 302 -40.74 1.16 -33.79
C VAL F 302 -40.40 -0.25 -34.22
N ALA F 303 -40.12 -1.13 -33.27
CA ALA F 303 -39.84 -2.52 -33.62
C ALA F 303 -41.07 -3.20 -34.19
N LYS F 304 -42.27 -2.76 -33.78
CA LYS F 304 -43.50 -3.26 -34.38
C LYS F 304 -43.70 -2.69 -35.78
N ARG F 305 -43.46 -1.39 -35.94
CA ARG F 305 -43.67 -0.73 -37.21
C ARG F 305 -42.78 -1.32 -38.29
N GLU F 306 -41.50 -1.56 -37.97
CA GLU F 306 -40.61 -2.13 -38.97
C GLU F 306 -40.94 -3.59 -39.22
N ASN F 307 -41.58 -4.26 -38.27
CA ASN F 307 -42.01 -5.63 -38.48
C ASN F 307 -43.24 -5.68 -39.38
N VAL F 308 -44.18 -4.76 -39.16
CA VAL F 308 -45.35 -4.69 -40.03
C VAL F 308 -44.96 -4.28 -41.44
N SER F 309 -43.95 -3.41 -41.56
CA SER F 309 -43.44 -3.07 -42.88
C SER F 309 -42.74 -4.24 -43.54
N LEU F 310 -42.25 -5.19 -42.75
CA LEU F 310 -41.60 -6.37 -43.31
C LEU F 310 -42.61 -7.37 -43.82
N ASN F 311 -43.72 -7.56 -43.11
CA ASN F 311 -44.74 -8.48 -43.61
C ASN F 311 -45.47 -7.89 -44.81
N TRP F 312 -45.60 -6.57 -44.87
CA TRP F 312 -46.25 -5.94 -46.01
C TRP F 312 -45.45 -6.14 -47.29
N ILE F 313 -44.13 -5.95 -47.22
CA ILE F 313 -43.30 -6.13 -48.40
C ILE F 313 -43.16 -7.61 -48.72
N ASN F 314 -43.16 -8.47 -47.71
CA ASN F 314 -43.12 -9.91 -47.98
C ASN F 314 -44.40 -10.37 -48.67
N ASP F 315 -45.50 -9.65 -48.47
CA ASP F 315 -46.72 -9.94 -49.22
C ASP F 315 -46.59 -9.49 -50.67
N GLU F 316 -46.18 -8.24 -50.88
CA GLU F 316 -45.98 -7.72 -52.23
C GLU F 316 -45.02 -8.60 -53.03
N LEU F 317 -43.97 -9.11 -52.38
CA LEU F 317 -43.06 -10.01 -53.07
C LEU F 317 -43.72 -11.33 -53.42
N LYS F 318 -44.71 -11.73 -52.63
CA LYS F 318 -45.45 -12.95 -52.88
C LYS F 318 -46.61 -12.71 -53.83
N ILE F 319 -47.32 -11.59 -53.67
CA ILE F 319 -48.41 -11.25 -54.57
C ILE F 319 -47.88 -11.13 -56.00
N PHE F 320 -46.74 -10.46 -56.17
CA PHE F 320 -46.15 -10.33 -57.49
C PHE F 320 -45.76 -11.69 -58.06
N ASP F 321 -45.18 -12.56 -57.24
CA ASP F 321 -44.80 -13.87 -57.74
C ASP F 321 -46.01 -14.75 -58.05
N GLN F 322 -47.17 -14.43 -57.48
CA GLN F 322 -48.40 -15.14 -57.78
C GLN F 322 -49.12 -14.55 -58.99
N ARG F 323 -49.05 -13.24 -59.17
CA ARG F 323 -49.68 -12.61 -60.33
C ARG F 323 -48.99 -12.99 -61.64
N VAL F 324 -47.69 -13.30 -61.58
CA VAL F 324 -47.01 -13.77 -62.78
C VAL F 324 -47.39 -15.22 -63.06
N LYS F 325 -47.65 -16.00 -62.01
CA LYS F 325 -48.06 -17.39 -62.21
C LYS F 325 -49.50 -17.47 -62.71
N ILE F 326 -50.36 -16.57 -62.24
CA ILE F 326 -51.75 -16.57 -62.68
C ILE F 326 -51.83 -16.15 -64.15
N LYS F 327 -51.17 -15.05 -64.51
CA LYS F 327 -51.22 -14.60 -65.91
C LYS F 327 -50.65 -15.65 -66.85
N ASN F 328 -49.56 -16.34 -66.45
CA ASN F 328 -48.98 -17.36 -67.31
C ASN F 328 -49.90 -18.57 -67.45
N LEU F 329 -50.74 -18.85 -66.45
CA LEU F 329 -51.71 -19.93 -66.60
C LEU F 329 -52.98 -19.46 -67.28
N LYS F 330 -53.32 -18.17 -67.13
CA LYS F 330 -54.50 -17.64 -67.81
C LYS F 330 -54.29 -17.61 -69.31
N ARG F 331 -53.09 -17.25 -69.75
CA ARG F 331 -52.77 -17.23 -71.18
C ARG F 331 -52.58 -18.62 -71.73
N SER F 332 -52.17 -19.58 -70.89
CA SER F 332 -51.99 -20.96 -71.32
C SER F 332 -53.32 -21.68 -71.50
N LEU F 333 -54.35 -21.29 -70.74
CA LEU F 333 -55.68 -21.86 -70.84
C LEU F 333 -56.60 -20.97 -71.65
N ASN F 334 -56.08 -19.83 -72.11
CA ASN F 334 -56.79 -18.86 -72.94
C ASN F 334 -58.08 -18.39 -72.28
N ILE F 335 -58.02 -18.23 -70.95
CA ILE F 335 -59.15 -17.74 -70.17
C ILE F 335 -59.11 -16.21 -70.13
N SER F 336 -60.27 -15.59 -70.32
CA SER F 336 -60.40 -14.13 -70.32
C SER F 336 -61.37 -13.83 -69.20
N GLY F 337 -60.85 -13.52 -68.02
CA GLY F 337 -61.70 -13.28 -66.88
C GLY F 337 -61.39 -12.00 -66.11
N GLU F 338 -61.80 -11.96 -64.85
CA GLU F 338 -61.68 -10.74 -64.07
C GLU F 338 -60.24 -10.52 -63.64
N ASP F 339 -59.71 -9.35 -63.98
CA ASP F 339 -58.34 -8.97 -63.70
C ASP F 339 -58.22 -8.20 -62.39
N ASP F 340 -59.27 -8.21 -61.56
CA ASP F 340 -59.33 -7.37 -60.37
C ASP F 340 -58.18 -7.67 -59.40
N ASP F 341 -57.86 -8.94 -59.21
CA ASP F 341 -56.79 -9.28 -58.29
C ASP F 341 -55.42 -9.06 -58.90
N LEU F 342 -55.35 -8.84 -60.20
CA LEU F 342 -54.12 -8.64 -60.93
C LEU F 342 -53.75 -7.17 -61.01
N ILE F 343 -54.61 -6.28 -60.50
CA ILE F 343 -54.39 -4.85 -60.49
C ILE F 343 -54.62 -4.30 -59.08
N ASN F 344 -53.81 -3.32 -58.69
CA ASN F 344 -53.95 -2.68 -57.39
C ASN F 344 -55.01 -1.59 -57.42
N HIS F 345 -55.95 -1.66 -56.49
CA HIS F 345 -57.01 -0.66 -56.36
C HIS F 345 -56.73 0.28 -55.20
N LYS F 346 -57.53 1.35 -55.14
CA LYS F 346 -57.41 2.34 -54.08
C LYS F 346 -58.69 2.44 -53.27
N ILE G 11 22.25 41.64 -36.17
CA ILE G 11 22.01 40.21 -36.12
C ILE G 11 20.58 40.00 -36.62
N SER G 12 19.77 39.26 -35.87
CA SER G 12 18.47 38.80 -36.36
C SER G 12 18.58 38.18 -37.75
N VAL G 13 19.79 37.74 -38.12
CA VAL G 13 20.00 36.98 -39.36
C VAL G 13 18.97 35.89 -39.51
N LYS G 14 18.95 34.96 -38.56
CA LYS G 14 17.78 34.15 -38.27
C LYS G 14 17.16 34.70 -37.00
N GLN G 15 15.84 34.85 -37.01
CA GLN G 15 15.22 35.61 -35.96
C GLN G 15 15.33 34.92 -34.61
N HIS G 16 15.57 35.74 -33.59
CA HIS G 16 15.53 35.31 -32.21
C HIS G 16 14.21 35.84 -31.70
N LEU G 17 13.67 35.26 -30.64
CA LEU G 17 12.41 35.76 -30.12
C LEU G 17 12.60 36.34 -28.73
N LYS G 18 12.03 37.52 -28.54
CA LYS G 18 12.05 38.23 -27.28
C LYS G 18 10.94 37.67 -26.40
N ILE G 19 11.21 37.61 -25.10
CA ILE G 19 10.25 37.08 -24.14
C ILE G 19 10.15 38.02 -22.95
N TYR G 20 8.94 38.43 -22.62
CA TYR G 20 8.65 39.07 -21.35
C TYR G 20 8.16 37.99 -20.39
N LEU G 21 8.28 38.25 -19.09
CA LEU G 21 8.19 37.19 -18.10
C LEU G 21 7.01 37.37 -17.14
N PRO G 22 5.78 37.07 -17.58
CA PRO G 22 4.73 36.79 -16.60
C PRO G 22 5.00 35.50 -15.89
N ASN G 23 5.71 34.59 -16.54
CA ASN G 23 6.27 33.38 -15.96
C ASN G 23 7.79 33.51 -16.00
N ASP G 24 8.40 33.66 -14.83
CA ASP G 24 9.82 33.97 -14.76
C ASP G 24 10.66 32.75 -15.10
N LEU G 25 11.97 32.94 -15.11
CA LEU G 25 12.91 31.87 -15.41
C LEU G 25 14.21 32.15 -14.66
N LYS G 26 14.95 31.07 -14.33
CA LYS G 26 16.17 31.20 -13.55
C LYS G 26 17.27 30.31 -14.11
N HIS G 27 18.29 30.90 -14.72
CA HIS G 27 19.53 30.19 -14.98
C HIS G 27 20.64 31.13 -15.46
N LEU G 28 21.81 31.04 -14.82
CA LEU G 28 22.99 31.79 -15.25
C LEU G 28 24.25 31.26 -14.59
N LYS G 69 22.36 21.75 -15.82
CA LYS G 69 22.28 22.82 -16.82
C LYS G 69 20.83 23.05 -17.25
N ASP G 70 19.91 22.32 -16.65
CA ASP G 70 18.50 22.47 -16.95
C ASP G 70 17.97 23.81 -16.41
N TYR G 71 16.99 24.37 -17.11
CA TYR G 71 16.38 25.62 -16.70
C TYR G 71 15.31 25.37 -15.65
N ILE G 72 15.07 26.37 -14.81
CA ILE G 72 14.20 26.24 -13.65
C ILE G 72 13.09 27.29 -13.70
N PRO G 73 11.82 26.90 -13.62
CA PRO G 73 10.72 27.86 -13.58
C PRO G 73 10.68 28.66 -12.29
N THR G 74 10.20 29.90 -12.38
CA THR G 74 10.18 30.80 -11.23
C THR G 74 8.83 31.52 -11.09
N PRO G 75 8.22 31.49 -9.91
CA PRO G 75 6.94 32.19 -9.71
C PRO G 75 7.03 33.68 -9.98
N ASP G 76 5.92 34.24 -10.43
CA ASP G 76 5.85 35.66 -10.72
C ASP G 76 5.74 36.48 -9.42
N ALA G 77 5.94 37.79 -9.56
CA ALA G 77 5.82 38.71 -8.43
C ALA G 77 4.39 38.76 -7.92
N SER G 78 4.23 38.71 -6.60
CA SER G 78 2.93 38.66 -5.96
C SER G 78 2.38 40.06 -5.72
N MET G 79 1.16 40.30 -6.20
CA MET G 79 0.48 41.57 -5.99
C MET G 79 0.00 41.69 -4.56
N THR G 80 -0.14 42.93 -4.09
CA THR G 80 -0.62 43.19 -2.75
C THR G 80 -2.14 43.37 -2.74
N TRP G 81 -2.72 43.24 -1.55
CA TRP G 81 -4.16 43.31 -1.37
C TRP G 81 -4.59 44.68 -0.87
N ASN G 82 -5.66 45.22 -1.45
CA ASN G 82 -6.11 46.56 -1.11
C ASN G 82 -6.73 46.62 0.29
N GLU G 83 -7.67 45.73 0.58
CA GLU G 83 -8.38 45.76 1.85
C GLU G 83 -7.63 45.08 2.98
N TYR G 84 -6.33 44.79 2.78
CA TYR G 84 -5.56 44.06 3.79
C TYR G 84 -5.60 44.74 5.15
N ASP G 85 -5.49 46.07 5.16
CA ASP G 85 -5.50 46.79 6.43
C ASP G 85 -6.87 46.77 7.08
N LYS G 86 -7.93 46.48 6.31
CA LYS G 86 -9.28 46.44 6.86
C LYS G 86 -9.57 45.11 7.53
N PHE G 87 -9.05 44.02 6.96
CA PHE G 87 -9.31 42.69 7.52
C PHE G 87 -8.37 42.36 8.67
N TYR G 88 -7.11 42.79 8.58
CA TYR G 88 -6.09 42.46 9.59
C TYR G 88 -5.82 43.66 10.50
N THR G 89 -6.64 43.80 11.53
CA THR G 89 -6.53 44.87 12.51
C THR G 89 -6.23 44.28 13.87
N GLY G 90 -5.22 44.81 14.54
CA GLY G 90 -4.87 44.34 15.87
C GLY G 90 -3.39 44.54 16.13
N SER G 91 -2.97 44.13 17.32
CA SER G 91 -1.58 44.25 17.75
C SER G 91 -1.17 43.05 18.60
N PHE G 92 0.00 42.50 18.29
CA PHE G 92 0.57 41.37 19.03
C PHE G 92 1.81 41.83 19.78
N GLN G 93 1.70 41.96 21.11
CA GLN G 93 2.81 42.37 21.95
C GLN G 93 3.78 41.21 22.14
N GLU G 94 5.03 41.42 21.74
CA GLU G 94 6.05 40.37 21.89
C GLU G 94 6.42 40.19 23.36
N THR G 95 6.53 38.94 23.79
CA THR G 95 6.91 38.62 25.15
C THR G 95 8.42 38.43 25.26
N THR G 96 8.94 38.66 26.46
CA THR G 96 10.38 38.54 26.69
C THR G 96 10.87 37.11 26.45
N SER G 97 10.10 36.12 26.89
CA SER G 97 10.46 34.72 26.71
C SER G 97 9.91 34.19 25.38
N TYR G 98 10.40 33.01 25.00
CA TYR G 98 9.90 32.38 23.79
C TYR G 98 8.47 31.91 23.98
N ILE G 99 7.66 32.05 22.93
CA ILE G 99 6.23 31.74 23.00
C ILE G 99 6.01 30.27 23.33
N LYS G 100 5.16 30.01 24.32
CA LYS G 100 4.70 28.67 24.66
C LYS G 100 3.21 28.59 24.38
N PHE G 101 2.82 27.67 23.49
CA PHE G 101 1.43 27.62 23.03
C PHE G 101 1.11 26.21 22.55
N SER G 102 -0.12 25.77 22.82
CA SER G 102 -0.58 24.44 22.41
C SER G 102 -2.06 24.38 22.10
N ALA G 103 -2.81 25.48 22.20
CA ALA G 103 -4.23 25.47 21.88
C ALA G 103 -4.45 25.31 20.38
N THR G 104 -5.61 24.80 20.02
CA THR G 104 -5.93 24.51 18.63
C THR G 104 -6.53 25.72 17.93
N VAL G 105 -6.61 25.63 16.60
CA VAL G 105 -7.20 26.69 15.79
C VAL G 105 -8.67 26.90 16.16
N GLU G 106 -9.39 25.81 16.41
CA GLU G 106 -10.79 25.91 16.81
C GLU G 106 -10.97 26.73 18.07
N ASP G 107 -9.98 26.69 18.97
CA ASP G 107 -10.06 27.45 20.22
C ASP G 107 -9.99 28.96 19.97
N CYS G 108 -9.36 29.37 18.88
CA CYS G 108 -9.10 30.78 18.58
C CYS G 108 -10.07 31.34 17.55
N CYS G 109 -11.17 30.65 17.29
CA CYS G 109 -12.17 31.12 16.33
C CYS G 109 -13.43 31.67 16.96
N GLY G 110 -13.83 31.20 18.14
CA GLY G 110 -15.01 31.71 18.81
C GLY G 110 -16.31 31.04 18.42
N THR G 111 -16.98 31.53 17.37
CA THR G 111 -18.23 30.95 16.90
C THR G 111 -18.02 30.15 15.62
N ASN G 112 -18.64 28.97 15.54
CA ASN G 112 -18.46 28.08 14.38
C ASN G 112 -19.02 28.70 13.11
N TYR G 113 -20.23 29.24 13.16
CA TYR G 113 -20.89 29.74 11.96
C TYR G 113 -20.32 31.08 11.54
N ASN G 114 -20.21 31.28 10.22
CA ASN G 114 -19.75 32.54 9.63
C ASN G 114 -20.71 32.98 8.53
N MET G 115 -21.21 34.21 8.65
CA MET G 115 -22.17 34.75 7.68
C MET G 115 -21.52 34.96 6.32
N ASP G 116 -22.26 34.64 5.26
CA ASP G 116 -21.83 34.90 3.90
C ASP G 116 -22.61 36.07 3.34
N GLU G 117 -22.46 36.33 2.04
CA GLU G 117 -23.12 37.48 1.42
C GLU G 117 -24.64 37.34 1.46
N ARG G 118 -25.14 36.11 1.28
CA ARG G 118 -26.59 35.91 1.28
C ARG G 118 -27.18 36.13 2.67
N ASP G 119 -26.49 35.67 3.71
CA ASP G 119 -27.00 35.88 5.06
C ASP G 119 -26.97 37.36 5.42
N GLU G 120 -26.05 38.11 4.82
CA GLU G 120 -25.98 39.55 5.08
C GLU G 120 -27.22 40.26 4.52
N THR G 121 -27.59 39.93 3.28
CA THR G 121 -28.76 40.57 2.68
C THR G 121 -30.02 40.22 3.44
N PHE G 122 -30.12 38.99 3.95
CA PHE G 122 -31.29 38.61 4.72
C PHE G 122 -31.30 39.32 6.07
N LEU G 123 -30.12 39.49 6.67
CA LEU G 123 -30.06 40.16 7.96
C LEU G 123 -30.42 41.64 7.84
N ASN G 124 -29.91 42.31 6.79
CA ASN G 124 -30.12 43.74 6.65
C ASN G 124 -31.48 44.08 6.03
N GLU G 125 -31.84 43.40 4.93
CA GLU G 125 -33.00 43.80 4.14
C GLU G 125 -34.26 43.04 4.52
N GLN G 126 -34.26 42.30 5.63
CA GLN G 126 -35.46 41.58 6.04
C GLN G 126 -35.74 41.74 7.53
N VAL G 127 -34.89 41.17 8.38
CA VAL G 127 -35.15 41.19 9.81
C VAL G 127 -34.78 42.52 10.44
N ASN G 128 -33.74 43.17 9.95
CA ASN G 128 -33.27 44.43 10.54
C ASN G 128 -33.49 45.63 9.62
N LYS G 129 -34.46 45.53 8.70
CA LYS G 129 -34.74 46.64 7.80
C LYS G 129 -35.31 47.84 8.57
N GLY G 130 -36.40 47.62 9.31
CA GLY G 130 -37.01 48.68 10.07
C GLY G 130 -37.51 48.19 11.42
N SER G 131 -36.99 47.06 11.86
CA SER G 131 -37.39 46.48 13.13
C SER G 131 -36.94 47.36 14.30
N SER G 132 -37.69 47.28 15.40
CA SER G 132 -37.34 48.05 16.59
C SER G 132 -36.04 47.55 17.20
N ASP G 133 -35.85 46.23 17.26
CA ASP G 133 -34.67 45.63 17.86
C ASP G 133 -33.77 45.07 16.77
N ILE G 134 -32.50 45.49 16.75
CA ILE G 134 -31.53 45.08 15.75
C ILE G 134 -30.82 43.83 16.23
N LEU G 135 -30.51 42.93 15.28
CA LEU G 135 -29.80 41.69 15.56
C LEU G 135 -28.37 41.82 15.04
N THR G 136 -27.40 41.79 15.96
CA THR G 136 -26.01 41.93 15.59
C THR G 136 -25.53 40.73 14.77
N GLU G 137 -24.55 40.96 13.89
CA GLU G 137 -23.98 39.89 13.09
C GLU G 137 -23.42 38.78 13.97
N ASP G 138 -22.80 39.13 15.10
CA ASP G 138 -22.30 38.12 16.02
C ASP G 138 -23.44 37.28 16.58
N GLU G 139 -24.59 37.92 16.86
CA GLU G 139 -25.73 37.21 17.43
C GLU G 139 -26.40 36.32 16.39
N PHE G 140 -26.42 36.75 15.13
CA PHE G 140 -27.01 35.92 14.08
C PHE G 140 -26.25 34.61 13.95
N GLU G 141 -24.92 34.64 14.12
CA GLU G 141 -24.13 33.43 14.01
C GLU G 141 -24.36 32.51 15.20
N ILE G 142 -24.64 33.06 16.38
CA ILE G 142 -24.89 32.25 17.56
C ILE G 142 -26.14 31.41 17.36
N LEU G 143 -27.19 32.00 16.77
CA LEU G 143 -28.41 31.27 16.48
C LEU G 143 -28.16 30.15 15.49
N CYS G 144 -27.54 30.48 14.36
CA CYS G 144 -27.28 29.47 13.33
C CYS G 144 -26.36 28.38 13.84
N SER G 145 -25.38 28.73 14.69
CA SER G 145 -24.48 27.72 15.23
C SER G 145 -25.22 26.72 16.11
N SER G 146 -26.28 27.16 16.80
CA SER G 146 -27.07 26.26 17.61
C SER G 146 -28.01 25.43 16.75
N PHE G 147 -28.48 26.01 15.65
CA PHE G 147 -29.31 25.26 14.71
C PHE G 147 -28.49 24.15 14.05
N GLU G 148 -27.27 24.48 13.63
CA GLU G 148 -26.41 23.50 12.97
C GLU G 148 -26.05 22.37 13.93
N HIS G 149 -25.86 22.72 15.20
CA HIS G 149 -25.52 21.70 16.20
C HIS G 149 -26.73 20.84 16.53
N ALA G 150 -27.93 21.42 16.54
CA ALA G 150 -29.13 20.67 16.92
C ALA G 150 -29.47 19.60 15.88
N ILE G 151 -29.41 19.93 14.60
CA ILE G 151 -29.71 18.94 13.56
C ILE G 151 -28.68 17.83 13.55
N HIS G 152 -27.40 18.16 13.74
CA HIS G 152 -26.37 17.12 13.75
C HIS G 152 -26.58 16.10 14.86
N GLU G 153 -27.33 16.46 15.90
CA GLU G 153 -27.61 15.54 16.98
C GLU G 153 -28.91 14.76 16.75
N ARG G 154 -29.99 15.48 16.44
CA ARG G 154 -31.29 14.81 16.30
C ARG G 154 -31.46 14.14 14.94
N GLN G 155 -30.92 14.73 13.88
CA GLN G 155 -31.06 14.19 12.52
C GLN G 155 -29.70 14.05 11.87
N PRO G 156 -28.90 13.07 12.30
CA PRO G 156 -27.59 12.88 11.65
C PRO G 156 -27.70 12.39 10.23
N PHE G 157 -28.86 11.83 9.85
CA PHE G 157 -29.09 11.35 8.50
C PHE G 157 -30.23 12.16 7.86
N LEU G 158 -30.12 13.48 7.94
CA LEU G 158 -31.12 14.34 7.32
C LEU G 158 -31.10 14.20 5.81
N SER G 159 -29.94 13.88 5.24
CA SER G 159 -29.83 13.74 3.79
C SER G 159 -30.68 12.60 3.26
N MET G 160 -31.04 11.64 4.10
CA MET G 160 -31.93 10.57 3.67
C MET G 160 -33.29 11.12 3.29
N ASP G 161 -33.81 12.05 4.08
CA ASP G 161 -35.11 12.66 3.80
C ASP G 161 -35.04 14.12 4.19
N PRO G 162 -34.51 14.97 3.29
CA PRO G 162 -34.29 16.38 3.64
C PRO G 162 -35.57 17.12 3.95
N GLU G 163 -36.68 16.76 3.32
CA GLU G 163 -37.92 17.49 3.52
C GLU G 163 -38.49 17.32 4.92
N SER G 164 -38.10 16.25 5.62
CA SER G 164 -38.64 15.95 6.94
C SER G 164 -37.80 16.56 8.05
N ILE G 165 -37.16 17.70 7.80
CA ILE G 165 -36.40 18.38 8.84
C ILE G 165 -37.36 18.95 9.88
N LEU G 166 -36.91 18.99 11.13
CA LEU G 166 -37.73 19.49 12.23
C LEU G 166 -38.14 20.94 12.02
N SER G 167 -39.33 21.27 12.51
CA SER G 167 -39.81 22.65 12.52
C SER G 167 -39.21 23.39 13.72
N PHE G 168 -39.39 24.71 13.73
CA PHE G 168 -38.83 25.50 14.82
C PHE G 168 -39.47 25.13 16.15
N GLU G 169 -40.79 24.93 16.16
CA GLU G 169 -41.47 24.57 17.40
C GLU G 169 -40.99 23.23 17.93
N GLU G 170 -40.65 22.30 17.03
CA GLU G 170 -40.21 20.98 17.44
C GLU G 170 -38.77 21.00 17.91
N LEU G 171 -37.96 21.92 17.41
CA LEU G 171 -36.54 21.99 17.75
C LEU G 171 -36.28 22.88 18.96
N LYS G 172 -37.19 23.81 19.26
CA LYS G 172 -37.02 24.73 20.37
C LYS G 172 -36.72 24.05 21.70
N PRO G 173 -37.34 22.93 22.08
CA PRO G 173 -36.92 22.28 23.34
C PRO G 173 -35.48 21.82 23.34
N THR G 174 -34.98 21.36 22.19
CA THR G 174 -33.61 20.86 22.15
C THR G 174 -32.59 21.99 22.24
N LEU G 175 -32.93 23.15 21.69
CA LEU G 175 -32.02 24.29 21.74
C LEU G 175 -31.76 24.75 23.17
N ILE G 176 -32.73 24.52 24.07
CA ILE G 176 -32.57 24.97 25.45
C ILE G 176 -31.56 24.09 26.19
N LYS G 177 -31.65 22.78 26.01
CA LYS G 177 -30.76 21.84 26.70
C LYS G 177 -29.31 21.97 26.23
N SER G 178 -29.08 22.62 25.09
CA SER G 178 -27.73 22.78 24.56
C SER G 178 -26.87 23.64 25.49
N ASP G 182 -18.03 25.97 25.11
CA ASP G 182 -17.86 25.64 26.52
C ASP G 182 -18.58 26.64 27.42
N PHE G 183 -19.88 26.80 27.19
CA PHE G 183 -20.67 27.72 28.01
C PHE G 183 -20.78 27.21 29.45
N ASN G 184 -20.91 25.90 29.63
CA ASN G 184 -20.98 25.34 30.98
C ASN G 184 -19.66 25.52 31.72
N LEU G 185 -18.53 25.37 31.02
CA LEU G 185 -17.24 25.53 31.68
C LEU G 185 -16.95 27.00 31.97
N ARG G 186 -17.32 27.89 31.06
CA ARG G 186 -17.09 29.32 31.27
C ARG G 186 -17.85 29.84 32.49
N ASN G 187 -19.12 29.45 32.62
CA ASN G 187 -19.92 29.92 33.75
C ASN G 187 -19.52 29.24 35.05
N GLN G 188 -19.04 28.00 34.98
CA GLN G 188 -18.63 27.32 36.21
C GLN G 188 -17.41 27.98 36.81
N LEU G 189 -16.39 28.26 35.98
CA LEU G 189 -15.19 28.91 36.47
C LEU G 189 -15.49 30.33 36.93
N ASN G 190 -16.47 30.99 36.30
CA ASN G 190 -16.80 32.35 36.69
C ASN G 190 -17.37 32.39 38.10
N HIS G 191 -18.07 31.34 38.52
CA HIS G 191 -18.60 31.29 39.88
C HIS G 191 -17.53 30.89 40.88
N GLU G 192 -16.60 30.01 40.48
CA GLU G 192 -15.54 29.59 41.39
C GLU G 192 -14.59 30.74 41.72
N ILE G 193 -14.35 31.62 40.75
CA ILE G 193 -13.52 32.79 40.99
C ILE G 193 -14.27 33.81 41.84
N ASN G 194 -15.60 33.72 41.86
CA ASN G 194 -16.48 34.68 42.53
C ASN G 194 -16.40 36.06 41.88
N SER G 195 -16.11 36.08 40.57
CA SER G 195 -16.12 37.33 39.82
C SER G 195 -17.52 37.90 39.74
N HIS G 196 -18.46 37.12 39.21
CA HIS G 196 -19.87 37.51 39.10
C HIS G 196 -20.05 38.81 38.33
N LYS G 197 -19.22 39.07 37.34
CA LYS G 197 -19.30 40.28 36.54
C LYS G 197 -19.20 39.93 35.07
N THR G 198 -20.27 40.20 34.32
CA THR G 198 -20.39 39.93 32.88
C THR G 198 -19.85 38.56 32.49
N HIS G 199 -18.88 38.52 31.59
CA HIS G 199 -18.35 37.28 31.04
C HIS G 199 -16.98 36.94 31.62
N PHE G 200 -16.56 35.70 31.35
CA PHE G 200 -15.25 35.19 31.74
C PHE G 200 -14.32 35.28 30.54
N ILE G 201 -13.32 36.16 30.63
CA ILE G 201 -12.47 36.51 29.50
C ILE G 201 -11.11 35.81 29.63
N THR G 202 -10.65 35.22 28.53
CA THR G 202 -9.32 34.63 28.41
C THR G 202 -8.61 35.26 27.22
N GLN G 203 -7.47 34.68 26.84
CA GLN G 203 -6.73 35.12 25.67
C GLN G 203 -7.39 34.69 24.36
N PHE G 204 -8.18 33.62 24.38
CA PHE G 204 -8.77 33.06 23.18
C PHE G 204 -10.14 33.68 22.89
N ASP G 205 -10.39 34.88 23.39
CA ASP G 205 -11.68 35.53 23.24
C ASP G 205 -11.53 36.91 22.60
N PRO G 206 -12.20 37.17 21.49
CA PRO G 206 -12.16 38.51 20.90
C PRO G 206 -13.05 39.47 21.68
N VAL G 207 -12.77 40.76 21.52
CA VAL G 207 -13.51 41.78 22.25
C VAL G 207 -14.90 42.01 21.69
N SER G 208 -15.20 41.50 20.50
CA SER G 208 -16.50 41.71 19.88
C SER G 208 -17.59 40.81 20.44
N GLN G 209 -17.22 39.80 21.24
CA GLN G 209 -18.19 38.88 21.81
C GLN G 209 -18.82 39.41 23.10
N MET G 210 -18.34 40.53 23.62
CA MET G 210 -18.83 41.03 24.90
C MET G 210 -20.24 41.62 24.78
N ASN G 211 -20.54 42.29 23.67
CA ASN G 211 -21.82 42.98 23.52
C ASN G 211 -22.90 42.11 22.87
N THR G 212 -22.88 40.80 23.13
CA THR G 212 -23.83 39.87 22.52
C THR G 212 -24.75 39.27 23.58
N ARG G 213 -26.06 39.32 23.30
CA ARG G 213 -27.07 38.81 24.21
C ARG G 213 -27.01 37.28 24.31
N PRO G 214 -27.39 36.73 25.48
CA PRO G 214 -27.35 35.27 25.64
C PRO G 214 -28.27 34.54 24.68
N LEU G 215 -27.94 33.27 24.43
CA LEU G 215 -28.65 32.47 23.43
C LEU G 215 -30.08 32.17 23.85
N ILE G 216 -30.31 31.88 25.13
CA ILE G 216 -31.63 31.43 25.58
C ILE G 216 -32.70 32.49 25.31
N GLN G 217 -32.36 33.76 25.48
CA GLN G 217 -33.34 34.81 25.21
C GLN G 217 -33.40 35.13 23.72
N LEU G 218 -32.29 34.91 23.02
CA LEU G 218 -32.24 35.18 21.59
C LEU G 218 -33.14 34.24 20.81
N ILE G 219 -33.37 33.04 21.35
CA ILE G 219 -34.28 32.10 20.72
C ILE G 219 -35.72 32.61 20.80
N GLU G 220 -36.10 33.16 21.94
CA GLU G 220 -37.46 33.66 22.13
C GLU G 220 -37.73 34.90 21.30
N LYS G 221 -36.71 35.73 21.08
CA LYS G 221 -36.88 37.02 20.42
C LYS G 221 -36.75 36.92 18.90
N PHE G 222 -35.70 36.24 18.41
CA PHE G 222 -35.45 36.15 16.99
C PHE G 222 -35.33 34.72 16.47
N GLY G 223 -35.54 33.72 17.32
CA GLY G 223 -35.33 32.34 16.90
C GLY G 223 -36.23 31.91 15.75
N SER G 224 -37.53 32.21 15.84
CA SER G 224 -38.47 31.71 14.84
C SER G 224 -38.26 32.36 13.48
N LYS G 225 -37.79 33.61 13.45
CA LYS G 225 -37.58 34.32 12.20
C LYS G 225 -36.32 33.83 11.49
N ILE G 226 -35.25 33.58 12.24
CA ILE G 226 -33.98 33.18 11.65
C ILE G 226 -34.02 31.71 11.22
N TYR G 227 -34.57 30.84 12.07
CA TYR G 227 -34.56 29.41 11.76
C TYR G 227 -35.30 29.10 10.48
N ASP G 228 -36.42 29.78 10.22
CA ASP G 228 -37.17 29.52 8.99
C ASP G 228 -36.33 29.84 7.77
N TYR G 229 -35.40 30.78 7.88
CA TYR G 229 -34.46 31.06 6.80
C TYR G 229 -33.38 29.99 6.75
N TRP G 230 -32.82 29.63 7.90
CA TRP G 230 -31.80 28.60 7.95
C TRP G 230 -32.36 27.24 7.54
N ARG G 231 -33.64 27.00 7.87
CA ARG G 231 -34.27 25.74 7.48
C ARG G 231 -34.31 25.60 5.96
N GLU G 232 -34.57 26.70 5.27
CA GLU G 232 -34.62 26.65 3.81
C GLU G 232 -33.24 26.43 3.22
N ARG G 233 -32.19 26.85 3.92
CA ARG G 233 -30.84 26.63 3.43
C ARG G 233 -30.50 25.16 3.46
N LYS G 234 -30.88 24.46 4.52
CA LYS G 234 -30.59 23.03 4.62
C LYS G 234 -31.32 22.23 3.56
N ILE G 235 -32.52 22.69 3.17
CA ILE G 235 -33.29 21.96 2.16
C ILE G 235 -32.65 22.11 0.78
N GLU G 236 -32.12 23.30 0.48
CA GLU G 236 -31.51 23.53 -0.84
C GLU G 236 -30.31 22.63 -1.06
N VAL G 237 -29.60 22.26 0.00
CA VAL G 237 -28.45 21.38 -0.11
C VAL G 237 -28.85 19.93 0.16
N ASN G 238 -30.15 19.65 0.24
CA ASN G 238 -30.70 18.31 0.44
C ASN G 238 -30.19 17.68 1.75
N GLY G 239 -30.08 18.50 2.79
CA GLY G 239 -29.73 18.00 4.10
C GLY G 239 -28.24 17.95 4.36
N TYR G 240 -27.40 18.19 3.36
CA TYR G 240 -25.96 18.17 3.54
C TYR G 240 -25.47 19.48 4.13
N GLU G 241 -24.17 19.73 4.04
CA GLU G 241 -23.58 20.91 4.66
C GLU G 241 -23.76 22.13 3.78
N ILE G 242 -24.20 23.23 4.41
CA ILE G 242 -24.45 24.48 3.68
C ILE G 242 -23.17 25.00 3.05
N PHE G 243 -22.07 25.00 3.81
CA PHE G 243 -20.85 25.59 3.31
C PHE G 243 -19.81 24.54 2.94
N PRO G 244 -18.99 24.81 1.91
CA PRO G 244 -18.03 23.82 1.41
C PRO G 244 -17.19 23.13 2.47
N GLN G 245 -17.18 21.79 2.43
CA GLN G 245 -16.39 20.98 3.35
C GLN G 245 -15.32 20.19 2.58
N LEU G 246 -14.32 19.73 3.33
CA LEU G 246 -13.33 18.85 2.77
C LEU G 246 -13.91 17.44 2.65
N LYS G 247 -13.46 16.71 1.65
CA LYS G 247 -13.96 15.36 1.38
C LYS G 247 -13.03 14.34 2.03
N PHE G 248 -13.57 13.53 2.93
CA PHE G 248 -12.84 12.55 3.71
C PHE G 248 -13.24 11.13 3.34
N GLU G 249 -12.36 10.19 3.68
CA GLU G 249 -12.58 8.77 3.43
C GLU G 249 -13.42 8.17 4.55
N ARG G 250 -14.49 7.47 4.17
CA ARG G 250 -15.36 6.84 5.16
C ARG G 250 -14.61 5.76 5.94
N PRO G 251 -14.82 5.69 7.26
CA PRO G 251 -14.08 4.70 8.08
C PRO G 251 -14.40 3.28 7.64
N GLY G 252 -13.35 2.50 7.39
CA GLY G 252 -13.50 1.14 6.94
C GLY G 252 -13.49 1.00 5.43
N GLU G 253 -13.78 2.08 4.71
CA GLU G 253 -13.78 2.10 3.26
C GLU G 253 -12.42 2.55 2.75
N LYS G 254 -12.17 2.26 1.48
CA LYS G 254 -10.95 2.67 0.80
C LYS G 254 -11.35 3.30 -0.53
N GLU G 255 -10.92 4.54 -0.75
CA GLU G 255 -11.17 5.24 -2.00
C GLU G 255 -9.85 5.61 -2.64
N GLU G 256 -9.76 5.44 -3.96
CA GLU G 256 -8.48 5.61 -4.64
C GLU G 256 -8.57 6.57 -5.83
N ILE G 257 -9.74 6.64 -6.46
CA ILE G 257 -9.88 7.42 -7.69
C ILE G 257 -10.19 8.89 -7.39
N ASP G 258 -11.08 9.17 -6.45
CA ASP G 258 -11.52 10.53 -6.19
C ASP G 258 -10.36 11.41 -5.73
N PRO G 259 -10.04 12.49 -6.45
CA PRO G 259 -8.88 13.30 -6.07
C PRO G 259 -9.12 14.17 -4.85
N TYR G 260 -10.36 14.43 -4.48
CA TYR G 260 -10.69 15.37 -3.42
C TYR G 260 -10.71 14.74 -2.02
N VAL G 261 -10.45 13.44 -1.92
CA VAL G 261 -10.38 12.76 -0.63
C VAL G 261 -9.03 13.06 0.00
N CYS G 262 -9.05 13.54 1.24
CA CYS G 262 -7.84 14.01 1.91
C CYS G 262 -7.61 13.30 3.24
N PHE G 263 -6.33 13.22 3.61
CA PHE G 263 -5.88 12.83 4.95
C PHE G 263 -6.55 11.56 5.46
N ARG G 264 -6.35 10.47 4.73
CA ARG G 264 -6.87 9.19 5.17
C ARG G 264 -6.09 8.68 6.38
N ARG G 265 -6.81 8.12 7.35
CA ARG G 265 -6.20 7.52 8.54
C ARG G 265 -6.60 6.05 8.59
N ARG G 266 -5.71 5.15 8.16
CA ARG G 266 -6.05 3.74 8.04
C ARG G 266 -5.57 2.91 9.22
N GLU G 267 -4.80 3.47 10.14
CA GLU G 267 -4.37 2.73 11.32
C GLU G 267 -5.57 2.40 12.19
N VAL G 268 -5.58 1.20 12.77
CA VAL G 268 -6.71 0.73 13.57
C VAL G 268 -6.20 0.03 14.82
N ARG G 269 -6.68 0.47 15.98
CA ARG G 269 -6.31 -0.11 17.26
C ARG G 269 -7.35 -1.14 17.66
N HIS G 270 -6.90 -2.39 17.89
CA HIS G 270 -7.81 -3.45 18.29
C HIS G 270 -7.69 -3.75 19.78
N PRO G 271 -8.82 -3.94 20.45
CA PRO G 271 -8.77 -4.23 21.89
C PRO G 271 -8.05 -5.55 22.17
N ARG G 272 -7.40 -5.60 23.32
CA ARG G 272 -6.66 -6.79 23.72
C ARG G 272 -7.61 -7.97 23.91
N LYS G 273 -7.11 -9.17 23.61
CA LYS G 273 -7.92 -10.37 23.72
C LYS G 273 -8.06 -10.81 25.18
N THR G 274 -8.53 -9.89 26.03
CA THR G 274 -8.67 -10.18 27.44
C THR G 274 -9.72 -9.26 28.05
N ARG G 275 -10.40 -9.76 29.08
CA ARG G 275 -11.36 -8.97 29.84
C ARG G 275 -10.80 -8.55 31.19
N ARG G 276 -9.54 -8.89 31.48
CA ARG G 276 -8.92 -8.52 32.75
C ARG G 276 -8.79 -7.01 32.87
N ILE G 277 -8.73 -6.53 34.11
CA ILE G 277 -8.58 -5.10 34.37
C ILE G 277 -7.12 -4.70 34.31
N ASP G 278 -6.84 -3.62 33.59
CA ASP G 278 -5.50 -3.03 33.49
C ASP G 278 -5.21 -2.28 34.79
N ILE G 279 -4.76 -3.04 35.79
CA ILE G 279 -4.51 -2.45 37.11
C ILE G 279 -3.41 -1.41 37.05
N LEU G 280 -2.32 -1.72 36.34
CA LEU G 280 -1.16 -0.84 36.31
C LEU G 280 -1.49 0.50 35.67
N ASN G 281 -2.05 0.47 34.46
CA ASN G 281 -2.36 1.71 33.75
C ASN G 281 -3.59 2.42 34.29
N SER G 282 -4.26 1.85 35.29
CA SER G 282 -5.37 2.51 35.95
C SER G 282 -4.88 3.29 37.16
N GLN G 283 -3.81 2.79 37.79
CA GLN G 283 -3.19 3.52 38.89
C GLN G 283 -2.50 4.77 38.36
N ARG G 284 -1.87 4.67 37.19
CA ARG G 284 -1.18 5.81 36.61
C ARG G 284 -2.18 6.85 36.13
N LEU G 285 -3.40 6.45 35.79
CA LEU G 285 -4.43 7.41 35.42
C LEU G 285 -4.99 8.12 36.65
N ARG G 286 -5.14 7.39 37.75
CA ARG G 286 -5.61 8.01 38.98
C ARG G 286 -4.57 8.96 39.54
N ALA G 287 -3.29 8.61 39.40
CA ALA G 287 -2.22 9.49 39.89
C ALA G 287 -2.14 10.75 39.06
N LEU G 288 -2.27 10.62 37.74
CA LEU G 288 -2.24 11.78 36.86
C LEU G 288 -3.46 12.67 37.08
N HIS G 289 -4.61 12.08 37.38
CA HIS G 289 -5.81 12.86 37.64
C HIS G 289 -5.67 13.68 38.92
N GLN G 290 -5.06 13.09 39.95
CA GLN G 290 -4.91 13.81 41.21
C GLN G 290 -4.01 15.02 41.04
N GLU G 291 -2.94 14.88 40.25
CA GLU G 291 -2.02 15.99 40.04
C GLU G 291 -2.65 17.09 39.21
N LEU G 292 -3.65 16.76 38.41
CA LEU G 292 -4.40 17.78 37.68
C LEU G 292 -5.41 18.47 38.58
N LYS G 293 -5.89 17.78 39.60
CA LYS G 293 -6.80 18.41 40.55
C LYS G 293 -6.06 19.45 41.39
N ASN G 294 -4.87 19.09 41.88
CA ASN G 294 -4.06 20.04 42.61
C ASN G 294 -3.63 21.19 41.71
N ALA G 295 -3.41 20.90 40.42
CA ALA G 295 -3.05 21.93 39.46
C ALA G 295 -4.17 22.94 39.30
N LYS G 296 -5.40 22.45 39.18
CA LYS G 296 -6.54 23.36 38.99
C LYS G 296 -6.84 24.13 40.26
N ASP G 297 -6.51 23.56 41.43
CA ASP G 297 -6.75 24.26 42.68
C ASP G 297 -5.85 25.49 42.79
N LEU G 298 -4.57 25.32 42.45
CA LEU G 298 -3.62 26.41 42.53
C LEU G 298 -3.90 27.48 41.47
N ALA G 299 -4.26 27.05 40.26
CA ALA G 299 -4.61 28.01 39.20
C ALA G 299 -5.86 28.79 39.55
N LEU G 300 -6.76 28.17 40.32
CA LEU G 300 -7.95 28.88 40.76
C LEU G 300 -7.58 29.95 41.78
N LEU G 301 -6.67 29.62 42.70
CA LEU G 301 -6.21 30.59 43.69
C LEU G 301 -5.54 31.78 43.01
N VAL G 302 -4.71 31.50 42.00
CA VAL G 302 -4.08 32.59 41.26
C VAL G 302 -5.12 33.44 40.57
N ALA G 303 -6.14 32.81 39.98
CA ALA G 303 -7.22 33.56 39.34
C ALA G 303 -8.06 34.30 40.36
N LYS G 304 -8.14 33.78 41.59
CA LYS G 304 -8.87 34.50 42.64
C LYS G 304 -8.09 35.72 43.08
N ARG G 305 -6.78 35.55 43.28
CA ARG G 305 -5.93 36.64 43.76
C ARG G 305 -5.92 37.82 42.81
N GLU G 306 -5.84 37.55 41.50
CA GLU G 306 -5.83 38.63 40.54
C GLU G 306 -7.19 39.28 40.40
N ASN G 307 -8.27 38.56 40.72
CA ASN G 307 -9.60 39.13 40.64
C ASN G 307 -9.89 40.09 41.79
N VAL G 308 -9.52 39.71 43.02
CA VAL G 308 -9.70 40.63 44.13
C VAL G 308 -8.76 41.82 43.99
N SER G 309 -7.60 41.61 43.37
CA SER G 309 -6.70 42.72 43.11
C SER G 309 -7.31 43.69 42.11
N LEU G 310 -8.23 43.21 41.28
CA LEU G 310 -8.91 44.08 40.33
C LEU G 310 -10.00 44.87 41.01
N ASN G 311 -10.70 44.24 41.97
CA ASN G 311 -11.74 44.95 42.71
C ASN G 311 -11.15 45.97 43.66
N TRP G 312 -9.96 45.68 44.21
CA TRP G 312 -9.29 46.65 45.06
C TRP G 312 -8.92 47.89 44.28
N ILE G 313 -8.40 47.69 43.06
CA ILE G 313 -8.06 48.83 42.22
C ILE G 313 -9.32 49.53 41.74
N ASN G 314 -10.38 48.75 41.47
CA ASN G 314 -11.65 49.36 41.08
C ASN G 314 -12.26 50.18 42.22
N ASP G 315 -11.96 49.82 43.46
CA ASP G 315 -12.41 50.63 44.58
C ASP G 315 -11.60 51.91 44.67
N GLU G 316 -10.27 51.79 44.63
CA GLU G 316 -9.40 52.97 44.64
C GLU G 316 -9.77 53.93 43.52
N LEU G 317 -10.12 53.41 42.35
CA LEU G 317 -10.55 54.27 41.26
C LEU G 317 -11.89 54.92 41.57
N LYS G 318 -12.72 54.25 42.38
CA LYS G 318 -14.03 54.77 42.76
C LYS G 318 -13.93 55.69 43.96
N ILE G 319 -13.13 55.31 44.95
CA ILE G 319 -12.93 56.15 46.13
C ILE G 319 -12.34 57.49 45.72
N PHE G 320 -11.35 57.47 44.83
CA PHE G 320 -10.75 58.71 44.36
C PHE G 320 -11.78 59.57 43.64
N ASP G 321 -12.60 58.95 42.79
CA ASP G 321 -13.61 59.72 42.06
C ASP G 321 -14.71 60.22 42.97
N GLN G 322 -14.90 59.60 44.14
CA GLN G 322 -15.87 60.06 45.11
C GLN G 322 -15.28 61.12 46.03
N ARG G 323 -13.99 61.01 46.34
CA ARG G 323 -13.33 61.99 47.20
C ARG G 323 -13.16 63.33 46.49
N VAL G 324 -13.01 63.32 45.16
CA VAL G 324 -12.89 64.59 44.45
C VAL G 324 -14.26 65.27 44.33
N LYS G 325 -15.33 64.47 44.24
CA LYS G 325 -16.66 65.05 44.17
C LYS G 325 -17.10 65.59 45.52
N ILE G 326 -16.69 64.95 46.61
CA ILE G 326 -17.03 65.42 47.95
C ILE G 326 -16.33 66.75 48.24
N LYS G 327 -15.02 66.81 47.97
CA LYS G 327 -14.27 68.04 48.22
C LYS G 327 -14.81 69.20 47.39
N ASN G 328 -15.21 68.94 46.15
CA ASN G 328 -15.78 70.01 45.34
C ASN G 328 -17.12 70.48 45.89
N LEU G 329 -17.80 69.64 46.64
CA LEU G 329 -19.07 69.99 47.23
C LEU G 329 -18.88 70.70 48.57
N LYS G 330 -17.82 70.34 49.29
CA LYS G 330 -17.52 70.99 50.57
C LYS G 330 -17.08 72.43 50.34
N ARG G 331 -16.28 72.66 49.30
CA ARG G 331 -15.82 74.00 48.99
C ARG G 331 -16.94 74.85 48.41
N SER G 332 -17.90 74.21 47.75
CA SER G 332 -19.05 74.92 47.20
C SER G 332 -20.07 75.28 48.27
N LEU G 333 -20.20 74.45 49.31
CA LEU G 333 -21.16 74.67 50.38
C LEU G 333 -20.53 75.23 51.66
N ASN G 334 -19.20 75.38 51.68
CA ASN G 334 -18.48 75.93 52.83
C ASN G 334 -18.77 75.14 54.11
N ILE G 335 -18.78 73.81 53.99
CA ILE G 335 -19.10 72.96 55.13
C ILE G 335 -17.89 72.74 56.03
N SER G 336 -16.80 72.23 55.45
CA SER G 336 -15.59 71.86 56.18
C SER G 336 -15.91 70.82 57.25
N GLY G 337 -16.52 69.73 56.81
CA GLY G 337 -16.91 68.65 57.69
C GLY G 337 -15.75 67.80 58.15
N GLU G 338 -16.05 66.57 58.57
CA GLU G 338 -15.01 65.67 59.05
C GLU G 338 -14.26 65.07 57.87
N ASP G 339 -12.93 65.20 57.90
CA ASP G 339 -12.06 64.73 56.83
C ASP G 339 -11.59 63.30 57.06
N ASP G 340 -12.20 62.58 58.01
CA ASP G 340 -11.72 61.26 58.38
C ASP G 340 -11.78 60.29 57.20
N ASP G 341 -12.85 60.35 56.41
CA ASP G 341 -13.05 59.47 55.28
C ASP G 341 -12.29 59.90 54.04
N LEU G 342 -11.76 61.12 54.01
CA LEU G 342 -11.06 61.65 52.85
C LEU G 342 -9.57 61.35 52.86
N ILE G 343 -9.08 60.71 53.92
CA ILE G 343 -7.68 60.31 54.03
C ILE G 343 -7.63 58.83 54.37
N ASN G 344 -6.62 58.15 53.83
CA ASN G 344 -6.47 56.72 54.06
C ASN G 344 -5.82 56.43 55.41
N HIS G 345 -6.49 55.60 56.20
CA HIS G 345 -6.00 55.14 57.49
C HIS G 345 -5.55 53.68 57.35
N LYS G 346 -4.86 53.18 58.36
CA LYS G 346 -4.45 51.78 58.35
C LYS G 346 -5.05 51.00 59.51
N MET H 1 -12.60 1.49 24.33
CA MET H 1 -12.23 2.07 25.63
C MET H 1 -11.05 1.32 26.25
N ASP H 2 -9.97 2.04 26.51
CA ASP H 2 -8.78 1.44 27.07
C ASP H 2 -8.12 2.40 28.05
N PRO H 3 -7.94 2.01 29.31
CA PRO H 3 -7.26 2.91 30.26
C PRO H 3 -5.85 3.28 29.83
N SER H 4 -5.14 2.38 29.17
CA SER H 4 -3.79 2.69 28.70
C SER H 4 -3.82 3.65 27.52
N LEU H 5 -4.90 3.62 26.74
CA LEU H 5 -5.04 4.56 25.64
C LEU H 5 -5.42 5.94 26.15
N VAL H 6 -6.33 6.00 27.12
CA VAL H 6 -6.69 7.29 27.71
C VAL H 6 -5.49 7.88 28.42
N LEU H 7 -4.71 7.04 29.08
CA LEU H 7 -3.51 7.52 29.77
C LEU H 7 -2.52 8.06 28.75
N GLU H 8 -2.33 7.36 27.63
CA GLU H 8 -1.50 7.89 26.55
C GLU H 8 -2.07 9.20 26.02
N GLN H 9 -3.38 9.24 25.80
CA GLN H 9 -4.02 10.41 25.21
C GLN H 9 -3.93 11.61 26.13
N THR H 10 -4.06 11.38 27.44
CA THR H 10 -4.02 12.48 28.41
C THR H 10 -2.61 13.04 28.57
N ILE H 11 -1.60 12.18 28.53
CA ILE H 11 -0.22 12.65 28.68
C ILE H 11 0.15 13.62 27.56
N GLN H 12 -0.18 13.25 26.31
CA GLN H 12 0.16 14.10 25.17
C GLN H 12 -0.53 15.46 25.26
N ASP H 13 -1.77 15.50 25.77
CA ASP H 13 -2.52 16.74 25.82
C ASP H 13 -2.09 17.67 26.94
N VAL H 14 -1.43 17.14 27.97
CA VAL H 14 -0.97 17.93 29.11
C VAL H 14 0.56 18.03 29.12
N SER H 15 1.21 17.55 28.06
CA SER H 15 2.66 17.52 28.00
C SER H 15 3.25 18.92 27.96
N ASN H 16 2.58 19.88 27.33
CA ASN H 16 3.09 21.24 27.21
C ASN H 16 2.53 22.16 28.28
N LEU H 17 1.59 21.68 29.10
CA LEU H 17 0.99 22.51 30.13
C LEU H 17 1.97 22.99 31.19
N PRO H 18 2.93 22.19 31.68
CA PRO H 18 3.89 22.76 32.64
C PRO H 18 4.71 23.89 32.06
N SER H 19 5.07 23.79 30.78
CA SER H 19 5.81 24.87 30.14
C SER H 19 4.94 26.10 29.92
N GLU H 20 3.62 25.90 29.79
CA GLU H 20 2.71 27.00 29.56
C GLU H 20 2.42 27.76 30.85
N PHE H 21 2.34 27.06 31.97
CA PHE H 21 2.11 27.74 33.25
C PHE H 21 3.29 28.64 33.62
N ARG H 22 4.50 28.16 33.38
CA ARG H 22 5.68 29.00 33.63
C ARG H 22 5.67 30.23 32.73
N TYR H 23 5.35 30.05 31.46
CA TYR H 23 5.30 31.16 30.51
C TYR H 23 4.24 32.18 30.89
N LEU H 24 3.14 31.73 31.49
CA LEU H 24 2.08 32.65 31.86
C LEU H 24 2.35 33.31 33.22
N LEU H 25 2.74 32.51 34.21
CA LEU H 25 2.95 33.07 35.55
C LEU H 25 4.09 34.06 35.59
N GLU H 26 5.10 33.88 34.75
CA GLU H 26 6.20 34.85 34.71
C GLU H 26 5.82 36.10 33.94
N GLU H 27 4.75 36.02 33.13
CA GLU H 27 4.19 37.19 32.49
C GLU H 27 3.23 37.92 33.41
N ILE H 28 2.75 37.23 34.45
CA ILE H 28 1.98 37.87 35.50
C ILE H 28 2.90 38.58 36.47
N GLY H 29 4.02 37.92 36.82
CA GLY H 29 4.97 38.52 37.75
C GLY H 29 5.67 39.74 37.18
N SER H 30 5.96 39.72 35.88
CA SER H 30 6.60 40.88 35.27
C SER H 30 5.66 42.07 35.22
N ASN H 31 4.34 41.81 35.16
CA ASN H 31 3.36 42.88 35.17
C ASN H 31 3.00 43.33 36.57
N ASP H 32 3.19 42.46 37.58
CA ASP H 32 2.97 42.89 38.95
C ASP H 32 4.12 43.77 39.42
N LEU H 33 5.30 43.60 38.82
CA LEU H 33 6.39 44.53 39.06
C LEU H 33 6.08 45.88 38.45
N LYS H 34 5.51 45.88 37.24
CA LYS H 34 5.08 47.11 36.61
C LYS H 34 3.92 47.74 37.37
N LEU H 35 3.11 46.91 38.02
CA LEU H 35 1.97 47.40 38.79
C LEU H 35 2.44 48.14 40.04
N ILE H 36 3.35 47.53 40.79
CA ILE H 36 3.80 48.13 42.05
C ILE H 36 4.53 49.44 41.79
N GLU H 37 5.38 49.49 40.77
CA GLU H 37 6.10 50.72 40.47
C GLU H 37 5.15 51.85 40.07
N GLU H 38 4.02 51.50 39.44
CA GLU H 38 3.03 52.51 39.09
C GLU H 38 2.16 52.87 40.29
N LYS H 39 2.12 52.01 41.30
CA LYS H 39 1.42 52.35 42.53
C LYS H 39 2.19 53.41 43.30
N LYS H 40 3.52 53.28 43.35
CA LYS H 40 4.33 54.28 44.03
C LYS H 40 4.18 55.66 43.39
N LYS H 41 3.87 55.71 42.10
CA LYS H 41 3.74 56.98 41.40
C LYS H 41 2.42 57.69 41.71
N TYR H 42 1.41 56.97 42.20
CA TYR H 42 0.14 57.57 42.55
C TYR H 42 -0.16 57.54 44.04
N GLU H 43 0.31 56.51 44.75
CA GLU H 43 0.10 56.46 46.19
C GLU H 43 0.91 57.55 46.90
N GLN H 44 2.01 57.98 46.30
CA GLN H 44 2.80 59.06 46.86
C GLN H 44 2.12 60.40 46.59
N LYS H 45 1.68 60.64 45.36
CA LYS H 45 1.02 61.89 45.04
C LYS H 45 -0.32 62.02 45.75
N GLU H 46 -0.95 60.89 46.08
CA GLU H 46 -2.18 60.92 46.86
C GLU H 46 -1.88 61.10 48.33
N SER H 47 -0.67 60.72 48.77
CA SER H 47 -0.27 60.92 50.15
C SER H 47 0.00 62.39 50.43
N GLN H 48 0.34 63.17 49.40
CA GLN H 48 0.60 64.59 49.59
C GLN H 48 -0.70 65.35 49.79
N ILE H 49 -1.76 64.98 49.06
CA ILE H 49 -3.06 65.60 49.28
C ILE H 49 -3.59 65.24 50.66
N HIS H 50 -3.41 63.99 51.08
CA HIS H 50 -3.91 63.59 52.39
C HIS H 50 -3.12 64.27 53.51
N LYS H 51 -1.84 64.52 53.29
CA LYS H 51 -1.06 65.24 54.29
C LYS H 51 -1.48 66.70 54.36
N PHE H 52 -1.86 67.27 53.22
CA PHE H 52 -2.32 68.65 53.19
C PHE H 52 -3.64 68.82 53.93
N ILE H 53 -4.53 67.84 53.79
CA ILE H 53 -5.82 67.92 54.48
C ILE H 53 -5.63 67.75 55.98
N ARG H 54 -4.67 66.92 56.39
CA ARG H 54 -4.41 66.71 57.80
C ARG H 54 -3.84 67.95 58.49
N GLN H 55 -3.35 68.91 57.73
CA GLN H 55 -2.75 70.12 58.27
C GLN H 55 -3.61 71.35 58.06
N GLN H 56 -4.29 71.46 56.93
CA GLN H 56 -5.04 72.65 56.56
C GLN H 56 -6.54 72.40 56.44
N GLY H 57 -6.95 71.18 56.13
CA GLY H 57 -8.35 70.84 55.98
C GLY H 57 -8.71 70.57 54.52
N SER H 58 -10.01 70.51 54.27
CA SER H 58 -10.51 70.24 52.93
C SER H 58 -10.82 71.51 52.14
N ILE H 59 -11.24 72.58 52.82
CA ILE H 59 -11.55 73.83 52.13
C ILE H 59 -10.36 74.38 51.38
N PRO H 60 -9.16 74.49 51.95
CA PRO H 60 -8.01 74.92 51.15
C PRO H 60 -7.58 73.84 50.17
N LYS H 61 -7.12 74.28 49.01
CA LYS H 61 -6.67 73.39 47.96
C LYS H 61 -5.15 73.27 47.96
N HIS H 62 -4.67 72.05 47.75
CA HIS H 62 -3.24 71.81 47.64
C HIS H 62 -2.66 72.65 46.49
N PRO H 63 -1.46 73.19 46.65
CA PRO H 63 -0.87 74.05 45.61
C PRO H 63 -0.95 73.49 44.20
N GLN H 64 -0.81 72.18 44.02
CA GLN H 64 -0.93 71.55 42.72
C GLN H 64 -1.91 70.38 42.80
N GLU H 65 -3.06 70.63 43.44
CA GLU H 65 -4.06 69.58 43.59
C GLU H 65 -4.65 69.22 42.24
N ASP H 66 -5.01 70.22 41.44
CA ASP H 66 -5.56 69.95 40.11
C ASP H 66 -4.51 69.33 39.21
N GLY H 67 -3.23 69.58 39.48
CA GLY H 67 -2.15 68.99 38.71
C GLY H 67 -1.88 67.56 39.10
N LEU H 68 -2.00 67.25 40.39
CA LEU H 68 -1.77 65.88 40.85
C LEU H 68 -2.98 64.99 40.57
N ASP H 69 -4.19 65.53 40.72
CA ASP H 69 -5.39 64.74 40.44
C ASP H 69 -5.39 64.23 39.01
N LYS H 70 -4.87 65.04 38.09
CA LYS H 70 -4.73 64.60 36.70
C LYS H 70 -3.66 63.51 36.58
N GLU H 71 -2.64 63.56 37.43
CA GLU H 71 -1.57 62.57 37.40
C GLU H 71 -1.95 61.31 38.15
N ILE H 72 -2.75 61.44 39.21
CA ILE H 72 -3.19 60.26 39.96
C ILE H 72 -4.17 59.45 39.12
N LYS H 73 -5.17 60.13 38.56
CA LYS H 73 -6.18 59.46 37.74
C LYS H 73 -5.53 58.76 36.55
N GLU H 74 -4.55 59.41 35.91
CA GLU H 74 -3.87 58.79 34.79
C GLU H 74 -3.05 57.59 35.22
N SER H 75 -2.33 57.71 36.35
CA SER H 75 -1.55 56.59 36.85
C SER H 75 -2.44 55.50 37.41
N LEU H 76 -3.64 55.88 37.87
CA LEU H 76 -4.57 54.91 38.42
C LEU H 76 -5.21 54.08 37.32
N LEU H 77 -5.46 54.69 36.16
CA LEU H 77 -6.03 53.97 35.04
C LEU H 77 -5.00 53.02 34.43
N LYS H 78 -3.73 53.41 34.45
CA LYS H 78 -2.67 52.53 33.97
C LYS H 78 -2.53 51.32 34.89
N CYS H 79 -2.79 51.52 36.19
CA CYS H 79 -2.76 50.39 37.11
C CYS H 79 -3.90 49.43 36.82
N GLN H 80 -5.05 49.95 36.39
CA GLN H 80 -6.18 49.10 36.09
C GLN H 80 -5.90 48.22 34.88
N SER H 81 -5.34 48.82 33.82
CA SER H 81 -5.01 48.06 32.62
C SER H 81 -3.99 46.99 32.91
N LEU H 82 -3.02 47.28 33.78
CA LEU H 82 -2.02 46.27 34.14
C LEU H 82 -2.63 45.13 34.92
N GLN H 83 -3.66 45.40 35.73
CA GLN H 83 -4.32 44.37 36.51
C GLN H 83 -5.26 43.54 35.65
N ARG H 84 -5.96 44.18 34.72
CA ARG H 84 -6.85 43.46 33.83
C ARG H 84 -6.08 42.46 32.99
N GLU H 85 -4.87 42.82 32.58
CA GLU H 85 -4.05 41.89 31.81
C GLU H 85 -3.64 40.70 32.65
N LYS H 86 -3.36 40.93 33.94
CA LYS H 86 -3.01 39.83 34.82
C LYS H 86 -4.20 38.91 35.06
N CYS H 87 -5.42 39.46 35.04
CA CYS H 87 -6.61 38.63 35.16
C CYS H 87 -6.76 37.72 33.95
N VAL H 88 -6.61 38.29 32.76
CA VAL H 88 -6.72 37.51 31.53
C VAL H 88 -5.68 36.39 31.54
N LEU H 89 -4.45 36.70 31.92
CA LEU H 89 -3.41 35.67 31.99
C LEU H 89 -3.79 34.59 33.00
N ALA H 90 -4.22 34.98 34.19
CA ALA H 90 -4.56 34.00 35.21
C ALA H 90 -5.78 33.19 34.82
N ASN H 91 -6.70 33.77 34.05
CA ASN H 91 -7.88 33.04 33.62
C ASN H 91 -7.53 31.98 32.59
N THR H 92 -6.56 32.26 31.72
CA THR H 92 -6.16 31.25 30.74
C THR H 92 -5.51 30.06 31.42
N ALA H 93 -4.64 30.31 32.40
CA ALA H 93 -4.02 29.21 33.13
C ALA H 93 -5.08 28.36 33.82
N LEU H 94 -6.09 29.01 34.38
CA LEU H 94 -7.20 28.28 34.98
C LEU H 94 -8.03 27.56 33.93
N PHE H 95 -8.24 28.21 32.78
CA PHE H 95 -9.04 27.61 31.71
C PHE H 95 -8.38 26.37 31.15
N LEU H 96 -7.08 26.43 30.89
CA LEU H 96 -6.38 25.30 30.28
C LEU H 96 -6.39 24.08 31.21
N ILE H 97 -6.07 24.29 32.48
CA ILE H 97 -6.02 23.16 33.40
C ILE H 97 -7.43 22.63 33.68
N ALA H 98 -8.43 23.51 33.70
CA ALA H 98 -9.79 23.04 33.97
C ALA H 98 -10.33 22.20 32.82
N ARG H 99 -10.02 22.60 31.59
CA ARG H 99 -10.52 21.86 30.44
C ARG H 99 -9.89 20.47 30.37
N HIS H 100 -8.58 20.37 30.65
CA HIS H 100 -7.94 19.06 30.68
C HIS H 100 -8.40 18.22 31.87
N LEU H 101 -8.68 18.87 33.01
CA LEU H 101 -9.22 18.15 34.15
C LEU H 101 -10.63 17.66 33.86
N ASN H 102 -11.43 18.50 33.20
CA ASN H 102 -12.78 18.11 32.85
C ASN H 102 -12.78 17.03 31.77
N LYS H 103 -11.92 17.16 30.77
CA LYS H 103 -11.85 16.15 29.71
C LYS H 103 -11.40 14.80 30.28
N LEU H 104 -10.47 14.83 31.25
CA LEU H 104 -10.02 13.58 31.87
C LEU H 104 -11.10 12.99 32.77
N GLU H 105 -11.84 13.83 33.49
CA GLU H 105 -12.90 13.32 34.34
C GLU H 105 -14.05 12.73 33.53
N LYS H 106 -14.24 13.18 32.28
CA LYS H 106 -15.27 12.59 31.44
C LYS H 106 -14.83 11.23 30.92
N ASN H 107 -13.55 11.07 30.61
CA ASN H 107 -13.05 9.78 30.13
C ASN H 107 -13.07 8.75 31.24
N ILE H 108 -12.72 9.16 32.46
CA ILE H 108 -12.74 8.25 33.60
C ILE H 108 -14.16 7.73 33.82
N ALA H 109 -15.16 8.61 33.69
CA ALA H 109 -16.54 8.17 33.88
C ALA H 109 -16.93 7.13 32.85
N LEU H 110 -16.46 7.28 31.61
CA LEU H 110 -16.78 6.30 30.58
C LEU H 110 -16.06 4.98 30.83
N LEU H 111 -14.82 5.05 31.32
CA LEU H 111 -14.11 3.82 31.65
C LEU H 111 -14.75 3.12 32.84
N GLU H 112 -15.35 3.88 33.75
CA GLU H 112 -16.04 3.31 34.90
C GLU H 112 -17.39 2.74 34.51
N GLU H 113 -17.98 3.22 33.42
CA GLU H 113 -19.21 2.64 32.92
C GLU H 113 -18.97 1.26 32.36
N ASP H 114 -17.75 1.00 31.92
CA ASP H 114 -17.32 -0.35 31.57
C ASP H 114 -16.62 -0.96 32.79
N GLY H 115 -16.02 -2.12 32.61
CA GLY H 115 -15.26 -2.77 33.66
C GLY H 115 -13.77 -2.54 33.55
N VAL H 116 -13.34 -1.67 32.63
CA VAL H 116 -11.92 -1.52 32.33
C VAL H 116 -11.17 -0.77 33.40
N LEU H 117 -11.85 0.11 34.16
CA LEU H 117 -11.17 0.96 35.14
C LEU H 117 -11.37 0.44 36.56
N ALA H 118 -10.24 0.28 37.28
CA ALA H 118 -10.21 -0.17 38.66
C ALA H 118 -10.56 0.98 39.61
N PRO H 119 -11.12 0.66 40.78
CA PRO H 119 -11.43 1.72 41.77
C PRO H 119 -10.20 2.41 42.31
N VAL H 120 -10.39 3.31 43.27
CA VAL H 120 -9.28 4.06 43.85
C VAL H 120 -8.34 3.12 44.58
N MET I 1 -30.68 75.16 46.27
CA MET I 1 -29.28 74.97 46.64
C MET I 1 -29.21 73.84 47.67
N THR I 2 -30.38 73.41 48.13
CA THR I 2 -30.45 72.29 49.06
C THR I 2 -30.09 70.98 48.37
N ASP I 3 -30.23 70.93 47.04
CA ASP I 3 -29.89 69.72 46.29
C ASP I 3 -28.42 69.41 46.40
N GLU I 4 -27.57 70.45 46.44
CA GLU I 4 -26.14 70.21 46.59
C GLU I 4 -25.81 69.64 47.95
N LEU I 5 -26.60 69.99 48.97
CA LEU I 5 -26.37 69.44 50.30
C LEU I 5 -26.86 68.00 50.40
N LYS I 6 -27.97 67.69 49.73
CA LYS I 6 -28.48 66.32 49.74
C LYS I 6 -27.58 65.40 48.92
N SER I 7 -27.05 65.90 47.79
CA SER I 7 -26.10 65.13 47.02
C SER I 7 -24.81 64.90 47.81
N TYR I 8 -24.45 65.88 48.64
CA TYR I 8 -23.29 65.75 49.50
C TYR I 8 -23.53 64.70 50.59
N GLU I 9 -24.77 64.57 51.04
CA GLU I 9 -25.09 63.55 52.04
C GLU I 9 -25.09 62.16 51.43
N ALA I 10 -25.42 62.07 50.14
CA ALA I 10 -25.44 60.78 49.45
C ALA I 10 -24.02 60.31 49.13
N LEU I 11 -23.16 61.22 48.68
CA LEU I 11 -21.81 60.85 48.30
C LEU I 11 -20.98 60.40 49.50
N LYS I 12 -21.21 61.01 50.67
CA LYS I 12 -20.50 60.58 51.87
C LYS I 12 -20.95 59.19 52.29
N ALA I 13 -22.26 58.93 52.23
CA ALA I 13 -22.76 57.60 52.56
C ALA I 13 -22.28 56.57 51.55
N GLU I 14 -22.14 56.97 50.29
CA GLU I 14 -21.65 56.05 49.26
C GLU I 14 -20.18 55.74 49.47
N LEU I 15 -19.42 56.71 49.99
CA LEU I 15 -18.00 56.51 50.25
C LEU I 15 -17.75 55.60 51.42
N LYS I 16 -18.66 55.61 52.40
CA LYS I 16 -18.50 54.76 53.57
C LYS I 16 -18.52 53.29 53.17
N LYS I 17 -19.37 52.94 52.20
CA LYS I 17 -19.46 51.57 51.72
C LYS I 17 -18.32 51.24 50.77
N SER I 18 -17.83 52.25 50.04
CA SER I 18 -16.72 52.03 49.12
C SER I 18 -15.41 51.84 49.87
N LEU I 19 -15.24 52.56 50.98
CA LEU I 19 -14.06 52.36 51.81
C LEU I 19 -14.08 51.00 52.48
N GLN I 20 -15.28 50.52 52.84
CA GLN I 20 -15.42 49.23 53.49
C GLN I 20 -15.07 48.09 52.54
N ASP I 21 -15.54 48.18 51.29
CA ASP I 21 -15.22 47.16 50.30
C ASP I 21 -13.72 47.11 50.04
N ARG I 22 -13.08 48.28 50.00
CA ARG I 22 -11.64 48.35 49.76
C ARG I 22 -10.87 47.64 50.86
N ARG I 23 -11.35 47.77 52.11
CA ARG I 23 -10.69 47.10 53.23
C ARG I 23 -10.95 45.60 53.19
N GLU I 24 -12.17 45.20 52.86
CA GLU I 24 -12.50 43.78 52.75
C GLU I 24 -11.73 43.12 51.61
N GLN I 25 -11.65 43.82 50.46
CA GLN I 25 -10.96 43.28 49.30
C GLN I 25 -9.47 43.11 49.59
N GLU I 26 -8.87 44.07 50.29
CA GLU I 26 -7.47 43.95 50.65
C GLU I 26 -7.27 42.84 51.68
N ASP I 27 -8.30 42.55 52.45
CA ASP I 27 -8.19 41.56 53.51
C ASP I 27 -8.28 40.15 52.94
N THR I 28 -9.12 39.95 51.92
CA THR I 28 -9.22 38.65 51.28
C THR I 28 -7.99 38.36 50.43
N PHE I 29 -7.28 39.41 50.00
CA PHE I 29 -6.07 39.24 49.22
C PHE I 29 -4.99 38.54 50.04
N ASP I 30 -4.83 38.93 51.30
CA ASP I 30 -3.81 38.32 52.14
C ASP I 30 -4.14 36.87 52.43
N ASN I 31 -5.43 36.54 52.52
CA ASN I 31 -5.84 35.15 52.73
C ASN I 31 -5.45 34.29 51.53
N LEU I 32 -5.69 34.81 50.34
CA LEU I 32 -5.39 34.08 49.11
C LEU I 32 -3.88 33.97 48.93
N GLN I 33 -3.16 35.04 49.25
CA GLN I 33 -1.69 35.04 49.11
C GLN I 33 -1.05 33.98 49.99
N GLN I 34 -1.54 33.84 51.22
CA GLN I 34 -1.00 32.83 52.13
C GLN I 34 -1.47 31.44 51.75
N GLU I 35 -2.69 31.34 51.24
CA GLU I 35 -3.23 30.05 50.83
C GLU I 35 -2.38 29.44 49.72
N ILE I 36 -1.94 30.26 48.77
CA ILE I 36 -1.13 29.77 47.66
C ILE I 36 0.17 29.16 48.18
N TYR I 37 0.85 29.86 49.10
CA TYR I 37 2.11 29.38 49.63
C TYR I 37 1.93 28.06 50.38
N ASP I 38 0.82 27.94 51.12
CA ASP I 38 0.56 26.72 51.87
C ASP I 38 0.17 25.57 50.94
N LYS I 39 -0.58 25.87 49.88
CA LYS I 39 -0.96 24.83 48.93
C LYS I 39 0.24 24.38 48.11
N GLU I 40 1.23 25.26 47.93
CA GLU I 40 2.45 24.86 47.24
C GLU I 40 3.22 23.86 48.08
N THR I 41 3.20 24.04 49.40
CA THR I 41 3.92 23.16 50.31
C THR I 41 3.19 21.84 50.48
N GLU I 42 1.86 21.89 50.57
CA GLU I 42 1.07 20.68 50.75
C GLU I 42 1.14 19.77 49.54
N TYR I 43 1.12 20.36 48.33
CA TYR I 43 1.06 19.58 47.10
C TYR I 43 2.45 19.16 46.62
N PHE I 44 3.47 19.98 46.84
CA PHE I 44 4.81 19.71 46.37
C PHE I 44 5.71 19.42 47.57
N SER I 45 7.02 19.56 47.38
CA SER I 45 8.02 19.33 48.42
C SER I 45 7.89 17.93 49.02
N HIS I 46 8.00 16.93 48.15
CA HIS I 46 7.90 15.54 48.58
C HIS I 46 8.54 14.59 47.57
N TYR I 65 5.26 7.44 41.68
CA TYR I 65 5.00 8.53 40.76
C TYR I 65 5.28 9.87 41.41
N SER I 66 5.87 10.80 40.65
CA SER I 66 6.21 12.14 41.15
C SER I 66 6.15 13.15 40.00
N GLY I 67 4.94 13.40 39.50
CA GLY I 67 4.73 14.34 38.41
C GLY I 67 3.95 15.56 38.87
N ASN I 68 4.45 16.73 38.48
CA ASN I 68 3.82 18.00 38.84
C ASN I 68 3.73 18.94 37.65
N ILE I 69 3.36 20.19 37.91
CA ILE I 69 3.50 21.23 36.90
C ILE I 69 4.90 21.82 36.98
N ILE I 70 5.59 21.58 38.08
CA ILE I 70 6.93 22.10 38.29
C ILE I 70 7.94 21.26 37.53
N LYS I 71 7.77 19.95 37.57
CA LYS I 71 8.67 18.99 36.96
C LYS I 71 8.16 18.50 35.61
N GLY I 72 6.92 18.05 35.55
CA GLY I 72 6.35 17.51 34.35
C GLY I 72 5.47 16.32 34.67
N PHE I 73 4.54 16.03 33.77
CA PHE I 73 3.59 14.95 33.99
C PHE I 73 4.06 13.62 33.41
N ASP I 74 4.94 13.65 32.40
CA ASP I 74 5.40 12.44 31.73
C ASP I 74 6.53 11.80 32.53
N THR I 75 6.17 10.91 33.45
CA THR I 75 7.15 10.16 34.22
C THR I 75 7.33 8.75 33.67
N PHE I 76 6.28 8.22 33.03
CA PHE I 76 6.27 6.87 32.50
C PHE I 76 7.13 6.76 31.25
N SER I 86 14.79 19.46 41.72
CA SER I 86 14.12 18.19 41.95
C SER I 86 13.63 18.07 43.40
N ALA I 87 14.24 18.86 44.29
CA ALA I 87 13.88 18.86 45.70
C ALA I 87 12.94 19.99 46.06
N PHE I 88 12.30 20.61 45.07
CA PHE I 88 11.38 21.73 45.26
C PHE I 88 12.01 22.85 46.07
N ASN I 89 12.78 23.68 45.38
CA ASN I 89 13.37 24.87 45.97
C ASN I 89 12.28 25.93 46.16
N ASN I 90 12.61 26.99 46.89
CA ASN I 90 11.66 28.09 46.96
C ASN I 90 11.61 28.88 45.67
N ASN I 91 12.51 28.59 44.74
CA ASN I 91 12.51 29.20 43.41
C ASN I 91 11.52 28.54 42.47
N ASP I 92 10.94 27.41 42.88
CA ASP I 92 9.99 26.66 42.08
C ASP I 92 8.56 26.98 42.43
N ARG I 93 8.33 27.86 43.40
CA ARG I 93 6.98 28.28 43.79
C ARG I 93 6.47 29.30 42.77
N ILE I 94 6.24 28.78 41.56
CA ILE I 94 5.89 29.64 40.43
C ILE I 94 4.59 30.38 40.68
N PHE I 95 3.71 29.82 41.51
CA PHE I 95 2.44 30.49 41.77
C PHE I 95 2.61 31.66 42.72
N SER I 96 3.46 31.51 43.74
CA SER I 96 3.73 32.60 44.66
C SER I 96 4.60 33.66 44.02
N LEU I 97 5.53 33.26 43.16
CA LEU I 97 6.42 34.19 42.48
C LEU I 97 5.72 34.96 41.37
N SER I 98 4.42 34.73 41.18
CA SER I 98 3.64 35.46 40.20
C SER I 98 3.14 36.78 40.74
N SER I 99 3.36 37.04 42.03
CA SER I 99 3.00 38.30 42.66
C SER I 99 4.27 38.99 43.16
N ALA I 100 4.46 40.24 42.78
CA ALA I 100 5.61 41.00 43.24
C ALA I 100 5.51 41.30 44.72
N THR I 101 4.30 41.22 45.29
CA THR I 101 4.13 41.43 46.72
C THR I 101 4.86 40.36 47.52
N TYR I 102 4.97 39.15 46.97
CA TYR I 102 5.68 38.07 47.61
C TYR I 102 7.16 38.08 47.29
N VAL I 103 7.54 38.59 46.11
CA VAL I 103 8.94 38.72 45.76
C VAL I 103 9.66 39.64 46.73
N LYS I 104 9.06 40.80 47.03
CA LYS I 104 9.62 41.73 47.99
C LYS I 104 9.51 41.23 49.42
N GLN I 105 8.60 40.29 49.69
CA GLN I 105 8.46 39.71 51.01
C GLN I 105 9.55 38.69 51.31
N GLN I 106 10.05 38.00 50.28
CA GLN I 106 11.08 36.99 50.46
C GLN I 106 12.43 37.50 49.94
N MET J 1 -54.62 -32.44 -68.22
CA MET J 1 -54.58 -31.00 -68.44
C MET J 1 -55.55 -30.27 -67.53
N THR J 2 -56.41 -31.03 -66.85
CA THR J 2 -57.31 -30.42 -65.88
C THR J 2 -56.55 -29.91 -64.67
N ASP J 3 -55.35 -30.46 -64.44
CA ASP J 3 -54.52 -30.03 -63.32
C ASP J 3 -54.08 -28.58 -63.51
N GLU J 4 -53.85 -28.16 -64.76
CA GLU J 4 -53.49 -26.77 -65.01
C GLU J 4 -54.64 -25.84 -64.66
N LEU J 5 -55.87 -26.32 -64.81
CA LEU J 5 -57.04 -25.52 -64.43
C LEU J 5 -57.18 -25.47 -62.92
N LYS J 6 -56.84 -26.57 -62.24
CA LYS J 6 -56.92 -26.61 -60.78
C LYS J 6 -55.85 -25.70 -60.17
N SER J 7 -54.66 -25.68 -60.77
CA SER J 7 -53.62 -24.78 -60.28
C SER J 7 -54.03 -23.33 -60.48
N TYR J 8 -54.74 -23.04 -61.58
CA TYR J 8 -55.24 -21.70 -61.81
C TYR J 8 -56.34 -21.34 -60.82
N GLU J 9 -57.12 -22.34 -60.41
CA GLU J 9 -58.17 -22.10 -59.41
C GLU J 9 -57.58 -21.97 -58.02
N ALA J 10 -56.45 -22.64 -57.76
CA ALA J 10 -55.82 -22.56 -56.45
C ALA J 10 -55.07 -21.25 -56.28
N LEU J 11 -54.38 -20.79 -57.32
CA LEU J 11 -53.61 -19.56 -57.24
C LEU J 11 -54.51 -18.35 -57.08
N LYS J 12 -55.69 -18.36 -57.71
CA LYS J 12 -56.63 -17.26 -57.56
C LYS J 12 -57.16 -17.18 -56.14
N ALA J 13 -57.51 -18.34 -55.55
CA ALA J 13 -57.94 -18.34 -54.17
C ALA J 13 -56.81 -17.98 -53.23
N GLU J 14 -55.59 -18.39 -53.58
CA GLU J 14 -54.43 -18.09 -52.75
C GLU J 14 -54.05 -16.62 -52.82
N LEU J 15 -54.23 -15.99 -53.98
CA LEU J 15 -53.86 -14.58 -54.13
C LEU J 15 -54.89 -13.67 -53.47
N LYS J 16 -56.16 -14.08 -53.44
CA LYS J 16 -57.18 -13.28 -52.75
C LYS J 16 -56.89 -13.22 -51.26
N LYS J 17 -56.34 -14.30 -50.70
CA LYS J 17 -55.98 -14.32 -49.30
C LYS J 17 -54.68 -13.56 -49.08
N SER J 18 -53.81 -13.54 -50.08
CA SER J 18 -52.55 -12.81 -49.99
C SER J 18 -52.79 -11.30 -50.08
N LEU J 19 -53.76 -10.88 -50.88
CA LEU J 19 -54.09 -9.46 -50.97
C LEU J 19 -54.71 -8.96 -49.67
N GLN J 20 -55.46 -9.81 -48.98
CA GLN J 20 -56.09 -9.41 -47.73
C GLN J 20 -55.04 -9.17 -46.65
N ASP J 21 -54.03 -10.05 -46.59
CA ASP J 21 -52.94 -9.87 -45.62
C ASP J 21 -52.18 -8.58 -45.92
N ARG J 22 -51.99 -8.26 -47.20
CA ARG J 22 -51.32 -7.03 -47.58
C ARG J 22 -52.13 -5.82 -47.12
N ARG J 23 -53.46 -5.91 -47.19
CA ARG J 23 -54.31 -4.81 -46.76
C ARG J 23 -54.31 -4.69 -45.25
N GLU J 24 -54.36 -5.82 -44.54
CA GLU J 24 -54.34 -5.79 -43.09
C GLU J 24 -53.02 -5.22 -42.57
N GLN J 25 -51.91 -5.65 -43.18
CA GLN J 25 -50.60 -5.17 -42.78
C GLN J 25 -50.46 -3.68 -43.04
N GLU J 26 -50.99 -3.22 -44.16
CA GLU J 26 -50.95 -1.80 -44.49
C GLU J 26 -51.84 -1.00 -43.54
N ASP J 27 -52.86 -1.65 -42.98
CA ASP J 27 -53.82 -0.95 -42.15
C ASP J 27 -53.31 -0.74 -40.74
N THR J 28 -52.59 -1.74 -40.18
CA THR J 28 -52.01 -1.59 -38.86
C THR J 28 -50.80 -0.66 -38.86
N PHE J 29 -50.15 -0.49 -40.01
CA PHE J 29 -49.01 0.40 -40.11
C PHE J 29 -49.43 1.84 -39.81
N ASP J 30 -50.57 2.27 -40.35
CA ASP J 30 -51.05 3.61 -40.09
C ASP J 30 -51.42 3.79 -38.63
N ASN J 31 -51.88 2.72 -37.99
CA ASN J 31 -52.18 2.77 -36.56
C ASN J 31 -50.91 2.97 -35.75
N LEU J 32 -49.84 2.23 -36.08
CA LEU J 32 -48.57 2.38 -35.38
C LEU J 32 -47.91 3.72 -35.68
N GLN J 33 -48.01 4.19 -36.92
CA GLN J 33 -47.39 5.47 -37.27
C GLN J 33 -47.95 6.60 -36.43
N GLN J 34 -49.27 6.60 -36.21
CA GLN J 34 -49.91 7.62 -35.40
C GLN J 34 -49.69 7.36 -33.91
N GLU J 35 -49.62 6.08 -33.52
CA GLU J 35 -49.39 5.74 -32.11
C GLU J 35 -48.07 6.28 -31.62
N ILE J 36 -47.00 6.15 -32.42
CA ILE J 36 -45.69 6.64 -32.01
C ILE J 36 -45.74 8.14 -31.79
N TYR J 37 -46.36 8.87 -32.72
CA TYR J 37 -46.42 10.31 -32.61
C TYR J 37 -47.21 10.76 -31.39
N ASP J 38 -48.31 10.06 -31.08
CA ASP J 38 -49.11 10.43 -29.92
C ASP J 38 -48.40 10.09 -28.63
N LYS J 39 -47.66 8.98 -28.62
CA LYS J 39 -46.93 8.58 -27.43
C LYS J 39 -45.75 9.50 -27.18
N GLU J 40 -45.21 10.11 -28.24
CA GLU J 40 -44.15 11.10 -28.06
C GLU J 40 -44.68 12.35 -27.36
N THR J 41 -45.93 12.72 -27.66
CA THR J 41 -46.50 13.91 -27.04
C THR J 41 -46.88 13.64 -25.59
N GLU J 42 -47.38 12.45 -25.31
CA GLU J 42 -47.77 12.11 -23.94
C GLU J 42 -46.57 12.04 -23.02
N TYR J 43 -45.47 11.46 -23.50
CA TYR J 43 -44.30 11.22 -22.67
C TYR J 43 -43.33 12.39 -22.64
N PHE J 44 -43.14 13.09 -23.77
CA PHE J 44 -42.15 14.15 -23.87
C PHE J 44 -42.81 15.52 -24.07
N SER J 45 -43.90 15.78 -23.36
CA SER J 45 -44.59 17.06 -23.52
C SER J 45 -43.77 18.20 -22.94
N HIS J 46 -43.50 18.17 -21.64
CA HIS J 46 -42.73 19.22 -20.98
C HIS J 46 -41.25 19.12 -21.33
N TYR J 65 -37.80 16.00 -11.72
CA TYR J 65 -36.93 15.23 -12.59
C TYR J 65 -37.44 15.28 -14.04
N SER J 66 -36.51 15.39 -15.00
CA SER J 66 -36.86 15.48 -16.41
C SER J 66 -35.76 14.82 -17.26
N GLY J 67 -35.63 13.50 -17.16
CA GLY J 67 -34.63 12.75 -17.90
C GLY J 67 -35.28 11.87 -18.96
N ASN J 68 -34.74 11.93 -20.17
CA ASN J 68 -35.28 11.15 -21.27
C ASN J 68 -34.19 10.45 -22.07
N ILE J 69 -34.58 9.87 -23.21
CA ILE J 69 -33.61 9.42 -24.20
C ILE J 69 -33.28 10.55 -25.15
N ILE J 70 -34.10 11.60 -25.16
CA ILE J 70 -33.89 12.75 -26.02
C ILE J 70 -32.82 13.64 -25.43
N LYS J 71 -32.87 13.86 -24.11
CA LYS J 71 -31.96 14.74 -23.39
C LYS J 71 -30.87 13.96 -22.69
N GLY J 72 -31.25 12.96 -21.91
CA GLY J 72 -30.33 12.17 -21.11
C GLY J 72 -30.98 11.88 -19.77
N PHE J 73 -30.51 10.81 -19.13
CA PHE J 73 -31.09 10.38 -17.87
C PHE J 73 -30.40 10.97 -16.65
N ASP J 74 -29.13 11.38 -16.80
CA ASP J 74 -28.35 11.90 -15.68
C ASP J 74 -28.70 13.36 -15.44
N THR J 75 -29.68 13.60 -14.57
CA THR J 75 -30.08 14.94 -14.20
C THR J 75 -29.49 15.37 -12.87
N PHE J 76 -29.18 14.41 -12.00
CA PHE J 76 -28.66 14.65 -10.66
C PHE J 76 -27.21 15.12 -10.78
N SER J 77 -27.04 16.43 -10.98
CA SER J 77 -25.70 17.01 -11.04
C SER J 77 -25.74 18.48 -10.63
N SER J 86 -33.28 22.42 -24.39
CA SER J 86 -33.98 22.16 -23.15
C SER J 86 -35.46 21.88 -23.38
N ALA J 87 -35.97 22.34 -24.52
CA ALA J 87 -37.37 22.15 -24.88
C ALA J 87 -37.50 20.97 -25.84
N PHE J 88 -38.76 20.63 -26.15
CA PHE J 88 -39.07 19.48 -27.01
C PHE J 88 -39.64 19.97 -28.34
N ASN J 89 -38.73 20.30 -29.26
CA ASN J 89 -39.14 20.65 -30.61
C ASN J 89 -39.58 19.39 -31.36
N ASN J 90 -40.20 19.59 -32.52
CA ASN J 90 -40.56 18.46 -33.35
C ASN J 90 -39.35 17.84 -34.02
N ASN J 91 -38.18 18.47 -33.90
CA ASN J 91 -36.93 17.92 -34.40
C ASN J 91 -36.34 16.89 -33.45
N ASP J 92 -36.91 16.76 -32.26
CA ASP J 92 -36.44 15.81 -31.26
C ASP J 92 -37.24 14.51 -31.24
N ARG J 93 -38.25 14.39 -32.12
CA ARG J 93 -39.04 13.17 -32.25
C ARG J 93 -38.26 12.13 -33.05
N ILE J 94 -37.19 11.64 -32.44
CA ILE J 94 -36.28 10.73 -33.15
C ILE J 94 -36.99 9.47 -33.59
N PHE J 95 -38.06 9.08 -32.90
CA PHE J 95 -38.77 7.86 -33.26
C PHE J 95 -39.62 8.05 -34.50
N SER J 96 -40.29 9.21 -34.62
CA SER J 96 -41.09 9.48 -35.81
C SER J 96 -40.21 9.75 -37.02
N LEU J 97 -39.05 10.37 -36.81
CA LEU J 97 -38.13 10.68 -37.88
C LEU J 97 -37.37 9.46 -38.38
N SER J 98 -37.66 8.28 -37.83
CA SER J 98 -37.03 7.06 -38.30
C SER J 98 -37.76 6.49 -39.49
N SER J 99 -38.89 7.08 -39.87
CA SER J 99 -39.65 6.68 -41.04
C SER J 99 -39.68 7.82 -42.04
N ALA J 100 -39.31 7.53 -43.29
CA ALA J 100 -39.34 8.55 -44.32
C ALA J 100 -40.77 8.96 -44.64
N THR J 101 -41.75 8.13 -44.27
CA THR J 101 -43.14 8.46 -44.49
C THR J 101 -43.56 9.68 -43.68
N TYR J 102 -42.96 9.89 -42.52
CA TYR J 102 -43.25 11.03 -41.68
C TYR J 102 -42.37 12.22 -42.06
N MET K 1 -9.33 -23.56 10.08
CA MET K 1 -8.86 -24.92 9.82
C MET K 1 -9.26 -25.38 8.42
N ASP K 2 -8.26 -25.75 7.63
CA ASP K 2 -8.49 -26.16 6.25
C ASP K 2 -7.53 -27.28 5.87
N PRO K 3 -8.04 -28.43 5.43
CA PRO K 3 -7.15 -29.55 5.06
C PRO K 3 -6.16 -29.18 3.97
N SER K 4 -6.56 -28.31 3.05
CA SER K 4 -5.66 -27.87 1.99
C SER K 4 -4.56 -26.98 2.54
N LEU K 5 -4.84 -26.28 3.64
CA LEU K 5 -3.80 -25.49 4.29
C LEU K 5 -2.85 -26.39 5.07
N VAL K 6 -3.40 -27.39 5.76
CA VAL K 6 -2.56 -28.34 6.47
C VAL K 6 -1.74 -29.14 5.49
N LEU K 7 -2.34 -29.53 4.36
CA LEU K 7 -1.61 -30.28 3.34
C LEU K 7 -0.48 -29.44 2.74
N GLU K 8 -0.76 -28.18 2.42
CA GLU K 8 0.29 -27.30 1.94
C GLU K 8 1.39 -27.16 2.98
N GLN K 9 1.01 -26.98 4.24
CA GLN K 9 2.00 -26.77 5.29
C GLN K 9 2.83 -28.04 5.50
N THR K 10 2.19 -29.20 5.41
CA THR K 10 2.91 -30.45 5.64
C THR K 10 3.84 -30.78 4.47
N ILE K 11 3.39 -30.51 3.24
CA ILE K 11 4.22 -30.78 2.07
C ILE K 11 5.48 -29.92 2.09
N GLN K 12 5.31 -28.63 2.34
CA GLN K 12 6.45 -27.71 2.35
C GLN K 12 7.45 -28.07 3.43
N ASP K 13 6.98 -28.55 4.57
CA ASP K 13 7.88 -28.89 5.67
C ASP K 13 8.60 -30.20 5.45
N VAL K 14 8.08 -31.05 4.56
CA VAL K 14 8.64 -32.36 4.29
C VAL K 14 9.25 -32.40 2.89
N SER K 15 9.30 -31.26 2.21
CA SER K 15 9.78 -31.22 0.82
C SER K 15 11.25 -31.59 0.70
N ASN K 16 12.07 -31.24 1.68
CA ASN K 16 13.50 -31.53 1.61
C ASN K 16 13.86 -32.82 2.34
N LEU K 17 12.90 -33.44 3.02
CA LEU K 17 13.18 -34.66 3.76
C LEU K 17 13.64 -35.83 2.89
N PRO K 18 13.09 -36.08 1.69
CA PRO K 18 13.64 -37.15 0.86
C PRO K 18 15.09 -36.89 0.49
N SER K 19 15.46 -35.62 0.28
CA SER K 19 16.85 -35.29 -0.01
C SER K 19 17.73 -35.45 1.22
N GLU K 20 17.14 -35.29 2.41
CA GLU K 20 17.91 -35.41 3.65
C GLU K 20 18.17 -36.86 4.03
N PHE K 21 17.21 -37.75 3.78
CA PHE K 21 17.41 -39.15 4.12
C PHE K 21 18.55 -39.74 3.30
N ARG K 22 18.63 -39.37 2.02
CA ARG K 22 19.72 -39.84 1.17
C ARG K 22 21.07 -39.32 1.68
N TYR K 23 21.12 -38.05 2.05
CA TYR K 23 22.36 -37.46 2.55
C TYR K 23 22.82 -38.12 3.84
N LEU K 24 21.89 -38.59 4.66
CA LEU K 24 22.25 -39.22 5.92
C LEU K 24 22.59 -40.70 5.73
N LEU K 25 21.76 -41.43 4.99
CA LEU K 25 21.98 -42.85 4.81
C LEU K 25 23.27 -43.14 4.05
N GLU K 26 23.66 -42.26 3.13
CA GLU K 26 24.91 -42.46 2.41
C GLU K 26 26.11 -42.07 3.25
N GLU K 27 25.90 -41.32 4.32
CA GLU K 27 26.95 -41.04 5.29
C GLU K 27 27.07 -42.15 6.31
N ILE K 28 26.04 -42.98 6.44
CA ILE K 28 26.12 -44.18 7.25
C ILE K 28 26.83 -45.28 6.49
N GLY K 29 26.51 -45.43 5.19
CA GLY K 29 27.16 -46.44 4.38
C GLY K 29 28.63 -46.15 4.18
N SER K 30 28.99 -44.87 4.06
CA SER K 30 30.39 -44.52 3.90
C SER K 30 31.17 -44.79 5.19
N ASN K 31 30.50 -44.72 6.34
CA ASN K 31 31.12 -45.03 7.61
C ASN K 31 31.07 -46.51 7.94
N ASP K 32 30.12 -47.24 7.35
CA ASP K 32 30.06 -48.68 7.54
C ASP K 32 31.13 -49.38 6.70
N LEU K 33 31.53 -48.76 5.59
CA LEU K 33 32.67 -49.26 4.83
C LEU K 33 33.96 -49.09 5.62
N LYS K 34 34.12 -47.95 6.30
CA LYS K 34 35.27 -47.76 7.16
C LYS K 34 35.26 -48.72 8.33
N LEU K 35 34.07 -49.14 8.76
CA LEU K 35 33.94 -50.06 9.88
C LEU K 35 34.43 -51.46 9.52
N ILE K 36 33.97 -51.98 8.37
CA ILE K 36 34.30 -53.34 8.00
C ILE K 36 35.80 -53.49 7.73
N GLU K 37 36.40 -52.50 7.06
CA GLU K 37 37.83 -52.57 6.80
C GLU K 37 38.64 -52.53 8.09
N GLU K 38 38.13 -51.84 9.10
CA GLU K 38 38.78 -51.79 10.40
C GLU K 38 38.51 -53.05 11.21
N LYS K 39 37.47 -53.80 10.84
CA LYS K 39 37.21 -55.08 11.49
C LYS K 39 38.29 -56.09 11.12
N LYS K 40 38.67 -56.11 9.84
CA LYS K 40 39.74 -57.00 9.39
C LYS K 40 41.07 -56.65 10.05
N LYS K 41 41.24 -55.40 10.46
CA LYS K 41 42.50 -54.97 11.06
C LYS K 41 42.64 -55.43 12.50
N TYR K 42 41.55 -55.81 13.16
CA TYR K 42 41.61 -56.32 14.52
C TYR K 42 41.20 -57.77 14.62
N GLU K 43 40.31 -58.24 13.74
CA GLU K 43 39.94 -59.65 13.74
C GLU K 43 41.11 -60.53 13.32
N GLN K 44 42.03 -59.97 12.53
CA GLN K 44 43.25 -60.70 12.17
C GLN K 44 44.20 -60.75 13.35
N LYS K 45 44.41 -59.61 14.01
CA LYS K 45 45.28 -59.57 15.17
C LYS K 45 44.69 -60.35 16.33
N GLU K 46 43.36 -60.48 16.38
CA GLU K 46 42.70 -61.31 17.39
C GLU K 46 42.77 -62.78 17.03
N SER K 47 42.92 -63.09 15.73
CA SER K 47 43.06 -64.47 15.29
C SER K 47 44.43 -65.02 15.64
N GLN K 48 45.42 -64.14 15.83
CA GLN K 48 46.76 -64.59 16.20
C GLN K 48 46.79 -65.04 17.66
N ILE K 49 46.08 -64.31 18.53
CA ILE K 49 46.02 -64.68 19.94
C ILE K 49 45.23 -65.96 20.12
N HIS K 50 44.10 -66.10 19.42
CA HIS K 50 43.26 -67.27 19.56
C HIS K 50 43.89 -68.53 18.98
N LYS K 51 44.71 -68.38 17.93
CA LYS K 51 45.38 -69.55 17.38
C LYS K 51 46.45 -70.07 18.33
N PHE K 52 47.10 -69.16 19.06
CA PHE K 52 48.09 -69.57 20.04
C PHE K 52 47.44 -70.32 21.19
N ILE K 53 46.26 -69.86 21.62
CA ILE K 53 45.54 -70.53 22.70
C ILE K 53 44.98 -71.87 22.26
N ARG K 54 44.59 -71.99 20.99
CA ARG K 54 44.03 -73.24 20.49
C ARG K 54 45.03 -74.38 20.48
N GLN K 55 46.33 -74.07 20.58
CA GLN K 55 47.37 -75.08 20.57
C GLN K 55 48.08 -75.22 21.91
N GLN K 56 48.28 -74.12 22.63
CA GLN K 56 49.02 -74.14 23.89
C GLN K 56 48.19 -73.75 25.09
N GLY K 57 47.15 -72.94 24.92
CA GLY K 57 46.28 -72.52 26.00
C GLY K 57 46.51 -71.06 26.37
N SER K 58 45.98 -70.69 27.53
CA SER K 58 46.10 -69.32 28.04
C SER K 58 47.31 -69.16 28.96
N ILE K 59 47.69 -70.22 29.68
CA ILE K 59 48.87 -70.16 30.55
C ILE K 59 50.11 -69.80 29.76
N PRO K 60 50.43 -70.38 28.62
CA PRO K 60 51.54 -69.88 27.82
C PRO K 60 51.18 -68.51 27.25
N LYS K 61 52.16 -67.63 27.16
CA LYS K 61 51.94 -66.29 26.67
C LYS K 61 52.36 -66.19 25.20
N HIS K 62 51.52 -65.53 24.41
CA HIS K 62 51.83 -65.30 23.01
C HIS K 62 53.12 -64.49 22.88
N PRO K 63 53.98 -64.82 21.91
CA PRO K 63 55.25 -64.07 21.73
C PRO K 63 55.09 -62.56 21.70
N GLN K 64 54.02 -62.04 21.11
CA GLN K 64 53.75 -60.60 21.06
C GLN K 64 52.34 -60.31 21.55
N GLU K 65 51.96 -60.92 22.68
CA GLU K 65 50.63 -60.72 23.22
C GLU K 65 50.43 -59.28 23.68
N ASP K 66 51.39 -58.75 24.43
CA ASP K 66 51.28 -57.36 24.89
C ASP K 66 51.35 -56.38 23.74
N GLY K 67 51.98 -56.75 22.63
CA GLY K 67 52.06 -55.89 21.47
C GLY K 67 50.79 -55.89 20.64
N LEU K 68 50.14 -57.06 20.55
CA LEU K 68 48.90 -57.16 19.78
C LEU K 68 47.71 -56.62 20.58
N ASP K 69 47.68 -56.86 21.89
CA ASP K 69 46.57 -56.38 22.71
C ASP K 69 46.47 -54.86 22.65
N LYS K 70 47.60 -54.16 22.54
CA LYS K 70 47.56 -52.72 22.38
C LYS K 70 47.01 -52.33 21.01
N GLU K 71 47.24 -53.18 20.00
CA GLU K 71 46.75 -52.91 18.65
C GLU K 71 45.29 -53.31 18.50
N ILE K 72 44.86 -54.36 19.20
CA ILE K 72 43.46 -54.78 19.14
C ILE K 72 42.59 -53.75 19.85
N LYS K 73 42.99 -53.35 21.06
CA LYS K 73 42.24 -52.36 21.82
C LYS K 73 42.13 -51.04 21.07
N GLU K 74 43.22 -50.62 20.41
CA GLU K 74 43.17 -49.38 19.65
C GLU K 74 42.26 -49.50 18.44
N SER K 75 42.34 -50.62 17.72
CA SER K 75 41.50 -50.81 16.55
C SER K 75 40.04 -51.03 16.94
N LEU K 76 39.80 -51.58 18.13
CA LEU K 76 38.43 -51.80 18.59
C LEU K 76 37.78 -50.50 19.07
N LEU K 77 38.57 -49.63 19.69
CA LEU K 77 38.02 -48.38 20.22
C LEU K 77 37.68 -47.39 19.11
N LYS K 78 38.47 -47.36 18.03
CA LYS K 78 38.14 -46.48 16.91
C LYS K 78 36.90 -46.96 16.19
N CYS K 79 36.66 -48.27 16.18
CA CYS K 79 35.44 -48.80 15.59
C CYS K 79 34.22 -48.32 16.35
N GLN K 80 34.37 -48.14 17.67
CA GLN K 80 33.25 -47.67 18.49
C GLN K 80 32.85 -46.26 18.10
N SER K 81 33.83 -45.37 17.91
CA SER K 81 33.52 -44.00 17.50
C SER K 81 32.86 -43.98 16.12
N LEU K 82 33.31 -44.86 15.22
CA LEU K 82 32.70 -44.91 13.89
C LEU K 82 31.27 -45.43 13.97
N GLN K 83 30.99 -46.32 14.92
CA GLN K 83 29.63 -46.83 15.08
C GLN K 83 28.75 -45.80 15.77
N ARG K 84 29.28 -45.08 16.75
CA ARG K 84 28.50 -44.04 17.40
C ARG K 84 28.07 -42.96 16.41
N GLU K 85 28.94 -42.65 15.45
CA GLU K 85 28.58 -41.65 14.45
C GLU K 85 27.44 -42.15 13.57
N LYS K 86 27.44 -43.45 13.25
CA LYS K 86 26.36 -44.00 12.44
C LYS K 86 25.04 -44.01 13.21
N CYS K 87 25.12 -44.17 14.53
CA CYS K 87 23.92 -44.12 15.36
C CYS K 87 23.32 -42.73 15.35
N VAL K 88 24.17 -41.71 15.55
CA VAL K 88 23.70 -40.33 15.53
C VAL K 88 23.03 -40.01 14.21
N LEU K 89 23.64 -40.42 13.11
CA LEU K 89 23.05 -40.18 11.79
C LEU K 89 21.68 -40.85 11.68
N ALA K 90 21.60 -42.12 12.08
CA ALA K 90 20.34 -42.84 11.99
C ALA K 90 19.29 -42.24 12.93
N ASN K 91 19.72 -41.70 14.06
CA ASN K 91 18.77 -41.10 15.00
C ASN K 91 18.20 -39.80 14.45
N THR K 92 19.01 -39.02 13.74
CA THR K 92 18.51 -37.78 13.17
C THR K 92 17.47 -38.03 12.09
N ALA K 93 17.73 -39.02 11.22
CA ALA K 93 16.74 -39.37 10.22
C ALA K 93 15.44 -39.81 10.86
N LEU K 94 15.54 -40.56 11.96
CA LEU K 94 14.36 -40.96 12.69
C LEU K 94 13.70 -39.76 13.37
N PHE K 95 14.50 -38.86 13.93
CA PHE K 95 13.96 -37.70 14.63
C PHE K 95 13.18 -36.79 13.69
N LEU K 96 13.74 -36.51 12.51
CA LEU K 96 13.10 -35.60 11.57
C LEU K 96 11.75 -36.13 11.11
N ILE K 97 11.70 -37.40 10.70
CA ILE K 97 10.45 -37.95 10.20
C ILE K 97 9.43 -38.10 11.33
N ALA K 98 9.89 -38.42 12.53
CA ALA K 98 8.95 -38.57 13.65
C ALA K 98 8.35 -37.22 14.04
N ARG K 99 9.16 -36.17 14.03
CA ARG K 99 8.66 -34.85 14.41
C ARG K 99 7.65 -34.36 13.38
N HIS K 100 7.92 -34.58 12.09
CA HIS K 100 6.96 -34.19 11.05
C HIS K 100 5.72 -35.05 11.12
N LEU K 101 5.86 -36.32 11.50
CA LEU K 101 4.71 -37.19 11.65
C LEU K 101 3.83 -36.74 12.81
N ASN K 102 4.45 -36.31 13.91
CA ASN K 102 3.68 -35.81 15.04
C ASN K 102 2.99 -34.51 14.70
N LYS K 103 3.69 -33.61 13.98
CA LYS K 103 3.07 -32.35 13.57
C LYS K 103 1.85 -32.60 12.70
N LEU K 104 1.94 -33.57 11.80
CA LEU K 104 0.80 -33.87 10.94
C LEU K 104 -0.30 -34.54 11.74
N GLU K 105 0.06 -35.44 12.65
CA GLU K 105 -0.95 -36.13 13.45
C GLU K 105 -1.65 -35.18 14.42
N LYS K 106 -0.96 -34.13 14.87
CA LYS K 106 -1.61 -33.14 15.72
C LYS K 106 -2.58 -32.29 14.92
N ASN K 107 -2.23 -31.96 13.68
CA ASN K 107 -3.13 -31.18 12.85
C ASN K 107 -4.33 -32.01 12.43
N ILE K 108 -4.12 -33.29 12.12
CA ILE K 108 -5.23 -34.16 11.77
C ILE K 108 -6.21 -34.25 12.92
N ALA K 109 -5.70 -34.34 14.15
CA ALA K 109 -6.57 -34.39 15.32
C ALA K 109 -7.36 -33.10 15.47
N LEU K 110 -6.74 -31.96 15.16
CA LEU K 110 -7.45 -30.69 15.25
C LEU K 110 -8.51 -30.58 14.17
N LEU K 111 -8.21 -31.09 12.97
CA LEU K 111 -9.21 -31.07 11.91
C LEU K 111 -10.36 -32.02 12.23
N GLU K 112 -10.09 -33.10 12.95
CA GLU K 112 -11.14 -34.03 13.32
C GLU K 112 -12.00 -33.50 14.45
N GLU K 113 -11.46 -32.60 15.27
CA GLU K 113 -12.27 -32.01 16.34
C GLU K 113 -13.32 -31.08 15.76
N ASP K 114 -13.07 -30.54 14.59
CA ASP K 114 -14.08 -29.81 13.85
C ASP K 114 -14.77 -30.77 12.89
N GLY K 115 -15.55 -30.22 11.99
CA GLY K 115 -16.16 -30.98 10.94
C GLY K 115 -15.39 -30.96 9.64
N VAL K 116 -14.15 -30.45 9.63
CA VAL K 116 -13.41 -30.20 8.39
C VAL K 116 -12.91 -31.48 7.77
N LEU K 117 -12.59 -32.46 8.59
CA LEU K 117 -11.81 -33.58 8.11
C LEU K 117 -12.70 -34.79 7.98
N ALA K 118 -12.65 -35.37 6.83
CA ALA K 118 -13.38 -36.56 6.49
C ALA K 118 -12.71 -37.80 7.07
N PRO K 119 -13.48 -38.84 7.35
CA PRO K 119 -12.91 -40.10 7.86
C PRO K 119 -11.98 -40.79 6.87
N VAL K 120 -11.51 -41.98 7.24
CA VAL K 120 -10.60 -42.76 6.40
C VAL K 120 -11.30 -43.17 5.11
N MET L 1 -27.65 -3.92 0.02
CA MET L 1 -28.66 -3.27 -0.81
C MET L 1 -28.80 -1.80 -0.45
N ASP L 2 -28.58 -0.92 -1.42
CA ASP L 2 -28.65 0.51 -1.17
C ASP L 2 -29.24 1.22 -2.39
N PRO L 3 -30.33 1.97 -2.21
CA PRO L 3 -30.93 2.67 -3.35
C PRO L 3 -29.98 3.64 -4.03
N SER L 4 -29.08 4.27 -3.27
CA SER L 4 -28.12 5.18 -3.87
C SER L 4 -27.08 4.43 -4.70
N LEU L 5 -26.80 3.19 -4.34
CA LEU L 5 -25.87 2.38 -5.12
C LEU L 5 -26.53 1.85 -6.39
N VAL L 6 -27.78 1.39 -6.29
CA VAL L 6 -28.50 0.90 -7.47
C VAL L 6 -28.75 2.04 -8.44
N LEU L 7 -29.09 3.23 -7.93
CA LEU L 7 -29.30 4.38 -8.79
C LEU L 7 -28.03 4.76 -9.53
N GLU L 8 -26.90 4.76 -8.82
CA GLU L 8 -25.62 5.02 -9.45
C GLU L 8 -25.31 4.00 -10.53
N GLN L 9 -25.55 2.72 -10.24
CA GLN L 9 -25.17 1.66 -11.17
C GLN L 9 -26.01 1.70 -12.44
N THR L 10 -27.31 1.96 -12.32
CA THR L 10 -28.16 1.98 -13.51
C THR L 10 -27.91 3.21 -14.36
N ILE L 11 -27.66 4.36 -13.72
CA ILE L 11 -27.37 5.57 -14.47
C ILE L 11 -26.10 5.39 -15.30
N GLN L 12 -25.06 4.80 -14.70
CA GLN L 12 -23.82 4.56 -15.43
C GLN L 12 -24.05 3.64 -16.62
N ASP L 13 -24.94 2.66 -16.45
CA ASP L 13 -25.20 1.69 -17.52
C ASP L 13 -26.13 2.23 -18.60
N VAL L 14 -26.91 3.26 -18.29
CA VAL L 14 -27.89 3.82 -19.23
C VAL L 14 -27.47 5.21 -19.70
N SER L 15 -26.26 5.66 -19.33
CA SER L 15 -25.81 7.00 -19.69
C SER L 15 -25.59 7.15 -21.19
N ASN L 16 -25.15 6.09 -21.87
CA ASN L 16 -24.86 6.16 -23.30
C ASN L 16 -26.03 5.70 -24.15
N LEU L 17 -27.10 5.20 -23.53
CA LEU L 17 -28.24 4.73 -24.29
C LEU L 17 -28.93 5.82 -25.10
N PRO L 18 -29.08 7.07 -24.62
CA PRO L 18 -29.65 8.10 -25.50
C PRO L 18 -28.82 8.35 -26.74
N SER L 19 -27.50 8.25 -26.64
CA SER L 19 -26.65 8.42 -27.82
C SER L 19 -26.80 7.25 -28.77
N GLU L 20 -27.14 6.07 -28.25
CA GLU L 20 -27.30 4.88 -29.09
C GLU L 20 -28.62 4.90 -29.83
N PHE L 21 -29.69 5.39 -29.19
CA PHE L 21 -30.98 5.45 -29.87
C PHE L 21 -30.95 6.41 -31.05
N ARG L 22 -30.30 7.57 -30.89
CA ARG L 22 -30.18 8.49 -32.00
C ARG L 22 -29.38 7.87 -33.14
N TYR L 23 -28.29 7.19 -32.80
CA TYR L 23 -27.46 6.55 -33.81
C TYR L 23 -28.20 5.47 -34.55
N LEU L 24 -29.13 4.79 -33.87
CA LEU L 24 -29.89 3.73 -34.51
C LEU L 24 -31.09 4.26 -35.28
N LEU L 25 -31.87 5.15 -34.66
CA LEU L 25 -33.08 5.66 -35.30
C LEU L 25 -32.76 6.48 -36.54
N GLU L 26 -31.62 7.17 -36.56
CA GLU L 26 -31.25 7.90 -37.77
C GLU L 26 -30.68 6.97 -38.83
N GLU L 27 -30.30 5.76 -38.43
CA GLU L 27 -29.93 4.71 -39.38
C GLU L 27 -31.15 3.95 -39.87
N ILE L 28 -32.27 4.04 -39.15
CA ILE L 28 -33.51 3.50 -39.65
C ILE L 28 -34.11 4.46 -40.66
N GLY L 29 -34.04 5.76 -40.38
CA GLY L 29 -34.50 6.74 -41.34
C GLY L 29 -33.64 6.77 -42.58
N SER L 30 -32.33 6.51 -42.43
CA SER L 30 -31.44 6.50 -43.58
C SER L 30 -31.72 5.32 -44.50
N ASN L 31 -32.23 4.21 -43.97
CA ASN L 31 -32.60 3.08 -44.80
C ASN L 31 -34.02 3.19 -45.32
N ASP L 32 -34.88 3.96 -44.64
CA ASP L 32 -36.23 4.16 -45.14
C ASP L 32 -36.26 5.15 -46.29
N LEU L 33 -35.28 6.06 -46.35
CA LEU L 33 -35.16 6.93 -47.51
C LEU L 33 -34.75 6.12 -48.73
N LYS L 34 -33.79 5.22 -48.56
CA LYS L 34 -33.41 4.33 -49.66
C LYS L 34 -34.54 3.37 -50.00
N LEU L 35 -35.37 3.04 -49.02
CA LEU L 35 -36.45 2.09 -49.25
C LEU L 35 -37.55 2.71 -50.12
N ILE L 36 -37.96 3.94 -49.80
CA ILE L 36 -39.03 4.58 -50.56
C ILE L 36 -38.57 4.86 -51.98
N GLU L 37 -37.31 5.29 -52.17
CA GLU L 37 -36.82 5.55 -53.51
C GLU L 37 -36.78 4.29 -54.35
N GLU L 38 -36.57 3.13 -53.73
CA GLU L 38 -36.59 1.88 -54.46
C GLU L 38 -38.02 1.40 -54.68
N LYS L 39 -38.97 1.89 -53.89
CA LYS L 39 -40.37 1.58 -54.14
C LYS L 39 -40.86 2.31 -55.38
N LYS L 40 -40.47 3.57 -55.55
CA LYS L 40 -40.84 4.32 -56.74
C LYS L 40 -40.31 3.66 -58.00
N LYS L 41 -39.20 2.93 -57.89
CA LYS L 41 -38.60 2.28 -59.05
C LYS L 41 -39.36 1.05 -59.51
N TYR L 42 -40.18 0.47 -58.65
CA TYR L 42 -40.98 -0.68 -59.01
C TYR L 42 -42.48 -0.42 -58.98
N GLU L 43 -42.95 0.48 -58.11
CA GLU L 43 -44.38 0.79 -58.10
C GLU L 43 -44.80 1.49 -59.38
N GLN L 44 -43.86 2.19 -60.04
CA GLN L 44 -44.15 2.80 -61.33
C GLN L 44 -44.19 1.74 -62.43
N LYS L 45 -43.18 0.86 -62.46
CA LYS L 45 -43.14 -0.19 -63.46
C LYS L 45 -44.26 -1.19 -63.26
N GLU L 46 -44.74 -1.34 -62.03
CA GLU L 46 -45.89 -2.23 -61.79
C GLU L 46 -47.18 -1.51 -62.13
N SER L 47 -47.19 -0.18 -62.09
CA SER L 47 -48.37 0.59 -62.47
C SER L 47 -48.55 0.63 -63.98
N GLN L 48 -47.46 0.46 -64.74
CA GLN L 48 -47.56 0.45 -66.20
C GLN L 48 -48.14 -0.87 -66.69
N ILE L 49 -47.74 -1.98 -66.05
CA ILE L 49 -48.31 -3.27 -66.39
C ILE L 49 -49.79 -3.32 -66.00
N HIS L 50 -50.12 -2.74 -64.84
CA HIS L 50 -51.51 -2.73 -64.40
C HIS L 50 -52.35 -1.82 -65.28
N LYS L 51 -51.75 -0.76 -65.84
CA LYS L 51 -52.47 0.08 -66.78
C LYS L 51 -52.71 -0.66 -68.09
N PHE L 52 -51.75 -1.49 -68.49
CA PHE L 52 -51.89 -2.27 -69.71
C PHE L 52 -53.02 -3.27 -69.59
N ILE L 53 -53.16 -3.91 -68.43
CA ILE L 53 -54.23 -4.86 -68.21
C ILE L 53 -55.57 -4.13 -68.12
N ARG L 54 -55.58 -2.91 -67.61
CA ARG L 54 -56.82 -2.14 -67.49
C ARG L 54 -57.40 -1.77 -68.84
N GLN L 55 -56.60 -1.85 -69.91
CA GLN L 55 -57.03 -1.49 -71.26
C GLN L 55 -57.14 -2.68 -72.20
N GLN L 56 -56.26 -3.68 -72.07
CA GLN L 56 -56.17 -4.77 -73.02
C GLN L 56 -56.55 -6.13 -72.44
N GLY L 57 -56.38 -6.34 -71.15
CA GLY L 57 -56.69 -7.60 -70.51
C GLY L 57 -55.43 -8.35 -70.08
N SER L 58 -55.63 -9.62 -69.74
CA SER L 58 -54.53 -10.45 -69.28
C SER L 58 -53.90 -11.27 -70.39
N ILE L 59 -54.68 -11.68 -71.40
CA ILE L 59 -54.14 -12.48 -72.50
C ILE L 59 -53.05 -11.76 -73.27
N PRO L 60 -53.20 -10.49 -73.69
CA PRO L 60 -52.09 -9.82 -74.36
C PRO L 60 -50.97 -9.49 -73.39
N LYS L 61 -49.74 -9.54 -73.90
CA LYS L 61 -48.55 -9.25 -73.12
C LYS L 61 -48.08 -7.82 -73.35
N HIS L 62 -47.69 -7.17 -72.27
CA HIS L 62 -47.15 -5.83 -72.35
C HIS L 62 -45.89 -5.82 -73.23
N PRO L 63 -45.68 -4.76 -74.03
CA PRO L 63 -44.52 -4.72 -74.93
C PRO L 63 -43.20 -5.12 -74.29
N GLN L 64 -42.97 -4.76 -73.03
CA GLN L 64 -41.77 -5.13 -72.29
C GLN L 64 -42.14 -5.75 -70.95
N GLU L 65 -43.11 -6.66 -70.96
CA GLU L 65 -43.55 -7.29 -69.72
C GLU L 65 -42.46 -8.16 -69.13
N ASP L 66 -41.85 -9.02 -69.95
CA ASP L 66 -40.77 -9.87 -69.48
C ASP L 66 -39.55 -9.06 -69.06
N GLY L 67 -39.39 -7.86 -69.62
CA GLY L 67 -38.31 -6.98 -69.24
C GLY L 67 -38.58 -6.27 -67.93
N LEU L 68 -39.85 -5.94 -67.69
CA LEU L 68 -40.21 -5.27 -66.45
C LEU L 68 -40.30 -6.25 -65.28
N ASP L 69 -40.82 -7.46 -65.51
CA ASP L 69 -40.90 -8.43 -64.43
C ASP L 69 -39.54 -8.76 -63.88
N LYS L 70 -38.51 -8.77 -64.73
CA LYS L 70 -37.15 -9.01 -64.26
C LYS L 70 -36.65 -7.83 -63.43
N GLU L 71 -37.11 -6.62 -63.74
CA GLU L 71 -36.69 -5.43 -63.02
C GLU L 71 -37.49 -5.23 -61.74
N ILE L 72 -38.76 -5.64 -61.73
CA ILE L 72 -39.58 -5.52 -60.53
C ILE L 72 -39.09 -6.49 -59.47
N LYS L 73 -38.85 -7.74 -59.86
CA LYS L 73 -38.36 -8.75 -58.93
C LYS L 73 -37.04 -8.31 -58.31
N GLU L 74 -36.15 -7.71 -59.12
CA GLU L 74 -34.89 -7.22 -58.60
C GLU L 74 -35.11 -6.04 -57.65
N SER L 75 -36.05 -5.15 -58.00
CA SER L 75 -36.31 -4.00 -57.14
C SER L 75 -37.00 -4.42 -55.84
N LEU L 76 -37.74 -5.52 -55.86
CA LEU L 76 -38.37 -6.00 -54.64
C LEU L 76 -37.33 -6.60 -53.69
N LEU L 77 -36.32 -7.26 -54.26
CA LEU L 77 -35.28 -7.87 -53.44
C LEU L 77 -34.37 -6.83 -52.81
N LYS L 78 -34.14 -5.70 -53.50
CA LYS L 78 -33.39 -4.62 -52.87
C LYS L 78 -34.20 -3.98 -51.77
N CYS L 79 -35.52 -3.90 -51.95
CA CYS L 79 -36.39 -3.37 -50.92
C CYS L 79 -36.45 -4.30 -49.72
N GLN L 80 -36.38 -5.61 -49.95
CA GLN L 80 -36.47 -6.57 -48.85
C GLN L 80 -35.25 -6.45 -47.93
N SER L 81 -34.05 -6.38 -48.51
CA SER L 81 -32.85 -6.25 -47.69
C SER L 81 -32.87 -4.96 -46.89
N LEU L 82 -33.38 -3.88 -47.48
CA LEU L 82 -33.44 -2.60 -46.77
C LEU L 82 -34.42 -2.66 -45.60
N GLN L 83 -35.51 -3.42 -45.74
CA GLN L 83 -36.48 -3.52 -44.66
C GLN L 83 -35.97 -4.45 -43.57
N ARG L 84 -35.30 -5.54 -43.98
CA ARG L 84 -34.74 -6.47 -43.02
C ARG L 84 -33.68 -5.79 -42.16
N GLU L 85 -32.90 -4.88 -42.74
CA GLU L 85 -31.90 -4.14 -41.97
C GLU L 85 -32.57 -3.20 -40.98
N LYS L 86 -33.69 -2.59 -41.37
CA LYS L 86 -34.41 -1.71 -40.46
C LYS L 86 -35.01 -2.48 -39.30
N CYS L 87 -35.39 -3.73 -39.53
CA CYS L 87 -35.90 -4.56 -38.44
C CYS L 87 -34.79 -4.85 -37.44
N VAL L 88 -33.61 -5.25 -37.95
CA VAL L 88 -32.47 -5.53 -37.09
C VAL L 88 -32.13 -4.31 -36.23
N LEU L 89 -32.10 -3.13 -36.85
CA LEU L 89 -31.83 -1.91 -36.11
C LEU L 89 -32.89 -1.66 -35.04
N ALA L 90 -34.17 -1.74 -35.43
CA ALA L 90 -35.24 -1.46 -34.47
C ALA L 90 -35.28 -2.48 -33.36
N ASN L 91 -34.91 -3.74 -33.66
CA ASN L 91 -34.87 -4.76 -32.62
C ASN L 91 -33.72 -4.52 -31.66
N THR L 92 -32.59 -4.01 -32.16
CA THR L 92 -31.47 -3.72 -31.28
C THR L 92 -31.82 -2.59 -30.33
N ALA L 93 -32.48 -1.55 -30.83
CA ALA L 93 -32.92 -0.46 -29.96
C ALA L 93 -33.90 -0.94 -28.92
N LEU L 94 -34.81 -1.85 -29.31
CA LEU L 94 -35.74 -2.41 -28.34
C LEU L 94 -35.03 -3.32 -27.35
N PHE L 95 -34.06 -4.10 -27.83
CA PHE L 95 -33.34 -5.04 -26.97
C PHE L 95 -32.55 -4.31 -25.89
N LEU L 96 -31.83 -3.26 -26.26
CA LEU L 96 -30.99 -2.54 -25.30
C LEU L 96 -31.81 -1.91 -24.20
N ILE L 97 -32.90 -1.22 -24.55
CA ILE L 97 -33.72 -0.58 -23.53
C ILE L 97 -34.45 -1.61 -22.68
N ALA L 98 -34.85 -2.75 -23.26
CA ALA L 98 -35.56 -3.77 -22.49
C ALA L 98 -34.62 -4.43 -21.49
N ARG L 99 -33.36 -4.65 -21.89
CA ARG L 99 -32.37 -5.27 -21.00
C ARG L 99 -32.13 -4.43 -19.76
N HIS L 100 -31.96 -3.13 -19.95
CA HIS L 100 -31.69 -2.25 -18.82
C HIS L 100 -32.92 -2.11 -17.94
N LEU L 101 -34.12 -2.18 -18.52
CA LEU L 101 -35.33 -2.10 -17.71
C LEU L 101 -35.46 -3.32 -16.82
N ASN L 102 -35.11 -4.50 -17.33
CA ASN L 102 -35.17 -5.71 -16.51
C ASN L 102 -34.11 -5.69 -15.41
N LYS L 103 -32.91 -5.23 -15.73
CA LYS L 103 -31.86 -5.14 -14.72
C LYS L 103 -32.29 -4.22 -13.59
N LEU L 104 -32.95 -3.11 -13.92
CA LEU L 104 -33.45 -2.21 -12.90
C LEU L 104 -34.65 -2.81 -12.18
N GLU L 105 -35.55 -3.45 -12.91
CA GLU L 105 -36.75 -4.03 -12.30
C GLU L 105 -36.41 -5.20 -11.39
N LYS L 106 -35.35 -5.95 -11.67
CA LYS L 106 -34.95 -7.00 -10.76
C LYS L 106 -34.27 -6.44 -9.52
N ASN L 107 -33.55 -5.32 -9.67
CA ASN L 107 -32.93 -4.69 -8.52
C ASN L 107 -33.98 -4.00 -7.64
N ILE L 108 -34.99 -3.38 -8.25
CA ILE L 108 -36.06 -2.76 -7.48
C ILE L 108 -36.77 -3.79 -6.61
N ALA L 109 -37.01 -4.98 -7.17
CA ALA L 109 -37.66 -6.04 -6.39
C ALA L 109 -36.79 -6.47 -5.21
N LEU L 110 -35.47 -6.51 -5.41
CA LEU L 110 -34.59 -6.91 -4.32
C LEU L 110 -34.55 -5.83 -3.23
N LEU L 111 -34.60 -4.56 -3.62
CA LEU L 111 -34.63 -3.49 -2.63
C LEU L 111 -35.93 -3.53 -1.85
N GLU L 112 -37.02 -3.98 -2.47
CA GLU L 112 -38.29 -4.08 -1.79
C GLU L 112 -38.33 -5.27 -0.85
N GLU L 113 -37.51 -6.30 -1.11
CA GLU L 113 -37.43 -7.45 -0.22
C GLU L 113 -36.74 -7.06 1.08
N ASP L 114 -35.90 -6.04 1.04
CA ASP L 114 -35.35 -5.44 2.25
C ASP L 114 -36.26 -4.27 2.61
N GLY L 115 -35.83 -3.47 3.58
CA GLY L 115 -36.57 -2.27 3.93
C GLY L 115 -35.98 -1.03 3.31
N VAL L 116 -35.02 -1.17 2.40
CA VAL L 116 -34.26 -0.03 1.90
C VAL L 116 -35.07 0.82 0.93
N LEU L 117 -36.05 0.23 0.23
CA LEU L 117 -36.78 0.94 -0.81
C LEU L 117 -38.15 1.39 -0.32
N ALA L 118 -38.44 2.67 -0.52
CA ALA L 118 -39.70 3.27 -0.14
C ALA L 118 -40.79 2.91 -1.15
N PRO L 119 -42.05 2.89 -0.73
CA PRO L 119 -43.16 2.61 -1.65
C PRO L 119 -43.33 3.66 -2.74
N VAL L 120 -44.36 3.48 -3.57
CA VAL L 120 -44.64 4.40 -4.67
C VAL L 120 -45.02 5.77 -4.14
N SER M 1 8.58 -1.35 -1.18
CA SER M 1 8.23 -2.74 -1.46
C SER M 1 9.20 -3.33 -2.48
N GLY M 2 9.25 -4.67 -2.53
CA GLY M 2 10.25 -5.36 -3.31
C GLY M 2 11.61 -5.46 -2.65
N ALA M 3 11.69 -5.27 -1.34
CA ALA M 3 12.91 -5.24 -0.51
C ALA M 3 13.72 -3.96 -0.69
N LYS M 4 13.16 -2.94 -1.35
CA LYS M 4 13.88 -1.71 -1.62
C LYS M 4 13.00 -0.50 -1.33
N ASP M 5 13.64 0.54 -0.81
CA ASP M 5 13.06 1.88 -0.54
C ASP M 5 14.00 2.63 0.42
N GLY N 2 -1.25 3.70 -10.17
CA GLY N 2 -1.16 4.67 -11.25
C GLY N 2 -0.87 4.03 -12.60
N ALA N 3 -1.01 2.71 -12.66
CA ALA N 3 -0.72 1.84 -13.80
C ALA N 3 0.77 1.73 -14.09
N LYS N 4 1.63 2.27 -13.24
CA LYS N 4 3.07 2.24 -13.45
C LYS N 4 3.79 1.91 -12.16
N ASP N 5 4.92 1.20 -12.30
CA ASP N 5 5.89 0.91 -11.25
C ASP N 5 6.74 -0.26 -11.74
N GLY O 2 4.03 8.63 1.96
CA GLY O 2 5.30 8.84 2.63
C GLY O 2 5.83 10.24 2.45
N ALA O 3 4.93 11.23 2.57
CA ALA O 3 5.22 12.64 2.39
C ALA O 3 5.55 12.98 0.94
N LYS O 4 5.75 11.96 0.11
CA LYS O 4 6.12 12.16 -1.28
C LYS O 4 5.33 11.25 -2.20
#